data_1PBJ
# 
_entry.id   1PBJ 
# 
_audit_conform.dict_name       mmcif_pdbx.dic 
_audit_conform.dict_version    5.397 
_audit_conform.dict_location   http://mmcif.pdb.org/dictionaries/ascii/mmcif_pdbx.dic 
# 
loop_
_database_2.database_id 
_database_2.database_code 
_database_2.pdbx_database_accession 
_database_2.pdbx_DOI 
PDB   1PBJ         pdb_00001pbj 10.2210/pdb1pbj/pdb 
RCSB  RCSB019216   ?            ?                   
WWPDB D_1000019216 ?            ?                   
# 
loop_
_pdbx_audit_revision_history.ordinal 
_pdbx_audit_revision_history.data_content_type 
_pdbx_audit_revision_history.major_revision 
_pdbx_audit_revision_history.minor_revision 
_pdbx_audit_revision_history.revision_date 
1 'Structure model' 1 0 2003-12-16 
2 'Structure model' 1 1 2008-04-29 
3 'Structure model' 1 2 2011-07-13 
4 'Structure model' 1 3 2017-10-11 
5 'Structure model' 1 4 2024-10-30 
# 
_pdbx_audit_revision_details.ordinal             1 
_pdbx_audit_revision_details.revision_ordinal    1 
_pdbx_audit_revision_details.data_content_type   'Structure model' 
_pdbx_audit_revision_details.provider            repository 
_pdbx_audit_revision_details.type                'Initial release' 
_pdbx_audit_revision_details.description         ? 
_pdbx_audit_revision_details.details             ? 
# 
loop_
_pdbx_audit_revision_group.ordinal 
_pdbx_audit_revision_group.revision_ordinal 
_pdbx_audit_revision_group.data_content_type 
_pdbx_audit_revision_group.group 
1 2 'Structure model' 'Version format compliance' 
2 3 'Structure model' 'Derived calculations'      
3 3 'Structure model' 'Version format compliance' 
4 4 'Structure model' 'Refinement description'    
5 5 'Structure model' 'Data collection'           
6 5 'Structure model' 'Database references'       
7 5 'Structure model' 'Derived calculations'      
8 5 'Structure model' 'Structure summary'         
# 
loop_
_pdbx_audit_revision_category.ordinal 
_pdbx_audit_revision_category.revision_ordinal 
_pdbx_audit_revision_category.data_content_type 
_pdbx_audit_revision_category.category 
1 4 'Structure model' software                  
2 5 'Structure model' chem_comp_atom            
3 5 'Structure model' chem_comp_bond            
4 5 'Structure model' database_2                
5 5 'Structure model' pdbx_entry_details        
6 5 'Structure model' pdbx_modification_feature 
7 5 'Structure model' pdbx_struct_conn_angle    
8 5 'Structure model' struct_conn               
9 5 'Structure model' struct_site               
# 
loop_
_pdbx_audit_revision_item.ordinal 
_pdbx_audit_revision_item.revision_ordinal 
_pdbx_audit_revision_item.data_content_type 
_pdbx_audit_revision_item.item 
1  4 'Structure model' '_software.name'                              
2  5 'Structure model' '_database_2.pdbx_DOI'                        
3  5 'Structure model' '_database_2.pdbx_database_accession'         
4  5 'Structure model' '_pdbx_struct_conn_angle.ptnr1_auth_comp_id'  
5  5 'Structure model' '_pdbx_struct_conn_angle.ptnr1_auth_seq_id'   
6  5 'Structure model' '_pdbx_struct_conn_angle.ptnr1_label_asym_id' 
7  5 'Structure model' '_pdbx_struct_conn_angle.ptnr1_label_atom_id' 
8  5 'Structure model' '_pdbx_struct_conn_angle.ptnr1_label_comp_id' 
9  5 'Structure model' '_pdbx_struct_conn_angle.ptnr1_label_seq_id'  
10 5 'Structure model' '_pdbx_struct_conn_angle.ptnr3_auth_comp_id'  
11 5 'Structure model' '_pdbx_struct_conn_angle.ptnr3_auth_seq_id'   
12 5 'Structure model' '_pdbx_struct_conn_angle.ptnr3_label_asym_id' 
13 5 'Structure model' '_pdbx_struct_conn_angle.ptnr3_label_atom_id' 
14 5 'Structure model' '_pdbx_struct_conn_angle.ptnr3_label_comp_id' 
15 5 'Structure model' '_pdbx_struct_conn_angle.ptnr3_label_seq_id'  
16 5 'Structure model' '_pdbx_struct_conn_angle.value'               
17 5 'Structure model' '_struct_conn.pdbx_dist_value'                
18 5 'Structure model' '_struct_conn.pdbx_leaving_atom_flag'         
19 5 'Structure model' '_struct_conn.ptnr1_auth_comp_id'             
20 5 'Structure model' '_struct_conn.ptnr1_auth_seq_id'              
21 5 'Structure model' '_struct_conn.ptnr1_label_asym_id'            
22 5 'Structure model' '_struct_conn.ptnr1_label_atom_id'            
23 5 'Structure model' '_struct_conn.ptnr1_label_comp_id'            
24 5 'Structure model' '_struct_conn.ptnr1_label_seq_id'             
25 5 'Structure model' '_struct_conn.ptnr2_auth_comp_id'             
26 5 'Structure model' '_struct_conn.ptnr2_auth_seq_id'              
27 5 'Structure model' '_struct_conn.ptnr2_label_asym_id'            
28 5 'Structure model' '_struct_conn.ptnr2_label_atom_id'            
29 5 'Structure model' '_struct_conn.ptnr2_label_comp_id'            
30 5 'Structure model' '_struct_conn.ptnr2_label_seq_id'             
31 5 'Structure model' '_struct_site.pdbx_auth_asym_id'              
32 5 'Structure model' '_struct_site.pdbx_auth_comp_id'              
33 5 'Structure model' '_struct_site.pdbx_auth_seq_id'               
# 
_pdbx_database_status.entry_id                        1PBJ 
_pdbx_database_status.deposit_site                    RCSB 
_pdbx_database_status.process_site                    RCSB 
_pdbx_database_status.recvd_initial_deposition_date   2003-05-14 
_pdbx_database_status.status_code                     REL 
_pdbx_database_status.SG_entry                        Y 
_pdbx_database_status.status_code_sf                  REL 
_pdbx_database_status.pdb_format_compatible           Y 
_pdbx_database_status.status_code_mr                  ? 
_pdbx_database_status.status_code_cs                  ? 
_pdbx_database_status.methods_development_category    ? 
_pdbx_database_status.status_code_nmr_data            ? 
# 
_pdbx_database_related.db_name        TargetDB 
_pdbx_database_related.db_id          APC5023 
_pdbx_database_related.details        . 
_pdbx_database_related.content_type   unspecified 
# 
loop_
_audit_author.name 
_audit_author.pdbx_ordinal 
'Cuff, M.E.'                                    1 
'Skarina, T.'                                   2 
'Savchenko, A.'                                 3 
'Edwards, A.'                                   4 
'Joachimiak, A.'                                5 
'Midwest Center for Structural Genomics (MCSG)' 6 
# 
_citation.id                        primary 
_citation.title                     
;Structure of a hypothetical protein from M. thermautotrophicus reveals a
novel fold and a pseudo 2-fold axis of symmetry
;
_citation.journal_abbrev            'TO BE PUBLISHED' 
_citation.journal_volume            ? 
_citation.page_first                ? 
_citation.page_last                 ? 
_citation.year                      ? 
_citation.journal_id_ASTM           ? 
_citation.country                   ? 
_citation.journal_id_ISSN           ? 
_citation.journal_id_CSD            0353 
_citation.book_publisher            ? 
_citation.pdbx_database_id_PubMed   ? 
_citation.pdbx_database_id_DOI      ? 
# 
loop_
_citation_author.citation_id 
_citation_author.name 
_citation_author.ordinal 
_citation_author.identifier_ORCID 
primary 'Cuff, M.E.'     1 ? 
primary 'Skarina, T.'    2 ? 
primary 'Savchenko, A.'  3 ? 
primary 'Edwards, A.'    4 ? 
primary 'Joachimiak, A.' 5 ? 
# 
loop_
_entity.id 
_entity.type 
_entity.src_method 
_entity.pdbx_description 
_entity.formula_weight 
_entity.pdbx_number_of_molecules 
_entity.pdbx_ec 
_entity.pdbx_mutation 
_entity.pdbx_fragment 
_entity.details 
1 polymer     man 'hypothetical protein' 14241.557 1   ? ? ? ? 
2 non-polymer syn 'MAGNESIUM ION'        24.305    1   ? ? ? ? 
3 water       nat water                  18.015    297 ? ? ? ? 
# 
_entity_poly.entity_id                      1 
_entity_poly.type                           'polypeptide(L)' 
_entity_poly.nstd_linkage                   no 
_entity_poly.nstd_monomer                   yes 
_entity_poly.pdbx_seq_one_letter_code       
;(MSE)RVEDV(MSE)VTDVDTIDITASLEDVLRNYVENAKGSSVVVKEGVRVGIVTTWDVLEAIAEGDDLAEVKVWEV
(MSE)ERDLVTISPRATIKEAAEK(MSE)VKNVVWRLLVEEDDEIIGVISATDILRAK(MSE)AKRY
;
_entity_poly.pdbx_seq_one_letter_code_can   
;MRVEDVMVTDVDTIDITASLEDVLRNYVENAKGSSVVVKEGVRVGIVTTWDVLEAIAEGDDLAEVKVWEVMERDLVTISP
RATIKEAAEKMVKNVVWRLLVEEDDEIIGVISATDILRAKMAKRY
;
_entity_poly.pdbx_strand_id                 A 
_entity_poly.pdbx_target_identifier         APC5023 
# 
loop_
_pdbx_entity_nonpoly.entity_id 
_pdbx_entity_nonpoly.name 
_pdbx_entity_nonpoly.comp_id 
2 'MAGNESIUM ION' MG  
3 water           HOH 
# 
loop_
_entity_poly_seq.entity_id 
_entity_poly_seq.num 
_entity_poly_seq.mon_id 
_entity_poly_seq.hetero 
1 1   MSE n 
1 2   ARG n 
1 3   VAL n 
1 4   GLU n 
1 5   ASP n 
1 6   VAL n 
1 7   MSE n 
1 8   VAL n 
1 9   THR n 
1 10  ASP n 
1 11  VAL n 
1 12  ASP n 
1 13  THR n 
1 14  ILE n 
1 15  ASP n 
1 16  ILE n 
1 17  THR n 
1 18  ALA n 
1 19  SER n 
1 20  LEU n 
1 21  GLU n 
1 22  ASP n 
1 23  VAL n 
1 24  LEU n 
1 25  ARG n 
1 26  ASN n 
1 27  TYR n 
1 28  VAL n 
1 29  GLU n 
1 30  ASN n 
1 31  ALA n 
1 32  LYS n 
1 33  GLY n 
1 34  SER n 
1 35  SER n 
1 36  VAL n 
1 37  VAL n 
1 38  VAL n 
1 39  LYS n 
1 40  GLU n 
1 41  GLY n 
1 42  VAL n 
1 43  ARG n 
1 44  VAL n 
1 45  GLY n 
1 46  ILE n 
1 47  VAL n 
1 48  THR n 
1 49  THR n 
1 50  TRP n 
1 51  ASP n 
1 52  VAL n 
1 53  LEU n 
1 54  GLU n 
1 55  ALA n 
1 56  ILE n 
1 57  ALA n 
1 58  GLU n 
1 59  GLY n 
1 60  ASP n 
1 61  ASP n 
1 62  LEU n 
1 63  ALA n 
1 64  GLU n 
1 65  VAL n 
1 66  LYS n 
1 67  VAL n 
1 68  TRP n 
1 69  GLU n 
1 70  VAL n 
1 71  MSE n 
1 72  GLU n 
1 73  ARG n 
1 74  ASP n 
1 75  LEU n 
1 76  VAL n 
1 77  THR n 
1 78  ILE n 
1 79  SER n 
1 80  PRO n 
1 81  ARG n 
1 82  ALA n 
1 83  THR n 
1 84  ILE n 
1 85  LYS n 
1 86  GLU n 
1 87  ALA n 
1 88  ALA n 
1 89  GLU n 
1 90  LYS n 
1 91  MSE n 
1 92  VAL n 
1 93  LYS n 
1 94  ASN n 
1 95  VAL n 
1 96  VAL n 
1 97  TRP n 
1 98  ARG n 
1 99  LEU n 
1 100 LEU n 
1 101 VAL n 
1 102 GLU n 
1 103 GLU n 
1 104 ASP n 
1 105 ASP n 
1 106 GLU n 
1 107 ILE n 
1 108 ILE n 
1 109 GLY n 
1 110 VAL n 
1 111 ILE n 
1 112 SER n 
1 113 ALA n 
1 114 THR n 
1 115 ASP n 
1 116 ILE n 
1 117 LEU n 
1 118 ARG n 
1 119 ALA n 
1 120 LYS n 
1 121 MSE n 
1 122 ALA n 
1 123 LYS n 
1 124 ARG n 
1 125 TYR n 
# 
_entity_src_gen.entity_id                          1 
_entity_src_gen.pdbx_src_id                        1 
_entity_src_gen.pdbx_alt_source_flag               sample 
_entity_src_gen.pdbx_seq_type                      ? 
_entity_src_gen.pdbx_beg_seq_num                   ? 
_entity_src_gen.pdbx_end_seq_num                   ? 
_entity_src_gen.gene_src_common_name               ? 
_entity_src_gen.gene_src_genus                     Methanothermobacter 
_entity_src_gen.pdbx_gene_src_gene                 ? 
_entity_src_gen.gene_src_species                   'Methanothermobacter thermautotrophicus' 
_entity_src_gen.gene_src_strain                    'delta H' 
_entity_src_gen.gene_src_tissue                    ? 
_entity_src_gen.gene_src_tissue_fraction           ? 
_entity_src_gen.gene_src_details                   ? 
_entity_src_gen.pdbx_gene_src_fragment             ? 
_entity_src_gen.pdbx_gene_src_scientific_name      'Methanothermobacter thermautotrophicus str. Delta H' 
_entity_src_gen.pdbx_gene_src_ncbi_taxonomy_id     187420 
_entity_src_gen.pdbx_gene_src_variant              ? 
_entity_src_gen.pdbx_gene_src_cell_line            ? 
_entity_src_gen.pdbx_gene_src_atcc                 ? 
_entity_src_gen.pdbx_gene_src_organ                ? 
_entity_src_gen.pdbx_gene_src_organelle            ? 
_entity_src_gen.pdbx_gene_src_cell                 ? 
_entity_src_gen.pdbx_gene_src_cellular_location    ? 
_entity_src_gen.host_org_common_name               ? 
_entity_src_gen.pdbx_host_org_scientific_name      'Escherichia coli' 
_entity_src_gen.pdbx_host_org_ncbi_taxonomy_id     562 
_entity_src_gen.host_org_genus                     Escherichia 
_entity_src_gen.pdbx_host_org_gene                 ? 
_entity_src_gen.pdbx_host_org_organ                ? 
_entity_src_gen.host_org_species                   ? 
_entity_src_gen.pdbx_host_org_tissue               ? 
_entity_src_gen.pdbx_host_org_tissue_fraction      ? 
_entity_src_gen.pdbx_host_org_strain               ? 
_entity_src_gen.pdbx_host_org_variant              ? 
_entity_src_gen.pdbx_host_org_cell_line            ? 
_entity_src_gen.pdbx_host_org_atcc                 ? 
_entity_src_gen.pdbx_host_org_culture_collection   ? 
_entity_src_gen.pdbx_host_org_cell                 ? 
_entity_src_gen.pdbx_host_org_organelle            ? 
_entity_src_gen.pdbx_host_org_cellular_location    ? 
_entity_src_gen.pdbx_host_org_vector_type          ? 
_entity_src_gen.pdbx_host_org_vector               ? 
_entity_src_gen.host_org_details                   ? 
_entity_src_gen.expression_system_id               ? 
_entity_src_gen.plasmid_name                       ? 
_entity_src_gen.plasmid_details                    ? 
_entity_src_gen.pdbx_description                   ? 
# 
loop_
_chem_comp.id 
_chem_comp.type 
_chem_comp.mon_nstd_flag 
_chem_comp.name 
_chem_comp.pdbx_synonyms 
_chem_comp.formula 
_chem_comp.formula_weight 
ALA 'L-peptide linking' y ALANINE          ? 'C3 H7 N O2'     89.093  
ARG 'L-peptide linking' y ARGININE         ? 'C6 H15 N4 O2 1' 175.209 
ASN 'L-peptide linking' y ASPARAGINE       ? 'C4 H8 N2 O3'    132.118 
ASP 'L-peptide linking' y 'ASPARTIC ACID'  ? 'C4 H7 N O4'     133.103 
GLU 'L-peptide linking' y 'GLUTAMIC ACID'  ? 'C5 H9 N O4'     147.129 
GLY 'peptide linking'   y GLYCINE          ? 'C2 H5 N O2'     75.067  
HOH non-polymer         . WATER            ? 'H2 O'           18.015  
ILE 'L-peptide linking' y ISOLEUCINE       ? 'C6 H13 N O2'    131.173 
LEU 'L-peptide linking' y LEUCINE          ? 'C6 H13 N O2'    131.173 
LYS 'L-peptide linking' y LYSINE           ? 'C6 H15 N2 O2 1' 147.195 
MG  non-polymer         . 'MAGNESIUM ION'  ? 'Mg 2'           24.305  
MSE 'L-peptide linking' n SELENOMETHIONINE ? 'C5 H11 N O2 Se' 196.106 
PRO 'L-peptide linking' y PROLINE          ? 'C5 H9 N O2'     115.130 
SER 'L-peptide linking' y SERINE           ? 'C3 H7 N O3'     105.093 
THR 'L-peptide linking' y THREONINE        ? 'C4 H9 N O3'     119.119 
TRP 'L-peptide linking' y TRYPTOPHAN       ? 'C11 H12 N2 O2'  204.225 
TYR 'L-peptide linking' y TYROSINE         ? 'C9 H11 N O3'    181.189 
VAL 'L-peptide linking' y VALINE           ? 'C5 H11 N O2'    117.146 
# 
loop_
_pdbx_poly_seq_scheme.asym_id 
_pdbx_poly_seq_scheme.entity_id 
_pdbx_poly_seq_scheme.seq_id 
_pdbx_poly_seq_scheme.mon_id 
_pdbx_poly_seq_scheme.ndb_seq_num 
_pdbx_poly_seq_scheme.pdb_seq_num 
_pdbx_poly_seq_scheme.auth_seq_num 
_pdbx_poly_seq_scheme.pdb_mon_id 
_pdbx_poly_seq_scheme.auth_mon_id 
_pdbx_poly_seq_scheme.pdb_strand_id 
_pdbx_poly_seq_scheme.pdb_ins_code 
_pdbx_poly_seq_scheme.hetero 
A 1 1   MSE 1   1   ?   ?   ?   A . n 
A 1 2   ARG 2   2   2   ARG ARG A . n 
A 1 3   VAL 3   3   3   VAL VAL A . n 
A 1 4   GLU 4   4   4   GLU GLU A . n 
A 1 5   ASP 5   5   5   ASP ASP A . n 
A 1 6   VAL 6   6   6   VAL VAL A . n 
A 1 7   MSE 7   7   7   MSE MSE A . n 
A 1 8   VAL 8   8   8   VAL VAL A . n 
A 1 9   THR 9   9   9   THR THR A . n 
A 1 10  ASP 10  10  10  ASP ASP A . n 
A 1 11  VAL 11  11  11  VAL VAL A . n 
A 1 12  ASP 12  12  12  ASP ASP A . n 
A 1 13  THR 13  13  13  THR THR A . n 
A 1 14  ILE 14  14  14  ILE ILE A . n 
A 1 15  ASP 15  15  15  ASP ASP A . n 
A 1 16  ILE 16  16  16  ILE ILE A . n 
A 1 17  THR 17  17  17  THR THR A . n 
A 1 18  ALA 18  18  18  ALA ALA A . n 
A 1 19  SER 19  19  19  SER SER A . n 
A 1 20  LEU 20  20  20  LEU LEU A . n 
A 1 21  GLU 21  21  21  GLU GLU A . n 
A 1 22  ASP 22  22  22  ASP ASP A . n 
A 1 23  VAL 23  23  23  VAL VAL A . n 
A 1 24  LEU 24  24  24  LEU LEU A . n 
A 1 25  ARG 25  25  25  ARG ARG A . n 
A 1 26  ASN 26  26  26  ASN ASN A . n 
A 1 27  TYR 27  27  27  TYR TYR A . n 
A 1 28  VAL 28  28  28  VAL VAL A . n 
A 1 29  GLU 29  29  29  GLU GLU A . n 
A 1 30  ASN 30  30  30  ASN ASN A . n 
A 1 31  ALA 31  31  31  ALA ALA A . n 
A 1 32  LYS 32  32  32  LYS LYS A . n 
A 1 33  GLY 33  33  33  GLY GLY A . n 
A 1 34  SER 34  34  34  SER SER A . n 
A 1 35  SER 35  35  35  SER SER A . n 
A 1 36  VAL 36  36  36  VAL VAL A . n 
A 1 37  VAL 37  37  37  VAL VAL A . n 
A 1 38  VAL 38  38  38  VAL VAL A . n 
A 1 39  LYS 39  39  39  LYS LYS A . n 
A 1 40  GLU 40  40  40  GLU GLU A . n 
A 1 41  GLY 41  41  41  GLY GLY A . n 
A 1 42  VAL 42  42  42  VAL VAL A . n 
A 1 43  ARG 43  43  43  ARG ARG A . n 
A 1 44  VAL 44  44  44  VAL VAL A . n 
A 1 45  GLY 45  45  45  GLY GLY A . n 
A 1 46  ILE 46  46  46  ILE ILE A . n 
A 1 47  VAL 47  47  47  VAL VAL A . n 
A 1 48  THR 48  48  48  THR THR A . n 
A 1 49  THR 49  49  49  THR THR A . n 
A 1 50  TRP 50  50  50  TRP TRP A . n 
A 1 51  ASP 51  51  51  ASP ASP A . n 
A 1 52  VAL 52  52  52  VAL VAL A . n 
A 1 53  LEU 53  53  53  LEU LEU A . n 
A 1 54  GLU 54  54  54  GLU GLU A . n 
A 1 55  ALA 55  55  55  ALA ALA A . n 
A 1 56  ILE 56  56  56  ILE ILE A . n 
A 1 57  ALA 57  57  57  ALA ALA A . n 
A 1 58  GLU 58  58  58  GLU GLU A . n 
A 1 59  GLY 59  59  59  GLY GLY A . n 
A 1 60  ASP 60  60  60  ASP ASP A . n 
A 1 61  ASP 61  61  61  ASP ASP A . n 
A 1 62  LEU 62  62  62  LEU LEU A . n 
A 1 63  ALA 63  63  63  ALA ALA A . n 
A 1 64  GLU 64  64  64  GLU GLU A . n 
A 1 65  VAL 65  65  65  VAL VAL A . n 
A 1 66  LYS 66  66  66  LYS LYS A . n 
A 1 67  VAL 67  67  67  VAL VAL A . n 
A 1 68  TRP 68  68  68  TRP TRP A . n 
A 1 69  GLU 69  69  69  GLU GLU A . n 
A 1 70  VAL 70  70  70  VAL VAL A . n 
A 1 71  MSE 71  71  71  MSE MSE A . n 
A 1 72  GLU 72  72  72  GLU GLU A . n 
A 1 73  ARG 73  73  73  ARG ARG A . n 
A 1 74  ASP 74  74  74  ASP ASP A . n 
A 1 75  LEU 75  75  75  LEU LEU A . n 
A 1 76  VAL 76  76  76  VAL VAL A . n 
A 1 77  THR 77  77  77  THR THR A . n 
A 1 78  ILE 78  78  78  ILE ILE A . n 
A 1 79  SER 79  79  79  SER SER A . n 
A 1 80  PRO 80  80  80  PRO PRO A . n 
A 1 81  ARG 81  81  81  ARG ARG A . n 
A 1 82  ALA 82  82  82  ALA ALA A . n 
A 1 83  THR 83  83  83  THR THR A . n 
A 1 84  ILE 84  84  84  ILE ILE A . n 
A 1 85  LYS 85  85  85  LYS LYS A . n 
A 1 86  GLU 86  86  86  GLU GLU A . n 
A 1 87  ALA 87  87  87  ALA ALA A . n 
A 1 88  ALA 88  88  88  ALA ALA A . n 
A 1 89  GLU 89  89  89  GLU GLU A . n 
A 1 90  LYS 90  90  90  LYS LYS A . n 
A 1 91  MSE 91  91  91  MSE MSE A . n 
A 1 92  VAL 92  92  92  VAL VAL A . n 
A 1 93  LYS 93  93  93  LYS LYS A . n 
A 1 94  ASN 94  94  94  ASN ASN A . n 
A 1 95  VAL 95  95  95  VAL VAL A . n 
A 1 96  VAL 96  96  96  VAL VAL A . n 
A 1 97  TRP 97  97  97  TRP TRP A . n 
A 1 98  ARG 98  98  98  ARG ARG A . n 
A 1 99  LEU 99  99  99  LEU LEU A . n 
A 1 100 LEU 100 100 100 LEU LEU A . n 
A 1 101 VAL 101 101 101 VAL VAL A . n 
A 1 102 GLU 102 102 102 GLU GLU A . n 
A 1 103 GLU 103 103 103 GLU GLU A . n 
A 1 104 ASP 104 104 104 ASP ASP A . n 
A 1 105 ASP 105 105 105 ASP ASP A . n 
A 1 106 GLU 106 106 106 GLU GLU A . n 
A 1 107 ILE 107 107 107 ILE ILE A . n 
A 1 108 ILE 108 108 108 ILE ILE A . n 
A 1 109 GLY 109 109 109 GLY GLY A . n 
A 1 110 VAL 110 110 110 VAL VAL A . n 
A 1 111 ILE 111 111 111 ILE ILE A . n 
A 1 112 SER 112 112 112 SER SER A . n 
A 1 113 ALA 113 113 113 ALA ALA A . n 
A 1 114 THR 114 114 114 THR THR A . n 
A 1 115 ASP 115 115 115 ASP ASP A . n 
A 1 116 ILE 116 116 116 ILE ILE A . n 
A 1 117 LEU 117 117 117 LEU LEU A . n 
A 1 118 ARG 118 118 118 ARG ARG A . n 
A 1 119 ALA 119 119 119 ALA ALA A . n 
A 1 120 LYS 120 120 120 LYS LYS A . n 
A 1 121 MSE 121 121 121 MSE MSE A . n 
A 1 122 ALA 122 122 ?   ?   ?   A . n 
A 1 123 LYS 123 123 ?   ?   ?   A . n 
A 1 124 ARG 124 124 ?   ?   ?   A . n 
A 1 125 TYR 125 125 ?   ?   ?   A . n 
# 
loop_
_pdbx_nonpoly_scheme.asym_id 
_pdbx_nonpoly_scheme.entity_id 
_pdbx_nonpoly_scheme.mon_id 
_pdbx_nonpoly_scheme.ndb_seq_num 
_pdbx_nonpoly_scheme.pdb_seq_num 
_pdbx_nonpoly_scheme.auth_seq_num 
_pdbx_nonpoly_scheme.pdb_mon_id 
_pdbx_nonpoly_scheme.auth_mon_id 
_pdbx_nonpoly_scheme.pdb_strand_id 
_pdbx_nonpoly_scheme.pdb_ins_code 
B 2 MG  1   502 1   MG  MG  A . 
C 3 HOH 1   503 1   HOH WAT A . 
C 3 HOH 2   504 2   HOH WAT A . 
C 3 HOH 3   505 3   HOH WAT A . 
C 3 HOH 4   506 4   HOH WAT A . 
C 3 HOH 5   507 5   HOH WAT A . 
C 3 HOH 6   508 6   HOH WAT A . 
C 3 HOH 7   509 7   HOH WAT A . 
C 3 HOH 8   510 8   HOH WAT A . 
C 3 HOH 9   511 9   HOH WAT A . 
C 3 HOH 10  512 10  HOH WAT A . 
C 3 HOH 11  513 11  HOH WAT A . 
C 3 HOH 12  514 12  HOH WAT A . 
C 3 HOH 13  515 13  HOH WAT A . 
C 3 HOH 14  516 14  HOH WAT A . 
C 3 HOH 15  517 15  HOH WAT A . 
C 3 HOH 16  518 16  HOH WAT A . 
C 3 HOH 17  519 17  HOH WAT A . 
C 3 HOH 18  520 18  HOH WAT A . 
C 3 HOH 19  521 19  HOH WAT A . 
C 3 HOH 20  522 20  HOH WAT A . 
C 3 HOH 21  523 21  HOH WAT A . 
C 3 HOH 22  524 22  HOH WAT A . 
C 3 HOH 23  525 23  HOH WAT A . 
C 3 HOH 24  526 24  HOH WAT A . 
C 3 HOH 25  527 25  HOH WAT A . 
C 3 HOH 26  528 26  HOH WAT A . 
C 3 HOH 27  529 27  HOH WAT A . 
C 3 HOH 28  530 28  HOH WAT A . 
C 3 HOH 29  531 29  HOH WAT A . 
C 3 HOH 30  532 30  HOH WAT A . 
C 3 HOH 31  533 31  HOH WAT A . 
C 3 HOH 32  534 32  HOH WAT A . 
C 3 HOH 33  535 33  HOH WAT A . 
C 3 HOH 34  536 34  HOH WAT A . 
C 3 HOH 35  537 35  HOH WAT A . 
C 3 HOH 36  538 36  HOH WAT A . 
C 3 HOH 37  539 37  HOH WAT A . 
C 3 HOH 38  540 38  HOH WAT A . 
C 3 HOH 39  541 39  HOH WAT A . 
C 3 HOH 40  542 40  HOH WAT A . 
C 3 HOH 41  543 41  HOH WAT A . 
C 3 HOH 42  544 42  HOH WAT A . 
C 3 HOH 43  545 43  HOH WAT A . 
C 3 HOH 44  546 44  HOH WAT A . 
C 3 HOH 45  547 45  HOH WAT A . 
C 3 HOH 46  548 46  HOH WAT A . 
C 3 HOH 47  549 47  HOH WAT A . 
C 3 HOH 48  550 48  HOH WAT A . 
C 3 HOH 49  551 49  HOH WAT A . 
C 3 HOH 50  552 50  HOH WAT A . 
C 3 HOH 51  553 51  HOH WAT A . 
C 3 HOH 52  554 52  HOH WAT A . 
C 3 HOH 53  555 53  HOH WAT A . 
C 3 HOH 54  556 54  HOH WAT A . 
C 3 HOH 55  557 55  HOH WAT A . 
C 3 HOH 56  558 56  HOH WAT A . 
C 3 HOH 57  559 57  HOH WAT A . 
C 3 HOH 58  560 58  HOH WAT A . 
C 3 HOH 59  561 59  HOH WAT A . 
C 3 HOH 60  562 60  HOH WAT A . 
C 3 HOH 61  563 61  HOH WAT A . 
C 3 HOH 62  564 62  HOH WAT A . 
C 3 HOH 63  565 63  HOH WAT A . 
C 3 HOH 64  566 64  HOH WAT A . 
C 3 HOH 65  567 65  HOH WAT A . 
C 3 HOH 66  568 66  HOH WAT A . 
C 3 HOH 67  569 67  HOH WAT A . 
C 3 HOH 68  570 68  HOH WAT A . 
C 3 HOH 69  571 69  HOH WAT A . 
C 3 HOH 70  572 70  HOH WAT A . 
C 3 HOH 71  573 71  HOH WAT A . 
C 3 HOH 72  574 72  HOH WAT A . 
C 3 HOH 73  575 73  HOH WAT A . 
C 3 HOH 74  576 74  HOH WAT A . 
C 3 HOH 75  577 75  HOH WAT A . 
C 3 HOH 76  578 76  HOH WAT A . 
C 3 HOH 77  579 77  HOH WAT A . 
C 3 HOH 78  580 78  HOH WAT A . 
C 3 HOH 79  581 79  HOH WAT A . 
C 3 HOH 80  582 80  HOH WAT A . 
C 3 HOH 81  583 81  HOH WAT A . 
C 3 HOH 82  584 82  HOH WAT A . 
C 3 HOH 83  585 83  HOH WAT A . 
C 3 HOH 84  586 84  HOH WAT A . 
C 3 HOH 85  587 85  HOH WAT A . 
C 3 HOH 86  588 86  HOH WAT A . 
C 3 HOH 87  589 87  HOH WAT A . 
C 3 HOH 88  590 88  HOH WAT A . 
C 3 HOH 89  591 89  HOH WAT A . 
C 3 HOH 90  592 90  HOH WAT A . 
C 3 HOH 91  593 91  HOH WAT A . 
C 3 HOH 92  594 92  HOH WAT A . 
C 3 HOH 93  595 93  HOH WAT A . 
C 3 HOH 94  596 94  HOH WAT A . 
C 3 HOH 95  597 95  HOH WAT A . 
C 3 HOH 96  598 96  HOH WAT A . 
C 3 HOH 97  599 97  HOH WAT A . 
C 3 HOH 98  600 98  HOH WAT A . 
C 3 HOH 99  601 99  HOH WAT A . 
C 3 HOH 100 602 100 HOH WAT A . 
C 3 HOH 101 603 101 HOH WAT A . 
C 3 HOH 102 604 102 HOH WAT A . 
C 3 HOH 103 605 103 HOH WAT A . 
C 3 HOH 104 606 104 HOH WAT A . 
C 3 HOH 105 607 105 HOH WAT A . 
C 3 HOH 106 608 106 HOH WAT A . 
C 3 HOH 107 609 107 HOH WAT A . 
C 3 HOH 108 610 108 HOH WAT A . 
C 3 HOH 109 611 109 HOH WAT A . 
C 3 HOH 110 612 110 HOH WAT A . 
C 3 HOH 111 613 111 HOH WAT A . 
C 3 HOH 112 614 112 HOH WAT A . 
C 3 HOH 113 615 113 HOH WAT A . 
C 3 HOH 114 616 114 HOH WAT A . 
C 3 HOH 115 617 115 HOH WAT A . 
C 3 HOH 116 618 116 HOH WAT A . 
C 3 HOH 117 619 117 HOH WAT A . 
C 3 HOH 118 620 118 HOH WAT A . 
C 3 HOH 119 621 120 HOH WAT A . 
C 3 HOH 120 622 121 HOH WAT A . 
C 3 HOH 121 623 122 HOH WAT A . 
C 3 HOH 122 624 123 HOH WAT A . 
C 3 HOH 123 625 124 HOH WAT A . 
C 3 HOH 124 626 125 HOH WAT A . 
C 3 HOH 125 627 126 HOH WAT A . 
C 3 HOH 126 628 127 HOH WAT A . 
C 3 HOH 127 629 128 HOH WAT A . 
C 3 HOH 128 630 129 HOH WAT A . 
C 3 HOH 129 631 130 HOH WAT A . 
C 3 HOH 130 632 131 HOH WAT A . 
C 3 HOH 131 633 132 HOH WAT A . 
C 3 HOH 132 634 133 HOH WAT A . 
C 3 HOH 133 635 134 HOH WAT A . 
C 3 HOH 134 636 135 HOH WAT A . 
C 3 HOH 135 637 136 HOH WAT A . 
C 3 HOH 136 638 137 HOH WAT A . 
C 3 HOH 137 639 138 HOH WAT A . 
C 3 HOH 138 640 139 HOH WAT A . 
C 3 HOH 139 641 140 HOH WAT A . 
C 3 HOH 140 642 141 HOH WAT A . 
C 3 HOH 141 643 142 HOH WAT A . 
C 3 HOH 142 644 143 HOH WAT A . 
C 3 HOH 143 645 144 HOH WAT A . 
C 3 HOH 144 646 145 HOH WAT A . 
C 3 HOH 145 647 146 HOH WAT A . 
C 3 HOH 146 648 147 HOH WAT A . 
C 3 HOH 147 649 148 HOH WAT A . 
C 3 HOH 148 650 149 HOH WAT A . 
C 3 HOH 149 651 150 HOH WAT A . 
C 3 HOH 150 652 151 HOH WAT A . 
C 3 HOH 151 653 152 HOH WAT A . 
C 3 HOH 152 654 153 HOH WAT A . 
C 3 HOH 153 655 154 HOH WAT A . 
C 3 HOH 154 656 155 HOH WAT A . 
C 3 HOH 155 657 156 HOH WAT A . 
C 3 HOH 156 658 157 HOH WAT A . 
C 3 HOH 157 659 158 HOH WAT A . 
C 3 HOH 158 660 159 HOH WAT A . 
C 3 HOH 159 661 160 HOH WAT A . 
C 3 HOH 160 662 161 HOH WAT A . 
C 3 HOH 161 663 162 HOH WAT A . 
C 3 HOH 162 664 163 HOH WAT A . 
C 3 HOH 163 665 164 HOH WAT A . 
C 3 HOH 164 666 165 HOH WAT A . 
C 3 HOH 165 667 166 HOH WAT A . 
C 3 HOH 166 668 167 HOH WAT A . 
C 3 HOH 167 669 168 HOH WAT A . 
C 3 HOH 168 670 169 HOH WAT A . 
C 3 HOH 169 671 170 HOH WAT A . 
C 3 HOH 170 672 171 HOH WAT A . 
C 3 HOH 171 673 172 HOH WAT A . 
C 3 HOH 172 674 173 HOH WAT A . 
C 3 HOH 173 675 174 HOH WAT A . 
C 3 HOH 174 676 175 HOH WAT A . 
C 3 HOH 175 677 176 HOH WAT A . 
C 3 HOH 176 678 177 HOH WAT A . 
C 3 HOH 177 679 178 HOH WAT A . 
C 3 HOH 178 680 179 HOH WAT A . 
C 3 HOH 179 681 180 HOH WAT A . 
C 3 HOH 180 682 181 HOH WAT A . 
C 3 HOH 181 683 182 HOH WAT A . 
C 3 HOH 182 684 183 HOH WAT A . 
C 3 HOH 183 685 184 HOH WAT A . 
C 3 HOH 184 686 185 HOH WAT A . 
C 3 HOH 185 687 186 HOH WAT A . 
C 3 HOH 186 688 187 HOH WAT A . 
C 3 HOH 187 689 188 HOH WAT A . 
C 3 HOH 188 690 189 HOH WAT A . 
C 3 HOH 189 691 190 HOH WAT A . 
C 3 HOH 190 692 191 HOH WAT A . 
C 3 HOH 191 693 192 HOH WAT A . 
C 3 HOH 192 694 193 HOH WAT A . 
C 3 HOH 193 695 194 HOH WAT A . 
C 3 HOH 194 696 195 HOH WAT A . 
C 3 HOH 195 697 196 HOH WAT A . 
C 3 HOH 196 698 197 HOH WAT A . 
C 3 HOH 197 699 198 HOH WAT A . 
C 3 HOH 198 700 199 HOH WAT A . 
C 3 HOH 199 701 200 HOH WAT A . 
C 3 HOH 200 702 201 HOH WAT A . 
C 3 HOH 201 703 202 HOH WAT A . 
C 3 HOH 202 704 203 HOH WAT A . 
C 3 HOH 203 705 204 HOH WAT A . 
C 3 HOH 204 706 205 HOH WAT A . 
C 3 HOH 205 707 206 HOH WAT A . 
C 3 HOH 206 708 207 HOH WAT A . 
C 3 HOH 207 709 208 HOH WAT A . 
C 3 HOH 208 710 209 HOH WAT A . 
C 3 HOH 209 711 210 HOH WAT A . 
C 3 HOH 210 712 211 HOH WAT A . 
C 3 HOH 211 713 212 HOH WAT A . 
C 3 HOH 212 714 213 HOH WAT A . 
C 3 HOH 213 715 214 HOH WAT A . 
C 3 HOH 214 716 215 HOH WAT A . 
C 3 HOH 215 717 216 HOH WAT A . 
C 3 HOH 216 718 217 HOH WAT A . 
C 3 HOH 217 719 218 HOH WAT A . 
C 3 HOH 218 720 219 HOH WAT A . 
C 3 HOH 219 721 220 HOH WAT A . 
C 3 HOH 220 722 221 HOH WAT A . 
C 3 HOH 221 723 222 HOH WAT A . 
C 3 HOH 222 724 223 HOH WAT A . 
C 3 HOH 223 725 224 HOH WAT A . 
C 3 HOH 224 726 225 HOH WAT A . 
C 3 HOH 225 727 226 HOH WAT A . 
C 3 HOH 226 728 227 HOH WAT A . 
C 3 HOH 227 729 228 HOH WAT A . 
C 3 HOH 228 730 229 HOH WAT A . 
C 3 HOH 229 731 230 HOH WAT A . 
C 3 HOH 230 732 231 HOH WAT A . 
C 3 HOH 231 733 232 HOH WAT A . 
C 3 HOH 232 734 233 HOH WAT A . 
C 3 HOH 233 735 234 HOH WAT A . 
C 3 HOH 234 736 235 HOH WAT A . 
C 3 HOH 235 737 236 HOH WAT A . 
C 3 HOH 236 738 237 HOH WAT A . 
C 3 HOH 237 739 238 HOH WAT A . 
C 3 HOH 238 740 239 HOH WAT A . 
C 3 HOH 239 741 240 HOH WAT A . 
C 3 HOH 240 742 241 HOH WAT A . 
C 3 HOH 241 743 242 HOH WAT A . 
C 3 HOH 242 744 243 HOH WAT A . 
C 3 HOH 243 745 244 HOH WAT A . 
C 3 HOH 244 746 245 HOH WAT A . 
C 3 HOH 245 747 247 HOH WAT A . 
C 3 HOH 246 748 248 HOH WAT A . 
C 3 HOH 247 749 249 HOH WAT A . 
C 3 HOH 248 750 250 HOH WAT A . 
C 3 HOH 249 751 251 HOH WAT A . 
C 3 HOH 250 752 252 HOH WAT A . 
C 3 HOH 251 753 253 HOH WAT A . 
C 3 HOH 252 754 254 HOH WAT A . 
C 3 HOH 253 755 255 HOH WAT A . 
C 3 HOH 254 756 256 HOH WAT A . 
C 3 HOH 255 757 257 HOH WAT A . 
C 3 HOH 256 758 258 HOH WAT A . 
C 3 HOH 257 759 259 HOH WAT A . 
C 3 HOH 258 760 260 HOH WAT A . 
C 3 HOH 259 761 261 HOH WAT A . 
C 3 HOH 260 762 262 HOH WAT A . 
C 3 HOH 261 763 263 HOH WAT A . 
C 3 HOH 262 764 264 HOH WAT A . 
C 3 HOH 263 765 265 HOH WAT A . 
C 3 HOH 264 766 266 HOH WAT A . 
C 3 HOH 265 767 267 HOH WAT A . 
C 3 HOH 266 768 268 HOH WAT A . 
C 3 HOH 267 769 269 HOH WAT A . 
C 3 HOH 268 770 270 HOH WAT A . 
C 3 HOH 269 771 271 HOH WAT A . 
C 3 HOH 270 772 272 HOH WAT A . 
C 3 HOH 271 773 273 HOH WAT A . 
C 3 HOH 272 774 274 HOH WAT A . 
C 3 HOH 273 775 275 HOH WAT A . 
C 3 HOH 274 776 277 HOH WAT A . 
C 3 HOH 275 777 278 HOH WAT A . 
C 3 HOH 276 778 279 HOH WAT A . 
C 3 HOH 277 779 280 HOH WAT A . 
C 3 HOH 278 780 281 HOH WAT A . 
C 3 HOH 279 781 282 HOH WAT A . 
C 3 HOH 280 782 283 HOH WAT A . 
C 3 HOH 281 783 284 HOH WAT A . 
C 3 HOH 282 784 286 HOH WAT A . 
C 3 HOH 283 785 288 HOH WAT A . 
C 3 HOH 284 786 289 HOH WAT A . 
C 3 HOH 285 787 290 HOH WAT A . 
C 3 HOH 286 788 291 HOH WAT A . 
C 3 HOH 287 789 292 HOH WAT A . 
C 3 HOH 288 790 293 HOH WAT A . 
C 3 HOH 289 791 294 HOH WAT A . 
C 3 HOH 290 792 295 HOH WAT A . 
C 3 HOH 291 793 296 HOH WAT A . 
C 3 HOH 292 794 297 HOH WAT A . 
C 3 HOH 293 795 298 HOH WAT A . 
C 3 HOH 294 796 299 HOH WAT A . 
C 3 HOH 295 797 300 HOH WAT A . 
C 3 HOH 296 798 301 HOH WAT A . 
C 3 HOH 297 799 302 HOH WAT A . 
# 
loop_
_software.name 
_software.version 
_software.date 
_software.type 
_software.contact_author 
_software.contact_author_email 
_software.location 
_software.classification 
_software.language 
_software.citation_id 
_software.pdbx_ordinal 
CNS       1.1 1998 package 'Axel T. Brunger' axel.brunger@yale.edu . refinement       Fortran ? 1 
d*TREK    .   ?    ?       ?                 ?                     ? 'data reduction' ?       ? 2 
HKL-2000  .   ?    ?       ?                 ?                     ? 'data reduction' ?       ? 3 
SCALEPACK .   ?    ?       ?                 ?                     ? 'data scaling'   ?       ? 4 
SHARP     .   ?    ?       ?                 ?                     ? phasing          ?       ? 5 
# 
_cell.entry_id           1PBJ 
_cell.length_a           58.788 
_cell.length_b           48.586 
_cell.length_c           56.481 
_cell.angle_alpha        90.00 
_cell.angle_beta         107.78 
_cell.angle_gamma        90.00 
_cell.pdbx_unique_axis   ? 
_cell.Z_PDB              4 
# 
_symmetry.entry_id                         1PBJ 
_symmetry.space_group_name_H-M             'C 1 2 1' 
_symmetry.pdbx_full_space_group_name_H-M   ? 
_symmetry.Int_Tables_number                5 
_symmetry.cell_setting                     ? 
# 
_exptl.entry_id          1PBJ 
_exptl.crystals_number   1 
_exptl.method            'X-RAY DIFFRACTION' 
# 
_exptl_crystal.id                    1 
_exptl_crystal.density_meas          ? 
_exptl_crystal.density_percent_sol   54.38 
_exptl_crystal.density_Matthews      2.70 
_exptl_crystal.description           ? 
# 
_exptl_crystal_grow.crystal_id      1 
_exptl_crystal_grow.method          'VAPOR DIFFUSION, HANGING DROP' 
_exptl_crystal_grow.pH              7.4 
_exptl_crystal_grow.temp            293 
_exptl_crystal_grow.temp_details    ? 
_exptl_crystal_grow.pdbx_details    
'PEG 400, Hepes, MgCl2, NaCl, Imidazole, Glycerol, pH 7.4, VAPOR DIFFUSION, HANGING DROP, temperature 293K' 
_exptl_crystal_grow.pdbx_pH_range   . 
# 
_diffrn.id                     1 
_diffrn.ambient_temp           150 
_diffrn.ambient_temp_details   ? 
_diffrn.crystal_id             1 
# 
_diffrn_detector.diffrn_id              1 
_diffrn_detector.detector               CCD 
_diffrn_detector.type                   SBC-2 
_diffrn_detector.pdbx_collection_date   2003-04-25 
_diffrn_detector.details                ? 
# 
_diffrn_radiation.diffrn_id                        1 
_diffrn_radiation.wavelength_id                    1 
_diffrn_radiation.pdbx_diffrn_protocol             MAD 
_diffrn_radiation.monochromator                    'sagitally focused Si(111)' 
_diffrn_radiation.pdbx_monochromatic_or_laue_m_l   M 
_diffrn_radiation.pdbx_scattering_type             x-ray 
# 
loop_
_diffrn_radiation_wavelength.id 
_diffrn_radiation_wavelength.wavelength 
_diffrn_radiation_wavelength.wt 
1 0.97954 1.0 
2 0.97940 1.0 
3 0.95667 1.0 
# 
_diffrn_source.diffrn_id                   1 
_diffrn_source.source                      SYNCHROTRON 
_diffrn_source.type                        'APS BEAMLINE 19-ID' 
_diffrn_source.pdbx_wavelength             ? 
_diffrn_source.pdbx_wavelength_list        '0.97954, 0.97940, 0.95667' 
_diffrn_source.pdbx_synchrotron_site       APS 
_diffrn_source.pdbx_synchrotron_beamline   19-ID 
# 
_reflns.entry_id                     1PBJ 
_reflns.d_resolution_high            1.40 
_reflns.d_resolution_low             17.93 
_reflns.limit_h_max                  39 
_reflns.limit_h_min                  -41 
_reflns.limit_k_max                  34 
_reflns.limit_k_min                  -41 
_reflns.limit_l_max                  40 
_reflns.limit_l_min                  0 
_reflns.number_all                   29950 
_reflns.observed_criterion_sigma_F   0.0 
_reflns.observed_criterion_F_max     724713.72 
_reflns.observed_criterion_F_min     4.400000 
_reflns.B_iso_Wilson_estimate        16.8 
_reflns.observed_criterion_sigma_I   0.0 
_reflns.number_obs                   27732 
_reflns.percent_possible_obs         92.6 
_reflns.pdbx_Rmerge_I_obs            ? 
_reflns.pdbx_Rsym_value              ? 
_reflns.pdbx_netI_over_sigmaI        ? 
_reflns.pdbx_redundancy              ? 
_reflns.R_free_details               ? 
_reflns.pdbx_ordinal                 1 
_reflns.pdbx_diffrn_id               1 
# 
_refine.entry_id                                 1PBJ 
_refine.ls_number_reflns_all                     29901 
_refine.ls_number_reflns_obs                     27732 
_refine.ls_percent_reflns_obs                    92.7 
_refine.ls_d_res_high                            1.40 
_refine.ls_d_res_low                             17.93 
_refine.B_iso_min                                7.30 
_refine.B_iso_max                                65.69 
_refine.B_iso_mean                               21.78 
_refine.occupancy_min                            0.50 
_refine.occupancy_max                            1.00 
_refine.aniso_B[1][1]                            0.99 
_refine.aniso_B[2][2]                            1.54 
_refine.aniso_B[3][3]                            -2.53 
_refine.aniso_B[1][2]                            0.00 
_refine.aniso_B[1][3]                            0.56 
_refine.aniso_B[2][3]                            0.00 
_refine.solvent_model_param_bsol                 69.3617 
_refine.solvent_model_param_ksol                 0.396299 
_refine.solvent_model_details                    'Bulk solvent model' 
_refine.ls_R_factor_R_work                       0.192 
_refine.ls_R_factor_R_free                       0.202 
_refine.ls_R_factor_R_free_error                 0.005 
_refine.ls_number_reflns_R_free                  1389 
_refine.ls_percent_reflns_R_free                 5.0 
_refine.details                                  ? 
_refine.pdbx_ls_sigma_F                          0.0 
_refine.pdbx_ls_sigma_I                          0.0 
_refine.ls_R_factor_all                          0.1924 
_refine.ls_R_factor_obs                          0.1924 
_refine.ls_redundancy_reflns_obs                 ? 
_refine.pdbx_data_cutoff_high_absF               ? 
_refine.pdbx_data_cutoff_low_absF                ? 
_refine.ls_number_parameters                     ? 
_refine.ls_number_restraints                     ? 
_refine.ls_R_factor_R_free_error_details         ? 
_refine.pdbx_method_to_determine_struct          MAD 
_refine.pdbx_starting_model                      ? 
_refine.pdbx_ls_cross_valid_method               THROUGHOUT 
_refine.pdbx_R_Free_selection_details            random 
_refine.pdbx_stereochem_target_val_spec_case     ? 
_refine.pdbx_stereochemistry_target_values       'Engh & Huber' 
_refine.pdbx_isotropic_thermal_model             ? 
_refine.correlation_coeff_Fo_to_Fc               ? 
_refine.correlation_coeff_Fo_to_Fc_free          ? 
_refine.pdbx_solvent_vdw_probe_radii             ? 
_refine.pdbx_solvent_ion_probe_radii             ? 
_refine.pdbx_solvent_shrinkage_radii             ? 
_refine.overall_SU_R_Cruickshank_DPI             ? 
_refine.overall_SU_R_free                        ? 
_refine.overall_SU_B                             ? 
_refine.overall_SU_ML                            ? 
_refine.pdbx_overall_ESU_R                       ? 
_refine.pdbx_overall_ESU_R_Free                  ? 
_refine.pdbx_data_cutoff_high_rms_absF           ? 
_refine.pdbx_refine_id                           'X-RAY DIFFRACTION' 
_refine.pdbx_diffrn_id                           1 
_refine.pdbx_TLS_residual_ADP_flag               ? 
_refine.pdbx_overall_phase_error                 ? 
_refine.pdbx_overall_SU_R_free_Cruickshank_DPI   ? 
_refine.pdbx_overall_SU_R_Blow_DPI               ? 
_refine.pdbx_overall_SU_R_free_Blow_DPI          ? 
# 
_refine_analyze.entry_id                        1PBJ 
_refine_analyze.Luzzati_d_res_low_obs           5.00 
_refine_analyze.pdbx_Luzzati_d_res_high_obs     1.40 
_refine_analyze.Luzzati_coordinate_error_obs    0.14 
_refine_analyze.Luzzati_sigma_a_obs             0.10 
_refine_analyze.Luzzati_coordinate_error_free   0.15 
_refine_analyze.Luzzati_sigma_a_free            0.12 
_refine_analyze.Luzzati_d_res_low_free          ? 
_refine_analyze.number_disordered_residues      ? 
_refine_analyze.occupancy_sum_non_hydrogen      ? 
_refine_analyze.occupancy_sum_hydrogen          ? 
_refine_analyze.pdbx_refine_id                  'X-RAY DIFFRACTION' 
# 
_refine_hist.pdbx_refine_id                   'X-RAY DIFFRACTION' 
_refine_hist.cycle_id                         LAST 
_refine_hist.pdbx_number_atoms_protein        933 
_refine_hist.pdbx_number_atoms_nucleic_acid   0 
_refine_hist.pdbx_number_atoms_ligand         1 
_refine_hist.number_atoms_solvent             297 
_refine_hist.number_atoms_total               1231 
_refine_hist.d_res_high                       1.40 
_refine_hist.d_res_low                        17.93 
# 
loop_
_refine_ls_restr.type 
_refine_ls_restr.dev_ideal 
_refine_ls_restr.dev_ideal_target 
_refine_ls_restr.number 
_refine_ls_restr.weight 
_refine_ls_restr.pdbx_refine_id 
_refine_ls_restr.pdbx_restraint_function 
x_bond_d           0.009 . ? ? 'X-RAY DIFFRACTION' ? 
x_angle_deg        1.4   . ? ? 'X-RAY DIFFRACTION' ? 
x_torsion_deg      22.7  . ? ? 'X-RAY DIFFRACTION' ? 
x_torsion_impr_deg 0.95  . ? ? 'X-RAY DIFFRACTION' ? 
# 
loop_
_refine_ls_shell.d_res_high 
_refine_ls_shell.d_res_low 
_refine_ls_shell.number_reflns_all 
_refine_ls_shell.number_reflns_obs 
_refine_ls_shell.number_reflns_R_work 
_refine_ls_shell.percent_reflns_obs 
_refine_ls_shell.R_factor_R_work 
_refine_ls_shell.R_factor_R_free 
_refine_ls_shell.R_factor_R_free_error 
_refine_ls_shell.number_reflns_R_free 
_refine_ls_shell.percent_reflns_R_free 
_refine_ls_shell.pdbx_total_number_of_bins_used 
_refine_ls_shell.redundancy_reflns_obs 
_refine_ls_shell.pdbx_refine_id 
_refine_ls_shell.R_factor_all 
1.40 1.46  3729 2480 2370 66.5 0.253 0.269 0.026 110 4.4 8 . 'X-RAY DIFFRACTION' . 
1.46 1.54  3722 3365 3199 90.4 0.219 0.224 0.017 166 4.9 8 . 'X-RAY DIFFRACTION' . 
1.54 1.64  3717 3705 3499 99.7 0.204 0.227 0.016 206 5.6 8 . 'X-RAY DIFFRACTION' . 
1.64 1.76  3718 3707 3537 99.7 0.196 0.221 0.017 170 4.6 8 . 'X-RAY DIFFRACTION' . 
1.76 1.94  3755 3749 3564 99.8 0.188 0.184 0.014 185 4.9 8 . 'X-RAY DIFFRACTION' . 
1.94 2.22  3725 3709 3526 99.6 0.18  0.177 0.013 183 4.9 8 . 'X-RAY DIFFRACTION' . 
2.22 2.80  3749 3729 3530 99.4 0.18  0.204 0.014 199 5.3 8 . 'X-RAY DIFFRACTION' . 
2.80 17.93 3830 3288 3118 85.8 0.196 0.203 0.016 170 5.2 8 . 'X-RAY DIFFRACTION' . 
# 
loop_
_pdbx_xplor_file.serial_no 
_pdbx_xplor_file.param_file 
_pdbx_xplor_file.topol_file 
_pdbx_xplor_file.pdbx_refine_id 
1 protein_rep.param  protein.top      'X-RAY DIFFRACTION' 
2 carbohydrate.param carbohydrate.top 'X-RAY DIFFRACTION' 
3 water_rep.param    water.top        'X-RAY DIFFRACTION' 
4 ion.param          ion.top          'X-RAY DIFFRACTION' 
# 
_struct.entry_id                  1PBJ 
_struct.title                     'CBS domain protein' 
_struct.pdbx_model_details        ? 
_struct.pdbx_CASP_flag            ? 
_struct.pdbx_model_type_details   ? 
# 
_struct_keywords.entry_id        1PBJ 
_struct_keywords.pdbx_keywords   'Structural genomics, unknown function' 
_struct_keywords.text            
;Structural genomics, Methanothermobacter thermautotrophicus, CBS domain, PSI, Protein Structure Initiative, Midwest Center for Structural Genomics, MCSG, unknown function
;
# 
loop_
_struct_asym.id 
_struct_asym.pdbx_blank_PDB_chainid_flag 
_struct_asym.pdbx_modified 
_struct_asym.entity_id 
_struct_asym.details 
A N N 1 ? 
B N N 2 ? 
C N N 3 ? 
# 
_struct_ref.id                         1 
_struct_ref.db_code                    O27659_METTH 
_struct_ref.db_name                    UNP 
_struct_ref.entity_id                  1 
_struct_ref.pdbx_db_accession          O27659 
_struct_ref.pdbx_align_begin           1 
_struct_ref.pdbx_seq_one_letter_code   
;MRVEDVMVTDVDTIDITASLEDVLRNYVENAKGSSVVVKEGVRVGIVTTWDVLEAIAEGDDLAEVKVWEVMERDLVTISP
RATIKEAAEKMVKNVVWRLLVEEDDEIIGVISATDILRAKMAKRY
;
_struct_ref.pdbx_db_isoform            ? 
# 
_struct_ref_seq.align_id                      1 
_struct_ref_seq.ref_id                        1 
_struct_ref_seq.pdbx_PDB_id_code              1PBJ 
_struct_ref_seq.pdbx_strand_id                A 
_struct_ref_seq.seq_align_beg                 1 
_struct_ref_seq.pdbx_seq_align_beg_ins_code   ? 
_struct_ref_seq.seq_align_end                 125 
_struct_ref_seq.pdbx_seq_align_end_ins_code   ? 
_struct_ref_seq.pdbx_db_accession             O27659 
_struct_ref_seq.db_align_beg                  1 
_struct_ref_seq.pdbx_db_align_beg_ins_code    ? 
_struct_ref_seq.db_align_end                  125 
_struct_ref_seq.pdbx_db_align_end_ins_code    ? 
_struct_ref_seq.pdbx_auth_seq_align_beg       1 
_struct_ref_seq.pdbx_auth_seq_align_end       125 
# 
loop_
_pdbx_struct_assembly.id 
_pdbx_struct_assembly.details 
_pdbx_struct_assembly.method_details 
_pdbx_struct_assembly.oligomeric_details 
_pdbx_struct_assembly.oligomeric_count 
1 author_defined_assembly   ?        monomeric 1 
2 software_defined_assembly PISA,PQS dimeric   2 
# 
loop_
_pdbx_struct_assembly_prop.biol_id 
_pdbx_struct_assembly_prop.type 
_pdbx_struct_assembly_prop.value 
_pdbx_struct_assembly_prop.details 
2 'ABSA (A^2)' 2980  ? 
2 MORE         -46   ? 
2 'SSA (A^2)'  11770 ? 
# 
loop_
_pdbx_struct_assembly_gen.assembly_id 
_pdbx_struct_assembly_gen.oper_expression 
_pdbx_struct_assembly_gen.asym_id_list 
1 1   A,B,C 
2 1,2 A,B,C 
# 
loop_
_pdbx_struct_oper_list.id 
_pdbx_struct_oper_list.type 
_pdbx_struct_oper_list.name 
_pdbx_struct_oper_list.symmetry_operation 
_pdbx_struct_oper_list.matrix[1][1] 
_pdbx_struct_oper_list.matrix[1][2] 
_pdbx_struct_oper_list.matrix[1][3] 
_pdbx_struct_oper_list.vector[1] 
_pdbx_struct_oper_list.matrix[2][1] 
_pdbx_struct_oper_list.matrix[2][2] 
_pdbx_struct_oper_list.matrix[2][3] 
_pdbx_struct_oper_list.vector[2] 
_pdbx_struct_oper_list.matrix[3][1] 
_pdbx_struct_oper_list.matrix[3][2] 
_pdbx_struct_oper_list.matrix[3][3] 
_pdbx_struct_oper_list.vector[3] 
1 'identity operation'         1_555 x,y,z     1.0000000000  0.0000000000 0.0000000000 0.0000000000  0.0000000000 1.0000000000  0.0000000000 0.0000000000   0.0000000000 0.0000000000 1.0000000000 0.0000000000 
2 'crystal symmetry operation' 2_556 -x,y,-z+1 -0.8381581719 0.2257370397 0.4965215684 10.7719016795 0.2257370397 -0.6851418963 0.6925484610 -19.2791324212 0.4965215684 0.6925484610 0.5233000682 5.2538906406 
# 
_struct_biol.id   1 
# 
loop_
_struct_conf.conf_type_id 
_struct_conf.id 
_struct_conf.pdbx_PDB_helix_id 
_struct_conf.beg_label_comp_id 
_struct_conf.beg_label_asym_id 
_struct_conf.beg_label_seq_id 
_struct_conf.pdbx_beg_PDB_ins_code 
_struct_conf.end_label_comp_id 
_struct_conf.end_label_asym_id 
_struct_conf.end_label_seq_id 
_struct_conf.pdbx_end_PDB_ins_code 
_struct_conf.beg_auth_comp_id 
_struct_conf.beg_auth_asym_id 
_struct_conf.beg_auth_seq_id 
_struct_conf.end_auth_comp_id 
_struct_conf.end_auth_asym_id 
_struct_conf.end_auth_seq_id 
_struct_conf.pdbx_PDB_helix_class 
_struct_conf.details 
_struct_conf.pdbx_PDB_helix_length 
HELX_P HELX_P1 1 ARG A 2   ? MSE A 7   ? ARG A 2   MSE A 7   1 ? 6  
HELX_P HELX_P2 2 SER A 19  ? ALA A 31  ? SER A 19  ALA A 31  1 ? 13 
HELX_P HELX_P3 3 THR A 49  ? GLY A 59  ? THR A 49  GLY A 59  1 ? 11 
HELX_P HELX_P4 4 LYS A 66  ? MSE A 71  ? LYS A 66  MSE A 71  1 ? 6  
HELX_P HELX_P5 5 ARG A 73  ? LEU A 75  ? ARG A 73  LEU A 75  5 ? 3  
HELX_P HELX_P6 6 THR A 83  ? VAL A 95  ? THR A 83  VAL A 95  1 ? 13 
HELX_P HELX_P7 7 ALA A 113 ? MSE A 121 ? ALA A 113 MSE A 121 1 ? 9  
# 
_struct_conf_type.id          HELX_P 
_struct_conf_type.criteria    ? 
_struct_conf_type.reference   ? 
# 
loop_
_struct_conn.id 
_struct_conn.conn_type_id 
_struct_conn.pdbx_leaving_atom_flag 
_struct_conn.pdbx_PDB_id 
_struct_conn.ptnr1_label_asym_id 
_struct_conn.ptnr1_label_comp_id 
_struct_conn.ptnr1_label_seq_id 
_struct_conn.ptnr1_label_atom_id 
_struct_conn.pdbx_ptnr1_label_alt_id 
_struct_conn.pdbx_ptnr1_PDB_ins_code 
_struct_conn.pdbx_ptnr1_standard_comp_id 
_struct_conn.ptnr1_symmetry 
_struct_conn.ptnr2_label_asym_id 
_struct_conn.ptnr2_label_comp_id 
_struct_conn.ptnr2_label_seq_id 
_struct_conn.ptnr2_label_atom_id 
_struct_conn.pdbx_ptnr2_label_alt_id 
_struct_conn.pdbx_ptnr2_PDB_ins_code 
_struct_conn.ptnr1_auth_asym_id 
_struct_conn.ptnr1_auth_comp_id 
_struct_conn.ptnr1_auth_seq_id 
_struct_conn.ptnr2_auth_asym_id 
_struct_conn.ptnr2_auth_comp_id 
_struct_conn.ptnr2_auth_seq_id 
_struct_conn.ptnr2_symmetry 
_struct_conn.pdbx_ptnr3_label_atom_id 
_struct_conn.pdbx_ptnr3_label_seq_id 
_struct_conn.pdbx_ptnr3_label_comp_id 
_struct_conn.pdbx_ptnr3_label_asym_id 
_struct_conn.pdbx_ptnr3_label_alt_id 
_struct_conn.pdbx_ptnr3_PDB_ins_code 
_struct_conn.details 
_struct_conn.pdbx_dist_value 
_struct_conn.pdbx_value_order 
_struct_conn.pdbx_role 
covale1 covale both ? A VAL 6   C   A ? ? 1_555 A MSE 7   N  ? ? A VAL 6   A MSE 7   1_555 ? ? ? ? ? ? ? 1.326 ? ? 
covale2 covale both ? A VAL 6   C   B ? ? 1_555 A MSE 7   N  ? ? A VAL 6   A MSE 7   1_555 ? ? ? ? ? ? ? 1.329 ? ? 
covale3 covale both ? A MSE 7   C   ? ? ? 1_555 A VAL 8   N  ? ? A MSE 7   A VAL 8   1_555 ? ? ? ? ? ? ? 1.326 ? ? 
covale4 covale both ? A VAL 70  C   ? ? ? 1_555 A MSE 71  N  ? ? A VAL 70  A MSE 71  1_555 ? ? ? ? ? ? ? 1.324 ? ? 
covale5 covale both ? A MSE 71  C   ? ? ? 1_555 A GLU 72  N  ? ? A MSE 71  A GLU 72  1_555 ? ? ? ? ? ? ? 1.327 ? ? 
covale6 covale both ? A LYS 90  C   ? ? ? 1_555 A MSE 91  N  ? ? A LYS 90  A MSE 91  1_555 ? ? ? ? ? ? ? 1.330 ? ? 
covale7 covale both ? A MSE 91  C   ? ? ? 1_555 A VAL 92  N  ? ? A MSE 91  A VAL 92  1_555 ? ? ? ? ? ? ? 1.326 ? ? 
covale8 covale both ? A LYS 120 C   ? ? ? 1_555 A MSE 121 N  ? ? A LYS 120 A MSE 121 1_555 ? ? ? ? ? ? ? 1.328 ? ? 
metalc1 metalc ?    ? A GLU 72  OE2 ? ? ? 1_555 B MG  .   MG ? ? A GLU 72  A MG  502 1_555 ? ? ? ? ? ? ? 2.061 ? ? 
metalc2 metalc ?    ? B MG  .   MG  ? ? ? 1_555 C HOH .   O  ? ? A MG  502 A HOH 509 1_555 ? ? ? ? ? ? ? 2.040 ? ? 
metalc3 metalc ?    ? B MG  .   MG  ? ? ? 1_555 C HOH .   O  ? ? A MG  502 A HOH 510 1_555 ? ? ? ? ? ? ? 2.064 ? ? 
metalc4 metalc ?    ? B MG  .   MG  ? ? ? 1_555 C HOH .   O  ? ? A MG  502 A HOH 516 1_555 ? ? ? ? ? ? ? 2.068 ? ? 
metalc5 metalc ?    ? B MG  .   MG  ? ? ? 1_555 C HOH .   O  ? ? A MG  502 A HOH 517 1_555 ? ? ? ? ? ? ? 2.063 ? ? 
metalc6 metalc ?    ? B MG  .   MG  ? ? ? 1_555 C HOH .   O  ? ? A MG  502 A HOH 707 1_555 ? ? ? ? ? ? ? 2.057 ? ? 
# 
loop_
_struct_conn_type.id 
_struct_conn_type.criteria 
_struct_conn_type.reference 
covale ? ? 
metalc ? ? 
# 
loop_
_pdbx_struct_conn_angle.id 
_pdbx_struct_conn_angle.ptnr1_label_atom_id 
_pdbx_struct_conn_angle.ptnr1_label_alt_id 
_pdbx_struct_conn_angle.ptnr1_label_asym_id 
_pdbx_struct_conn_angle.ptnr1_label_comp_id 
_pdbx_struct_conn_angle.ptnr1_label_seq_id 
_pdbx_struct_conn_angle.ptnr1_auth_atom_id 
_pdbx_struct_conn_angle.ptnr1_auth_asym_id 
_pdbx_struct_conn_angle.ptnr1_auth_comp_id 
_pdbx_struct_conn_angle.ptnr1_auth_seq_id 
_pdbx_struct_conn_angle.ptnr1_PDB_ins_code 
_pdbx_struct_conn_angle.ptnr1_symmetry 
_pdbx_struct_conn_angle.ptnr2_label_atom_id 
_pdbx_struct_conn_angle.ptnr2_label_alt_id 
_pdbx_struct_conn_angle.ptnr2_label_asym_id 
_pdbx_struct_conn_angle.ptnr2_label_comp_id 
_pdbx_struct_conn_angle.ptnr2_label_seq_id 
_pdbx_struct_conn_angle.ptnr2_auth_atom_id 
_pdbx_struct_conn_angle.ptnr2_auth_asym_id 
_pdbx_struct_conn_angle.ptnr2_auth_comp_id 
_pdbx_struct_conn_angle.ptnr2_auth_seq_id 
_pdbx_struct_conn_angle.ptnr2_PDB_ins_code 
_pdbx_struct_conn_angle.ptnr2_symmetry 
_pdbx_struct_conn_angle.ptnr3_label_atom_id 
_pdbx_struct_conn_angle.ptnr3_label_alt_id 
_pdbx_struct_conn_angle.ptnr3_label_asym_id 
_pdbx_struct_conn_angle.ptnr3_label_comp_id 
_pdbx_struct_conn_angle.ptnr3_label_seq_id 
_pdbx_struct_conn_angle.ptnr3_auth_atom_id 
_pdbx_struct_conn_angle.ptnr3_auth_asym_id 
_pdbx_struct_conn_angle.ptnr3_auth_comp_id 
_pdbx_struct_conn_angle.ptnr3_auth_seq_id 
_pdbx_struct_conn_angle.ptnr3_PDB_ins_code 
_pdbx_struct_conn_angle.ptnr3_symmetry 
_pdbx_struct_conn_angle.value 
_pdbx_struct_conn_angle.value_esd 
1  OE2 ? A GLU 72 ? A GLU 72  ? 1_555 MG ? B MG . ? A MG 502 ? 1_555 O ? C HOH . ? A HOH 509 ? 1_555 89.5  ? 
2  OE2 ? A GLU 72 ? A GLU 72  ? 1_555 MG ? B MG . ? A MG 502 ? 1_555 O ? C HOH . ? A HOH 510 ? 1_555 87.6  ? 
3  O   ? C HOH .  ? A HOH 509 ? 1_555 MG ? B MG . ? A MG 502 ? 1_555 O ? C HOH . ? A HOH 510 ? 1_555 90.4  ? 
4  OE2 ? A GLU 72 ? A GLU 72  ? 1_555 MG ? B MG . ? A MG 502 ? 1_555 O ? C HOH . ? A HOH 516 ? 1_555 176.5 ? 
5  O   ? C HOH .  ? A HOH 509 ? 1_555 MG ? B MG . ? A MG 502 ? 1_555 O ? C HOH . ? A HOH 516 ? 1_555 93.5  ? 
6  O   ? C HOH .  ? A HOH 510 ? 1_555 MG ? B MG . ? A MG 502 ? 1_555 O ? C HOH . ? A HOH 516 ? 1_555 94.0  ? 
7  OE2 ? A GLU 72 ? A GLU 72  ? 1_555 MG ? B MG . ? A MG 502 ? 1_555 O ? C HOH . ? A HOH 517 ? 1_555 91.2  ? 
8  O   ? C HOH .  ? A HOH 509 ? 1_555 MG ? B MG . ? A MG 502 ? 1_555 O ? C HOH . ? A HOH 517 ? 1_555 94.5  ? 
9  O   ? C HOH .  ? A HOH 510 ? 1_555 MG ? B MG . ? A MG 502 ? 1_555 O ? C HOH . ? A HOH 517 ? 1_555 175.0 ? 
10 O   ? C HOH .  ? A HOH 516 ? 1_555 MG ? B MG . ? A MG 502 ? 1_555 O ? C HOH . ? A HOH 517 ? 1_555 86.9  ? 
11 OE2 ? A GLU 72 ? A GLU 72  ? 1_555 MG ? B MG . ? A MG 502 ? 1_555 O ? C HOH . ? A HOH 707 ? 1_555 90.0  ? 
12 O   ? C HOH .  ? A HOH 509 ? 1_555 MG ? B MG . ? A MG 502 ? 1_555 O ? C HOH . ? A HOH 707 ? 1_555 177.3 ? 
13 O   ? C HOH .  ? A HOH 510 ? 1_555 MG ? B MG . ? A MG 502 ? 1_555 O ? C HOH . ? A HOH 707 ? 1_555 86.9  ? 
14 O   ? C HOH .  ? A HOH 516 ? 1_555 MG ? B MG . ? A MG 502 ? 1_555 O ? C HOH . ? A HOH 707 ? 1_555 87.0  ? 
15 O   ? C HOH .  ? A HOH 517 ? 1_555 MG ? B MG . ? A MG 502 ? 1_555 O ? C HOH . ? A HOH 707 ? 1_555 88.2  ? 
# 
loop_
_pdbx_modification_feature.ordinal 
_pdbx_modification_feature.label_comp_id 
_pdbx_modification_feature.label_asym_id 
_pdbx_modification_feature.label_seq_id 
_pdbx_modification_feature.label_alt_id 
_pdbx_modification_feature.modified_residue_label_comp_id 
_pdbx_modification_feature.modified_residue_label_asym_id 
_pdbx_modification_feature.modified_residue_label_seq_id 
_pdbx_modification_feature.modified_residue_label_alt_id 
_pdbx_modification_feature.auth_comp_id 
_pdbx_modification_feature.auth_asym_id 
_pdbx_modification_feature.auth_seq_id 
_pdbx_modification_feature.PDB_ins_code 
_pdbx_modification_feature.symmetry 
_pdbx_modification_feature.modified_residue_auth_comp_id 
_pdbx_modification_feature.modified_residue_auth_asym_id 
_pdbx_modification_feature.modified_residue_auth_seq_id 
_pdbx_modification_feature.modified_residue_PDB_ins_code 
_pdbx_modification_feature.modified_residue_symmetry 
_pdbx_modification_feature.comp_id_linking_atom 
_pdbx_modification_feature.modified_residue_id_linking_atom 
_pdbx_modification_feature.modified_residue_id 
_pdbx_modification_feature.ref_pcm_id 
_pdbx_modification_feature.ref_comp_id 
_pdbx_modification_feature.type 
_pdbx_modification_feature.category 
1 MSE A 7   ? . . . . MSE A 7   ? 1_555 . . . . . . . MET 1 MSE Selenomethionine 'Named protein modification' 
2 MSE A 71  ? . . . . MSE A 71  ? 1_555 . . . . . . . MET 1 MSE Selenomethionine 'Named protein modification' 
3 MSE A 91  ? . . . . MSE A 91  ? 1_555 . . . . . . . MET 1 MSE Selenomethionine 'Named protein modification' 
4 MSE A 121 ? . . . . MSE A 121 ? 1_555 . . . . . . . MET 1 MSE Selenomethionine 'Named protein modification' 
# 
loop_
_struct_sheet.id 
_struct_sheet.type 
_struct_sheet.number_strands 
_struct_sheet.details 
A ? 3 ? 
B ? 3 ? 
# 
loop_
_struct_sheet_order.sheet_id 
_struct_sheet_order.range_id_1 
_struct_sheet_order.range_id_2 
_struct_sheet_order.offset 
_struct_sheet_order.sense 
A 1 2 ? parallel      
A 2 3 ? anti-parallel 
B 1 2 ? parallel      
B 2 3 ? anti-parallel 
# 
loop_
_struct_sheet_range.sheet_id 
_struct_sheet_range.id 
_struct_sheet_range.beg_label_comp_id 
_struct_sheet_range.beg_label_asym_id 
_struct_sheet_range.beg_label_seq_id 
_struct_sheet_range.pdbx_beg_PDB_ins_code 
_struct_sheet_range.end_label_comp_id 
_struct_sheet_range.end_label_asym_id 
_struct_sheet_range.end_label_seq_id 
_struct_sheet_range.pdbx_end_PDB_ins_code 
_struct_sheet_range.beg_auth_comp_id 
_struct_sheet_range.beg_auth_asym_id 
_struct_sheet_range.beg_auth_seq_id 
_struct_sheet_range.end_auth_comp_id 
_struct_sheet_range.end_auth_asym_id 
_struct_sheet_range.end_auth_seq_id 
A 1 THR A 13  ? ASP A 15  ? THR A 13  ASP A 15  
A 2 SER A 34  ? LYS A 39  ? SER A 34  LYS A 39  
A 3 VAL A 42  ? THR A 48  ? VAL A 42  THR A 48  
B 1 THR A 77  ? ILE A 78  ? THR A 77  ILE A 78  
B 2 ARG A 98  ? GLU A 103 ? ARG A 98  GLU A 103 
B 3 GLU A 106 ? SER A 112 ? GLU A 106 SER A 112 
# 
loop_
_pdbx_struct_sheet_hbond.sheet_id 
_pdbx_struct_sheet_hbond.range_id_1 
_pdbx_struct_sheet_hbond.range_id_2 
_pdbx_struct_sheet_hbond.range_1_label_atom_id 
_pdbx_struct_sheet_hbond.range_1_label_comp_id 
_pdbx_struct_sheet_hbond.range_1_label_asym_id 
_pdbx_struct_sheet_hbond.range_1_label_seq_id 
_pdbx_struct_sheet_hbond.range_1_PDB_ins_code 
_pdbx_struct_sheet_hbond.range_1_auth_atom_id 
_pdbx_struct_sheet_hbond.range_1_auth_comp_id 
_pdbx_struct_sheet_hbond.range_1_auth_asym_id 
_pdbx_struct_sheet_hbond.range_1_auth_seq_id 
_pdbx_struct_sheet_hbond.range_2_label_atom_id 
_pdbx_struct_sheet_hbond.range_2_label_comp_id 
_pdbx_struct_sheet_hbond.range_2_label_asym_id 
_pdbx_struct_sheet_hbond.range_2_label_seq_id 
_pdbx_struct_sheet_hbond.range_2_PDB_ins_code 
_pdbx_struct_sheet_hbond.range_2_auth_atom_id 
_pdbx_struct_sheet_hbond.range_2_auth_comp_id 
_pdbx_struct_sheet_hbond.range_2_auth_asym_id 
_pdbx_struct_sheet_hbond.range_2_auth_seq_id 
A 1 2 N ILE A 14  ? N ILE A 14  O VAL A 38  ? O VAL A 38  
A 2 3 N VAL A 37  ? N VAL A 37  O VAL A 44  ? O VAL A 44  
B 1 2 N ILE A 78  ? N ILE A 78  O LEU A 100 ? O LEU A 100 
B 2 3 N VAL A 101 ? N VAL A 101 O GLY A 109 ? O GLY A 109 
# 
_struct_site.id                   AC1 
_struct_site.pdbx_evidence_code   Software 
_struct_site.pdbx_auth_asym_id    A 
_struct_site.pdbx_auth_comp_id    MG 
_struct_site.pdbx_auth_seq_id     502 
_struct_site.pdbx_auth_ins_code   ? 
_struct_site.pdbx_num_residues    6 
_struct_site.details              'BINDING SITE FOR RESIDUE MG A 502' 
# 
loop_
_struct_site_gen.id 
_struct_site_gen.site_id 
_struct_site_gen.pdbx_num_res 
_struct_site_gen.label_comp_id 
_struct_site_gen.label_asym_id 
_struct_site_gen.label_seq_id 
_struct_site_gen.pdbx_auth_ins_code 
_struct_site_gen.auth_comp_id 
_struct_site_gen.auth_asym_id 
_struct_site_gen.auth_seq_id 
_struct_site_gen.label_atom_id 
_struct_site_gen.label_alt_id 
_struct_site_gen.symmetry 
_struct_site_gen.details 
1 AC1 6 GLU A 72 ? GLU A 72  . ? 1_555 ? 
2 AC1 6 HOH C .  ? HOH A 509 . ? 1_555 ? 
3 AC1 6 HOH C .  ? HOH A 510 . ? 1_555 ? 
4 AC1 6 HOH C .  ? HOH A 516 . ? 1_555 ? 
5 AC1 6 HOH C .  ? HOH A 517 . ? 1_555 ? 
6 AC1 6 HOH C .  ? HOH A 707 . ? 1_555 ? 
# 
_pdbx_entry_details.entry_id                   1PBJ 
_pdbx_entry_details.compound_details           ? 
_pdbx_entry_details.source_details             ? 
_pdbx_entry_details.nonpolymer_details         ? 
_pdbx_entry_details.sequence_details           ? 
_pdbx_entry_details.has_ligand_of_interest     ? 
_pdbx_entry_details.has_protein_modification   Y 
# 
_pdbx_validate_close_contact.id               1 
_pdbx_validate_close_contact.PDB_model_num    1 
_pdbx_validate_close_contact.auth_atom_id_1   O 
_pdbx_validate_close_contact.auth_asym_id_1   A 
_pdbx_validate_close_contact.auth_comp_id_1   HOH 
_pdbx_validate_close_contact.auth_seq_id_1    581 
_pdbx_validate_close_contact.PDB_ins_code_1   ? 
_pdbx_validate_close_contact.label_alt_id_1   ? 
_pdbx_validate_close_contact.auth_atom_id_2   O 
_pdbx_validate_close_contact.auth_asym_id_2   A 
_pdbx_validate_close_contact.auth_comp_id_2   HOH 
_pdbx_validate_close_contact.auth_seq_id_2    644 
_pdbx_validate_close_contact.PDB_ins_code_2   ? 
_pdbx_validate_close_contact.label_alt_id_2   ? 
_pdbx_validate_close_contact.dist             0.28 
# 
loop_
_pdbx_validate_symm_contact.id 
_pdbx_validate_symm_contact.PDB_model_num 
_pdbx_validate_symm_contact.auth_atom_id_1 
_pdbx_validate_symm_contact.auth_asym_id_1 
_pdbx_validate_symm_contact.auth_comp_id_1 
_pdbx_validate_symm_contact.auth_seq_id_1 
_pdbx_validate_symm_contact.PDB_ins_code_1 
_pdbx_validate_symm_contact.label_alt_id_1 
_pdbx_validate_symm_contact.site_symmetry_1 
_pdbx_validate_symm_contact.auth_atom_id_2 
_pdbx_validate_symm_contact.auth_asym_id_2 
_pdbx_validate_symm_contact.auth_comp_id_2 
_pdbx_validate_symm_contact.auth_seq_id_2 
_pdbx_validate_symm_contact.PDB_ins_code_2 
_pdbx_validate_symm_contact.label_alt_id_2 
_pdbx_validate_symm_contact.site_symmetry_2 
_pdbx_validate_symm_contact.dist 
1 1 O A HOH 778 ? ? 1_555 O A HOH 778 ? ? 2_556 0.64 
2 1 O A HOH 693 ? ? 1_555 O A HOH 693 ? ? 2_555 1.90 
3 1 O A HOH 677 ? ? 1_555 O A HOH 677 ? ? 2_555 2.08 
# 
_pdbx_validate_torsion.id              1 
_pdbx_validate_torsion.PDB_model_num   1 
_pdbx_validate_torsion.auth_comp_id    ARG 
_pdbx_validate_torsion.auth_asym_id    A 
_pdbx_validate_torsion.auth_seq_id     73 
_pdbx_validate_torsion.PDB_ins_code    ? 
_pdbx_validate_torsion.label_alt_id    ? 
_pdbx_validate_torsion.phi             -144.45 
_pdbx_validate_torsion.psi             -63.03 
# 
_pdbx_SG_project.id                    1 
_pdbx_SG_project.project_name          'PSI, Protein Structure Initiative' 
_pdbx_SG_project.full_name_of_center   'Midwest Center for Structural Genomics' 
_pdbx_SG_project.initial_of_center     MCSG 
# 
loop_
_pdbx_struct_mod_residue.id 
_pdbx_struct_mod_residue.label_asym_id 
_pdbx_struct_mod_residue.label_comp_id 
_pdbx_struct_mod_residue.label_seq_id 
_pdbx_struct_mod_residue.auth_asym_id 
_pdbx_struct_mod_residue.auth_comp_id 
_pdbx_struct_mod_residue.auth_seq_id 
_pdbx_struct_mod_residue.PDB_ins_code 
_pdbx_struct_mod_residue.parent_comp_id 
_pdbx_struct_mod_residue.details 
1 A MSE 7   A MSE 7   ? MET SELENOMETHIONINE 
2 A MSE 71  A MSE 71  ? MET SELENOMETHIONINE 
3 A MSE 91  A MSE 91  ? MET SELENOMETHIONINE 
4 A MSE 121 A MSE 121 ? MET SELENOMETHIONINE 
# 
_pdbx_database_remark.id     300 
_pdbx_database_remark.text   
;BIOMOLECULE: 1
THIS ENTRY CONTAINS THE CRYSTALLOGRAPHIC ASYMMETRIC UNIT
WHICH CONSISTS OF 1 CHAIN. THE BIOLOGICAL UNIT IS UNKNOWN.
;
# 
loop_
_pdbx_unobs_or_zero_occ_residues.id 
_pdbx_unobs_or_zero_occ_residues.PDB_model_num 
_pdbx_unobs_or_zero_occ_residues.polymer_flag 
_pdbx_unobs_or_zero_occ_residues.occupancy_flag 
_pdbx_unobs_or_zero_occ_residues.auth_asym_id 
_pdbx_unobs_or_zero_occ_residues.auth_comp_id 
_pdbx_unobs_or_zero_occ_residues.auth_seq_id 
_pdbx_unobs_or_zero_occ_residues.PDB_ins_code 
_pdbx_unobs_or_zero_occ_residues.label_asym_id 
_pdbx_unobs_or_zero_occ_residues.label_comp_id 
_pdbx_unobs_or_zero_occ_residues.label_seq_id 
1 1 Y 1 A MSE 1   ? A MSE 1   
2 1 Y 1 A ALA 122 ? A ALA 122 
3 1 Y 1 A LYS 123 ? A LYS 123 
4 1 Y 1 A ARG 124 ? A ARG 124 
5 1 Y 1 A TYR 125 ? A TYR 125 
# 
loop_
_chem_comp_atom.comp_id 
_chem_comp_atom.atom_id 
_chem_comp_atom.type_symbol 
_chem_comp_atom.pdbx_aromatic_flag 
_chem_comp_atom.pdbx_stereo_config 
_chem_comp_atom.pdbx_ordinal 
ALA N    N  N N 1   
ALA CA   C  N S 2   
ALA C    C  N N 3   
ALA O    O  N N 4   
ALA CB   C  N N 5   
ALA OXT  O  N N 6   
ALA H    H  N N 7   
ALA H2   H  N N 8   
ALA HA   H  N N 9   
ALA HB1  H  N N 10  
ALA HB2  H  N N 11  
ALA HB3  H  N N 12  
ALA HXT  H  N N 13  
ARG N    N  N N 14  
ARG CA   C  N S 15  
ARG C    C  N N 16  
ARG O    O  N N 17  
ARG CB   C  N N 18  
ARG CG   C  N N 19  
ARG CD   C  N N 20  
ARG NE   N  N N 21  
ARG CZ   C  N N 22  
ARG NH1  N  N N 23  
ARG NH2  N  N N 24  
ARG OXT  O  N N 25  
ARG H    H  N N 26  
ARG H2   H  N N 27  
ARG HA   H  N N 28  
ARG HB2  H  N N 29  
ARG HB3  H  N N 30  
ARG HG2  H  N N 31  
ARG HG3  H  N N 32  
ARG HD2  H  N N 33  
ARG HD3  H  N N 34  
ARG HE   H  N N 35  
ARG HH11 H  N N 36  
ARG HH12 H  N N 37  
ARG HH21 H  N N 38  
ARG HH22 H  N N 39  
ARG HXT  H  N N 40  
ASN N    N  N N 41  
ASN CA   C  N S 42  
ASN C    C  N N 43  
ASN O    O  N N 44  
ASN CB   C  N N 45  
ASN CG   C  N N 46  
ASN OD1  O  N N 47  
ASN ND2  N  N N 48  
ASN OXT  O  N N 49  
ASN H    H  N N 50  
ASN H2   H  N N 51  
ASN HA   H  N N 52  
ASN HB2  H  N N 53  
ASN HB3  H  N N 54  
ASN HD21 H  N N 55  
ASN HD22 H  N N 56  
ASN HXT  H  N N 57  
ASP N    N  N N 58  
ASP CA   C  N S 59  
ASP C    C  N N 60  
ASP O    O  N N 61  
ASP CB   C  N N 62  
ASP CG   C  N N 63  
ASP OD1  O  N N 64  
ASP OD2  O  N N 65  
ASP OXT  O  N N 66  
ASP H    H  N N 67  
ASP H2   H  N N 68  
ASP HA   H  N N 69  
ASP HB2  H  N N 70  
ASP HB3  H  N N 71  
ASP HD2  H  N N 72  
ASP HXT  H  N N 73  
GLU N    N  N N 74  
GLU CA   C  N S 75  
GLU C    C  N N 76  
GLU O    O  N N 77  
GLU CB   C  N N 78  
GLU CG   C  N N 79  
GLU CD   C  N N 80  
GLU OE1  O  N N 81  
GLU OE2  O  N N 82  
GLU OXT  O  N N 83  
GLU H    H  N N 84  
GLU H2   H  N N 85  
GLU HA   H  N N 86  
GLU HB2  H  N N 87  
GLU HB3  H  N N 88  
GLU HG2  H  N N 89  
GLU HG3  H  N N 90  
GLU HE2  H  N N 91  
GLU HXT  H  N N 92  
GLY N    N  N N 93  
GLY CA   C  N N 94  
GLY C    C  N N 95  
GLY O    O  N N 96  
GLY OXT  O  N N 97  
GLY H    H  N N 98  
GLY H2   H  N N 99  
GLY HA2  H  N N 100 
GLY HA3  H  N N 101 
GLY HXT  H  N N 102 
HOH O    O  N N 103 
HOH H1   H  N N 104 
HOH H2   H  N N 105 
ILE N    N  N N 106 
ILE CA   C  N S 107 
ILE C    C  N N 108 
ILE O    O  N N 109 
ILE CB   C  N S 110 
ILE CG1  C  N N 111 
ILE CG2  C  N N 112 
ILE CD1  C  N N 113 
ILE OXT  O  N N 114 
ILE H    H  N N 115 
ILE H2   H  N N 116 
ILE HA   H  N N 117 
ILE HB   H  N N 118 
ILE HG12 H  N N 119 
ILE HG13 H  N N 120 
ILE HG21 H  N N 121 
ILE HG22 H  N N 122 
ILE HG23 H  N N 123 
ILE HD11 H  N N 124 
ILE HD12 H  N N 125 
ILE HD13 H  N N 126 
ILE HXT  H  N N 127 
LEU N    N  N N 128 
LEU CA   C  N S 129 
LEU C    C  N N 130 
LEU O    O  N N 131 
LEU CB   C  N N 132 
LEU CG   C  N N 133 
LEU CD1  C  N N 134 
LEU CD2  C  N N 135 
LEU OXT  O  N N 136 
LEU H    H  N N 137 
LEU H2   H  N N 138 
LEU HA   H  N N 139 
LEU HB2  H  N N 140 
LEU HB3  H  N N 141 
LEU HG   H  N N 142 
LEU HD11 H  N N 143 
LEU HD12 H  N N 144 
LEU HD13 H  N N 145 
LEU HD21 H  N N 146 
LEU HD22 H  N N 147 
LEU HD23 H  N N 148 
LEU HXT  H  N N 149 
LYS N    N  N N 150 
LYS CA   C  N S 151 
LYS C    C  N N 152 
LYS O    O  N N 153 
LYS CB   C  N N 154 
LYS CG   C  N N 155 
LYS CD   C  N N 156 
LYS CE   C  N N 157 
LYS NZ   N  N N 158 
LYS OXT  O  N N 159 
LYS H    H  N N 160 
LYS H2   H  N N 161 
LYS HA   H  N N 162 
LYS HB2  H  N N 163 
LYS HB3  H  N N 164 
LYS HG2  H  N N 165 
LYS HG3  H  N N 166 
LYS HD2  H  N N 167 
LYS HD3  H  N N 168 
LYS HE2  H  N N 169 
LYS HE3  H  N N 170 
LYS HZ1  H  N N 171 
LYS HZ2  H  N N 172 
LYS HZ3  H  N N 173 
LYS HXT  H  N N 174 
MG  MG   MG N N 175 
MSE N    N  N N 176 
MSE CA   C  N S 177 
MSE C    C  N N 178 
MSE O    O  N N 179 
MSE OXT  O  N N 180 
MSE CB   C  N N 181 
MSE CG   C  N N 182 
MSE SE   SE N N 183 
MSE CE   C  N N 184 
MSE H    H  N N 185 
MSE H2   H  N N 186 
MSE HA   H  N N 187 
MSE HXT  H  N N 188 
MSE HB2  H  N N 189 
MSE HB3  H  N N 190 
MSE HG2  H  N N 191 
MSE HG3  H  N N 192 
MSE HE1  H  N N 193 
MSE HE2  H  N N 194 
MSE HE3  H  N N 195 
PRO N    N  N N 196 
PRO CA   C  N S 197 
PRO C    C  N N 198 
PRO O    O  N N 199 
PRO CB   C  N N 200 
PRO CG   C  N N 201 
PRO CD   C  N N 202 
PRO OXT  O  N N 203 
PRO H    H  N N 204 
PRO HA   H  N N 205 
PRO HB2  H  N N 206 
PRO HB3  H  N N 207 
PRO HG2  H  N N 208 
PRO HG3  H  N N 209 
PRO HD2  H  N N 210 
PRO HD3  H  N N 211 
PRO HXT  H  N N 212 
SER N    N  N N 213 
SER CA   C  N S 214 
SER C    C  N N 215 
SER O    O  N N 216 
SER CB   C  N N 217 
SER OG   O  N N 218 
SER OXT  O  N N 219 
SER H    H  N N 220 
SER H2   H  N N 221 
SER HA   H  N N 222 
SER HB2  H  N N 223 
SER HB3  H  N N 224 
SER HG   H  N N 225 
SER HXT  H  N N 226 
THR N    N  N N 227 
THR CA   C  N S 228 
THR C    C  N N 229 
THR O    O  N N 230 
THR CB   C  N R 231 
THR OG1  O  N N 232 
THR CG2  C  N N 233 
THR OXT  O  N N 234 
THR H    H  N N 235 
THR H2   H  N N 236 
THR HA   H  N N 237 
THR HB   H  N N 238 
THR HG1  H  N N 239 
THR HG21 H  N N 240 
THR HG22 H  N N 241 
THR HG23 H  N N 242 
THR HXT  H  N N 243 
TRP N    N  N N 244 
TRP CA   C  N S 245 
TRP C    C  N N 246 
TRP O    O  N N 247 
TRP CB   C  N N 248 
TRP CG   C  Y N 249 
TRP CD1  C  Y N 250 
TRP CD2  C  Y N 251 
TRP NE1  N  Y N 252 
TRP CE2  C  Y N 253 
TRP CE3  C  Y N 254 
TRP CZ2  C  Y N 255 
TRP CZ3  C  Y N 256 
TRP CH2  C  Y N 257 
TRP OXT  O  N N 258 
TRP H    H  N N 259 
TRP H2   H  N N 260 
TRP HA   H  N N 261 
TRP HB2  H  N N 262 
TRP HB3  H  N N 263 
TRP HD1  H  N N 264 
TRP HE1  H  N N 265 
TRP HE3  H  N N 266 
TRP HZ2  H  N N 267 
TRP HZ3  H  N N 268 
TRP HH2  H  N N 269 
TRP HXT  H  N N 270 
TYR N    N  N N 271 
TYR CA   C  N S 272 
TYR C    C  N N 273 
TYR O    O  N N 274 
TYR CB   C  N N 275 
TYR CG   C  Y N 276 
TYR CD1  C  Y N 277 
TYR CD2  C  Y N 278 
TYR CE1  C  Y N 279 
TYR CE2  C  Y N 280 
TYR CZ   C  Y N 281 
TYR OH   O  N N 282 
TYR OXT  O  N N 283 
TYR H    H  N N 284 
TYR H2   H  N N 285 
TYR HA   H  N N 286 
TYR HB2  H  N N 287 
TYR HB3  H  N N 288 
TYR HD1  H  N N 289 
TYR HD2  H  N N 290 
TYR HE1  H  N N 291 
TYR HE2  H  N N 292 
TYR HH   H  N N 293 
TYR HXT  H  N N 294 
VAL N    N  N N 295 
VAL CA   C  N S 296 
VAL C    C  N N 297 
VAL O    O  N N 298 
VAL CB   C  N N 299 
VAL CG1  C  N N 300 
VAL CG2  C  N N 301 
VAL OXT  O  N N 302 
VAL H    H  N N 303 
VAL H2   H  N N 304 
VAL HA   H  N N 305 
VAL HB   H  N N 306 
VAL HG11 H  N N 307 
VAL HG12 H  N N 308 
VAL HG13 H  N N 309 
VAL HG21 H  N N 310 
VAL HG22 H  N N 311 
VAL HG23 H  N N 312 
VAL HXT  H  N N 313 
# 
loop_
_chem_comp_bond.comp_id 
_chem_comp_bond.atom_id_1 
_chem_comp_bond.atom_id_2 
_chem_comp_bond.value_order 
_chem_comp_bond.pdbx_aromatic_flag 
_chem_comp_bond.pdbx_stereo_config 
_chem_comp_bond.pdbx_ordinal 
ALA N   CA   sing N N 1   
ALA N   H    sing N N 2   
ALA N   H2   sing N N 3   
ALA CA  C    sing N N 4   
ALA CA  CB   sing N N 5   
ALA CA  HA   sing N N 6   
ALA C   O    doub N N 7   
ALA C   OXT  sing N N 8   
ALA CB  HB1  sing N N 9   
ALA CB  HB2  sing N N 10  
ALA CB  HB3  sing N N 11  
ALA OXT HXT  sing N N 12  
ARG N   CA   sing N N 13  
ARG N   H    sing N N 14  
ARG N   H2   sing N N 15  
ARG CA  C    sing N N 16  
ARG CA  CB   sing N N 17  
ARG CA  HA   sing N N 18  
ARG C   O    doub N N 19  
ARG C   OXT  sing N N 20  
ARG CB  CG   sing N N 21  
ARG CB  HB2  sing N N 22  
ARG CB  HB3  sing N N 23  
ARG CG  CD   sing N N 24  
ARG CG  HG2  sing N N 25  
ARG CG  HG3  sing N N 26  
ARG CD  NE   sing N N 27  
ARG CD  HD2  sing N N 28  
ARG CD  HD3  sing N N 29  
ARG NE  CZ   sing N N 30  
ARG NE  HE   sing N N 31  
ARG CZ  NH1  sing N N 32  
ARG CZ  NH2  doub N N 33  
ARG NH1 HH11 sing N N 34  
ARG NH1 HH12 sing N N 35  
ARG NH2 HH21 sing N N 36  
ARG NH2 HH22 sing N N 37  
ARG OXT HXT  sing N N 38  
ASN N   CA   sing N N 39  
ASN N   H    sing N N 40  
ASN N   H2   sing N N 41  
ASN CA  C    sing N N 42  
ASN CA  CB   sing N N 43  
ASN CA  HA   sing N N 44  
ASN C   O    doub N N 45  
ASN C   OXT  sing N N 46  
ASN CB  CG   sing N N 47  
ASN CB  HB2  sing N N 48  
ASN CB  HB3  sing N N 49  
ASN CG  OD1  doub N N 50  
ASN CG  ND2  sing N N 51  
ASN ND2 HD21 sing N N 52  
ASN ND2 HD22 sing N N 53  
ASN OXT HXT  sing N N 54  
ASP N   CA   sing N N 55  
ASP N   H    sing N N 56  
ASP N   H2   sing N N 57  
ASP CA  C    sing N N 58  
ASP CA  CB   sing N N 59  
ASP CA  HA   sing N N 60  
ASP C   O    doub N N 61  
ASP C   OXT  sing N N 62  
ASP CB  CG   sing N N 63  
ASP CB  HB2  sing N N 64  
ASP CB  HB3  sing N N 65  
ASP CG  OD1  doub N N 66  
ASP CG  OD2  sing N N 67  
ASP OD2 HD2  sing N N 68  
ASP OXT HXT  sing N N 69  
GLU N   CA   sing N N 70  
GLU N   H    sing N N 71  
GLU N   H2   sing N N 72  
GLU CA  C    sing N N 73  
GLU CA  CB   sing N N 74  
GLU CA  HA   sing N N 75  
GLU C   O    doub N N 76  
GLU C   OXT  sing N N 77  
GLU CB  CG   sing N N 78  
GLU CB  HB2  sing N N 79  
GLU CB  HB3  sing N N 80  
GLU CG  CD   sing N N 81  
GLU CG  HG2  sing N N 82  
GLU CG  HG3  sing N N 83  
GLU CD  OE1  doub N N 84  
GLU CD  OE2  sing N N 85  
GLU OE2 HE2  sing N N 86  
GLU OXT HXT  sing N N 87  
GLY N   CA   sing N N 88  
GLY N   H    sing N N 89  
GLY N   H2   sing N N 90  
GLY CA  C    sing N N 91  
GLY CA  HA2  sing N N 92  
GLY CA  HA3  sing N N 93  
GLY C   O    doub N N 94  
GLY C   OXT  sing N N 95  
GLY OXT HXT  sing N N 96  
HOH O   H1   sing N N 97  
HOH O   H2   sing N N 98  
ILE N   CA   sing N N 99  
ILE N   H    sing N N 100 
ILE N   H2   sing N N 101 
ILE CA  C    sing N N 102 
ILE CA  CB   sing N N 103 
ILE CA  HA   sing N N 104 
ILE C   O    doub N N 105 
ILE C   OXT  sing N N 106 
ILE CB  CG1  sing N N 107 
ILE CB  CG2  sing N N 108 
ILE CB  HB   sing N N 109 
ILE CG1 CD1  sing N N 110 
ILE CG1 HG12 sing N N 111 
ILE CG1 HG13 sing N N 112 
ILE CG2 HG21 sing N N 113 
ILE CG2 HG22 sing N N 114 
ILE CG2 HG23 sing N N 115 
ILE CD1 HD11 sing N N 116 
ILE CD1 HD12 sing N N 117 
ILE CD1 HD13 sing N N 118 
ILE OXT HXT  sing N N 119 
LEU N   CA   sing N N 120 
LEU N   H    sing N N 121 
LEU N   H2   sing N N 122 
LEU CA  C    sing N N 123 
LEU CA  CB   sing N N 124 
LEU CA  HA   sing N N 125 
LEU C   O    doub N N 126 
LEU C   OXT  sing N N 127 
LEU CB  CG   sing N N 128 
LEU CB  HB2  sing N N 129 
LEU CB  HB3  sing N N 130 
LEU CG  CD1  sing N N 131 
LEU CG  CD2  sing N N 132 
LEU CG  HG   sing N N 133 
LEU CD1 HD11 sing N N 134 
LEU CD1 HD12 sing N N 135 
LEU CD1 HD13 sing N N 136 
LEU CD2 HD21 sing N N 137 
LEU CD2 HD22 sing N N 138 
LEU CD2 HD23 sing N N 139 
LEU OXT HXT  sing N N 140 
LYS N   CA   sing N N 141 
LYS N   H    sing N N 142 
LYS N   H2   sing N N 143 
LYS CA  C    sing N N 144 
LYS CA  CB   sing N N 145 
LYS CA  HA   sing N N 146 
LYS C   O    doub N N 147 
LYS C   OXT  sing N N 148 
LYS CB  CG   sing N N 149 
LYS CB  HB2  sing N N 150 
LYS CB  HB3  sing N N 151 
LYS CG  CD   sing N N 152 
LYS CG  HG2  sing N N 153 
LYS CG  HG3  sing N N 154 
LYS CD  CE   sing N N 155 
LYS CD  HD2  sing N N 156 
LYS CD  HD3  sing N N 157 
LYS CE  NZ   sing N N 158 
LYS CE  HE2  sing N N 159 
LYS CE  HE3  sing N N 160 
LYS NZ  HZ1  sing N N 161 
LYS NZ  HZ2  sing N N 162 
LYS NZ  HZ3  sing N N 163 
LYS OXT HXT  sing N N 164 
MSE N   CA   sing N N 165 
MSE N   H    sing N N 166 
MSE N   H2   sing N N 167 
MSE CA  C    sing N N 168 
MSE CA  CB   sing N N 169 
MSE CA  HA   sing N N 170 
MSE C   O    doub N N 171 
MSE C   OXT  sing N N 172 
MSE OXT HXT  sing N N 173 
MSE CB  CG   sing N N 174 
MSE CB  HB2  sing N N 175 
MSE CB  HB3  sing N N 176 
MSE CG  SE   sing N N 177 
MSE CG  HG2  sing N N 178 
MSE CG  HG3  sing N N 179 
MSE SE  CE   sing N N 180 
MSE CE  HE1  sing N N 181 
MSE CE  HE2  sing N N 182 
MSE CE  HE3  sing N N 183 
PRO N   CA   sing N N 184 
PRO N   CD   sing N N 185 
PRO N   H    sing N N 186 
PRO CA  C    sing N N 187 
PRO CA  CB   sing N N 188 
PRO CA  HA   sing N N 189 
PRO C   O    doub N N 190 
PRO C   OXT  sing N N 191 
PRO CB  CG   sing N N 192 
PRO CB  HB2  sing N N 193 
PRO CB  HB3  sing N N 194 
PRO CG  CD   sing N N 195 
PRO CG  HG2  sing N N 196 
PRO CG  HG3  sing N N 197 
PRO CD  HD2  sing N N 198 
PRO CD  HD3  sing N N 199 
PRO OXT HXT  sing N N 200 
SER N   CA   sing N N 201 
SER N   H    sing N N 202 
SER N   H2   sing N N 203 
SER CA  C    sing N N 204 
SER CA  CB   sing N N 205 
SER CA  HA   sing N N 206 
SER C   O    doub N N 207 
SER C   OXT  sing N N 208 
SER CB  OG   sing N N 209 
SER CB  HB2  sing N N 210 
SER CB  HB3  sing N N 211 
SER OG  HG   sing N N 212 
SER OXT HXT  sing N N 213 
THR N   CA   sing N N 214 
THR N   H    sing N N 215 
THR N   H2   sing N N 216 
THR CA  C    sing N N 217 
THR CA  CB   sing N N 218 
THR CA  HA   sing N N 219 
THR C   O    doub N N 220 
THR C   OXT  sing N N 221 
THR CB  OG1  sing N N 222 
THR CB  CG2  sing N N 223 
THR CB  HB   sing N N 224 
THR OG1 HG1  sing N N 225 
THR CG2 HG21 sing N N 226 
THR CG2 HG22 sing N N 227 
THR CG2 HG23 sing N N 228 
THR OXT HXT  sing N N 229 
TRP N   CA   sing N N 230 
TRP N   H    sing N N 231 
TRP N   H2   sing N N 232 
TRP CA  C    sing N N 233 
TRP CA  CB   sing N N 234 
TRP CA  HA   sing N N 235 
TRP C   O    doub N N 236 
TRP C   OXT  sing N N 237 
TRP CB  CG   sing N N 238 
TRP CB  HB2  sing N N 239 
TRP CB  HB3  sing N N 240 
TRP CG  CD1  doub Y N 241 
TRP CG  CD2  sing Y N 242 
TRP CD1 NE1  sing Y N 243 
TRP CD1 HD1  sing N N 244 
TRP CD2 CE2  doub Y N 245 
TRP CD2 CE3  sing Y N 246 
TRP NE1 CE2  sing Y N 247 
TRP NE1 HE1  sing N N 248 
TRP CE2 CZ2  sing Y N 249 
TRP CE3 CZ3  doub Y N 250 
TRP CE3 HE3  sing N N 251 
TRP CZ2 CH2  doub Y N 252 
TRP CZ2 HZ2  sing N N 253 
TRP CZ3 CH2  sing Y N 254 
TRP CZ3 HZ3  sing N N 255 
TRP CH2 HH2  sing N N 256 
TRP OXT HXT  sing N N 257 
TYR N   CA   sing N N 258 
TYR N   H    sing N N 259 
TYR N   H2   sing N N 260 
TYR CA  C    sing N N 261 
TYR CA  CB   sing N N 262 
TYR CA  HA   sing N N 263 
TYR C   O    doub N N 264 
TYR C   OXT  sing N N 265 
TYR CB  CG   sing N N 266 
TYR CB  HB2  sing N N 267 
TYR CB  HB3  sing N N 268 
TYR CG  CD1  doub Y N 269 
TYR CG  CD2  sing Y N 270 
TYR CD1 CE1  sing Y N 271 
TYR CD1 HD1  sing N N 272 
TYR CD2 CE2  doub Y N 273 
TYR CD2 HD2  sing N N 274 
TYR CE1 CZ   doub Y N 275 
TYR CE1 HE1  sing N N 276 
TYR CE2 CZ   sing Y N 277 
TYR CE2 HE2  sing N N 278 
TYR CZ  OH   sing N N 279 
TYR OH  HH   sing N N 280 
TYR OXT HXT  sing N N 281 
VAL N   CA   sing N N 282 
VAL N   H    sing N N 283 
VAL N   H2   sing N N 284 
VAL CA  C    sing N N 285 
VAL CA  CB   sing N N 286 
VAL CA  HA   sing N N 287 
VAL C   O    doub N N 288 
VAL C   OXT  sing N N 289 
VAL CB  CG1  sing N N 290 
VAL CB  CG2  sing N N 291 
VAL CB  HB   sing N N 292 
VAL CG1 HG11 sing N N 293 
VAL CG1 HG12 sing N N 294 
VAL CG1 HG13 sing N N 295 
VAL CG2 HG21 sing N N 296 
VAL CG2 HG22 sing N N 297 
VAL CG2 HG23 sing N N 298 
VAL OXT HXT  sing N N 299 
# 
_atom_sites.entry_id                    1PBJ 
_atom_sites.fract_transf_matrix[1][1]   0.00613832 
_atom_sites.fract_transf_matrix[1][2]   0.01442724 
_atom_sites.fract_transf_matrix[1][3]   -0.00855995 
_atom_sites.fract_transf_matrix[2][1]   0.00585488 
_atom_sites.fract_transf_matrix[2][2]   0.00816639 
_atom_sites.fract_transf_matrix[2][3]   0.01796244 
_atom_sites.fract_transf_matrix[3][1]   0.01779665 
_atom_sites.fract_transf_matrix[3][2]   -0.00313728 
_atom_sites.fract_transf_matrix[3][3]   -0.00437452 
_atom_sites.fract_transf_vector[1]      0.128505 
_atom_sites.fract_transf_vector[2]      0.487422 
_atom_sites.fract_transf_vector[3]      0.385394 
# 
loop_
_atom_type.symbol 
C  
MG 
N  
O  
SE 
# 
loop_
_atom_site.group_PDB 
_atom_site.id 
_atom_site.type_symbol 
_atom_site.label_atom_id 
_atom_site.label_alt_id 
_atom_site.label_comp_id 
_atom_site.label_asym_id 
_atom_site.label_entity_id 
_atom_site.label_seq_id 
_atom_site.pdbx_PDB_ins_code 
_atom_site.Cartn_x 
_atom_site.Cartn_y 
_atom_site.Cartn_z 
_atom_site.occupancy 
_atom_site.B_iso_or_equiv 
_atom_site.pdbx_formal_charge 
_atom_site.auth_seq_id 
_atom_site.auth_comp_id 
_atom_site.auth_asym_id 
_atom_site.auth_atom_id 
_atom_site.pdbx_PDB_model_num 
ATOM   1    N  N   . ARG A 1 2   ? -15.464 -6.810  9.693   1.00 20.10 ? 2   ARG A N   1 
ATOM   2    C  CA  . ARG A 1 2   ? -15.282 -6.270  8.312   1.00 18.61 ? 2   ARG A CA  1 
ATOM   3    C  C   . ARG A 1 2   ? -14.044 -5.417  8.190   1.00 17.08 ? 2   ARG A C   1 
ATOM   4    O  O   . ARG A 1 2   ? -13.424 -5.044  9.181   1.00 16.64 ? 2   ARG A O   1 
ATOM   5    C  CB  . ARG A 1 2   ? -16.514 -5.468  7.888   1.00 20.98 ? 2   ARG A CB  1 
ATOM   6    C  CG  . ARG A 1 2   ? -17.679 -6.391  7.586   1.00 23.12 ? 2   ARG A CG  1 
ATOM   7    C  CD  . ARG A 1 2   ? -18.944 -5.641  7.322   1.00 23.09 ? 2   ARG A CD  1 
ATOM   8    N  NE  . ARG A 1 2   ? -20.078 -6.549  7.471   1.00 24.12 ? 2   ARG A NE  1 
ATOM   9    C  CZ  . ARG A 1 2   ? -20.544 -7.349  6.522   1.00 24.77 ? 2   ARG A CZ  1 
ATOM   10   N  NH1 . ARG A 1 2   ? -19.993 -7.368  5.321   1.00 26.46 ? 2   ARG A NH1 1 
ATOM   11   N  NH2 . ARG A 1 2   ? -21.569 -8.148  6.789   1.00 25.71 ? 2   ARG A NH2 1 
ATOM   12   N  N   . VAL A 1 3   ? -13.679 -5.113  6.948   1.00 16.02 ? 3   VAL A N   1 
ATOM   13   C  CA  . VAL A 1 3   ? -12.500 -4.307  6.702   1.00 16.40 ? 3   VAL A CA  1 
ATOM   14   C  C   . VAL A 1 3   ? -12.478 -3.024  7.522   1.00 16.76 ? 3   VAL A C   1 
ATOM   15   O  O   . VAL A 1 3   ? -11.462 -2.680  8.111   1.00 16.13 ? 3   VAL A O   1 
ATOM   16   C  CB  . VAL A 1 3   ? -12.392 -3.986  5.203   1.00 14.38 ? 3   VAL A CB  1 
ATOM   17   C  CG1 . VAL A 1 3   ? -11.360 -2.895  4.953   1.00 14.44 ? 3   VAL A CG1 1 
ATOM   18   C  CG2 . VAL A 1 3   ? -12.020 -5.258  4.441   1.00 16.38 ? 3   VAL A CG2 1 
ATOM   19   N  N   . GLU A 1 4   ? -13.602 -2.316  7.601   1.00 17.08 ? 4   GLU A N   1 
ATOM   20   C  CA  . GLU A 1 4   ? -13.557 -1.078  8.362   1.00 19.18 ? 4   GLU A CA  1 
ATOM   21   C  C   . GLU A 1 4   ? -13.198 -1.256  9.832   1.00 18.65 ? 4   GLU A C   1 
ATOM   22   O  O   . GLU A 1 4   ? -12.720 -0.319  10.463  1.00 19.71 ? 4   GLU A O   1 
ATOM   23   C  CB  . GLU A 1 4   ? -14.856 -0.293  8.246   1.00 22.67 ? 4   GLU A CB  1 
ATOM   24   C  CG  . GLU A 1 4   ? -16.093 -1.018  8.640   1.00 26.19 ? 4   GLU A CG  1 
ATOM   25   C  CD  . GLU A 1 4   ? -17.312 -0.114  8.534   1.00 28.89 ? 4   GLU A CD  1 
ATOM   26   O  OE1 . GLU A 1 4   ? -17.437 0.599   7.515   1.00 31.21 ? 4   GLU A OE1 1 
ATOM   27   O  OE2 . GLU A 1 4   ? -18.141 -0.119  9.462   1.00 31.04 ? 4   GLU A OE2 1 
ATOM   28   N  N   . ASP A 1 5   ? -13.403 -2.455  10.366  1.00 19.25 ? 5   ASP A N   1 
ATOM   29   C  CA  . ASP A 1 5   ? -13.098 -2.718  11.770  1.00 21.05 ? 5   ASP A CA  1 
ATOM   30   C  C   . ASP A 1 5   ? -11.618 -2.950  12.060  1.00 20.85 ? 5   ASP A C   1 
ATOM   31   O  O   . ASP A 1 5   ? -11.169 -2.786  13.193  1.00 22.66 ? 5   ASP A O   1 
ATOM   32   C  CB  . ASP A 1 5   ? -13.860 -3.955  12.266  1.00 22.67 ? 5   ASP A CB  1 
ATOM   33   C  CG  . ASP A 1 5   ? -15.363 -3.849  12.071  1.00 25.04 ? 5   ASP A CG  1 
ATOM   34   O  OD1 . ASP A 1 5   ? -15.940 -2.811  12.450  1.00 27.81 ? 5   ASP A OD1 1 
ATOM   35   O  OD2 . ASP A 1 5   ? -15.967 -4.811  11.552  1.00 26.55 ? 5   ASP A OD2 1 
ATOM   36   N  N   A VAL A 1 6   ? -10.879 -3.337  11.024  0.50 20.35 ? 6   VAL A N   1 
ATOM   37   N  N   B VAL A 1 6   ? -10.835 -3.303  11.047  0.50 20.03 ? 6   VAL A N   1 
ATOM   38   C  CA  A VAL A 1 6   ? -9.463  -3.688  11.134  0.50 20.38 ? 6   VAL A CA  1 
ATOM   39   C  CA  B VAL A 1 6   ? -9.416  -3.544  11.294  0.50 19.70 ? 6   VAL A CA  1 
ATOM   40   C  C   A VAL A 1 6   ? -8.493  -2.774  10.384  0.50 19.60 ? 6   VAL A C   1 
ATOM   41   C  C   B VAL A 1 6   ? -8.480  -2.634  10.499  0.50 19.32 ? 6   VAL A C   1 
ATOM   42   O  O   A VAL A 1 6   ? -7.283  -2.835  10.596  0.50 19.40 ? 6   VAL A O   1 
ATOM   43   O  O   B VAL A 1 6   ? -7.283  -2.573  10.780  0.50 19.02 ? 6   VAL A O   1 
ATOM   44   C  CB  A VAL A 1 6   ? -9.280  -5.137  10.629  0.50 21.20 ? 6   VAL A CB  1 
ATOM   45   C  CB  B VAL A 1 6   ? -9.041  -5.021  11.019  0.50 20.25 ? 6   VAL A CB  1 
ATOM   46   C  CG1 A VAL A 1 6   ? -9.894  -5.254  9.271   0.50 22.35 ? 6   VAL A CG1 1 
ATOM   47   C  CG1 B VAL A 1 6   ? -9.976  -5.956  11.781  0.50 18.06 ? 6   VAL A CG1 1 
ATOM   48   C  CG2 A VAL A 1 6   ? -7.820  -5.531  10.570  0.50 20.59 ? 6   VAL A CG2 1 
ATOM   49   C  CG2 B VAL A 1 6   ? -9.111  -5.308  9.551   0.50 19.87 ? 6   VAL A CG2 1 
HETATM 50   N  N   . MSE A 1 7   ? -9.025  -1.918  9.521   1.00 18.86 ? 7   MSE A N   1 
HETATM 51   C  CA  . MSE A 1 7   ? -8.195  -1.017  8.725   1.00 19.12 ? 7   MSE A CA  1 
HETATM 52   C  C   . MSE A 1 7   ? -7.538  0.084   9.535   1.00 19.80 ? 7   MSE A C   1 
HETATM 53   O  O   . MSE A 1 7   ? -7.976  0.428   10.638  1.00 20.70 ? 7   MSE A O   1 
HETATM 54   C  CB  . MSE A 1 7   ? -9.032  -0.350  7.646   1.00 19.98 ? 7   MSE A CB  1 
HETATM 55   C  CG  . MSE A 1 7   ? -10.043 0.634   8.226   1.00 19.43 ? 7   MSE A CG  1 
HETATM 56   SE SE  . MSE A 1 7   ? -11.009 1.545   6.845   0.91 25.43 ? 7   MSE A SE  1 
HETATM 57   C  CE  . MSE A 1 7   ? -12.153 2.640   7.946   1.00 23.00 ? 7   MSE A CE  1 
ATOM   58   N  N   . VAL A 1 8   ? -6.483  0.644   8.958   1.00 19.17 ? 8   VAL A N   1 
ATOM   59   C  CA  . VAL A 1 8   ? -5.762  1.759   9.546   1.00 19.87 ? 8   VAL A CA  1 
ATOM   60   C  C   . VAL A 1 8   ? -6.143  2.997   8.733   1.00 20.31 ? 8   VAL A C   1 
ATOM   61   O  O   . VAL A 1 8   ? -6.023  2.998   7.507   1.00 19.29 ? 8   VAL A O   1 
ATOM   62   C  CB  . VAL A 1 8   ? -4.244  1.536   9.451   1.00 22.03 ? 8   VAL A CB  1 
ATOM   63   C  CG1 . VAL A 1 8   ? -3.485  2.783   9.893   1.00 24.01 ? 8   VAL A CG1 1 
ATOM   64   C  CG2 . VAL A 1 8   ? -3.859  0.351   10.326  1.00 23.33 ? 8   VAL A CG2 1 
ATOM   65   N  N   . THR A 1 9   ? -6.628  4.043   9.396   1.00 20.91 ? 9   THR A N   1 
ATOM   66   C  CA  . THR A 1 9   ? -6.994  5.268   8.692   1.00 21.91 ? 9   THR A CA  1 
ATOM   67   C  C   . THR A 1 9   ? -5.860  6.299   8.739   1.00 21.92 ? 9   THR A C   1 
ATOM   68   O  O   . THR A 1 9   ? -5.797  7.229   7.925   1.00 22.95 ? 9   THR A O   1 
ATOM   69   C  CB  . THR A 1 9   ? -8.301  5.878   9.267   1.00 22.99 ? 9   THR A CB  1 
ATOM   70   O  OG1 . THR A 1 9   ? -8.174  6.030   10.689  1.00 25.14 ? 9   THR A OG1 1 
ATOM   71   C  CG2 . THR A 1 9   ? -9.489  4.974   8.949   1.00 24.06 ? 9   THR A CG2 1 
ATOM   72   N  N   . ASP A 1 10  ? -4.949  6.106   9.686   1.00 22.31 ? 10  ASP A N   1 
ATOM   73   C  CA  . ASP A 1 10  ? -3.791  6.971   9.863   1.00 24.73 ? 10  ASP A CA  1 
ATOM   74   C  C   . ASP A 1 10  ? -2.724  6.489   8.868   1.00 24.05 ? 10  ASP A C   1 
ATOM   75   O  O   . ASP A 1 10  ? -1.760  5.834   9.253   1.00 26.29 ? 10  ASP A O   1 
ATOM   76   C  CB  . ASP A 1 10  ? -3.310  6.811   11.310  1.00 27.87 ? 10  ASP A CB  1 
ATOM   77   C  CG  . ASP A 1 10  ? -2.115  7.662   11.631  1.00 31.35 ? 10  ASP A CG  1 
ATOM   78   O  OD1 . ASP A 1 10  ? -1.616  7.556   12.772  1.00 34.20 ? 10  ASP A OD1 1 
ATOM   79   O  OD2 . ASP A 1 10  ? -1.674  8.435   10.758  1.00 34.76 ? 10  ASP A OD2 1 
ATOM   80   N  N   . VAL A 1 11  ? -2.890  6.828   7.590   1.00 21.64 ? 11  VAL A N   1 
ATOM   81   C  CA  . VAL A 1 11  ? -1.947  6.340   6.580   1.00 20.09 ? 11  VAL A CA  1 
ATOM   82   C  C   . VAL A 1 11  ? -0.729  7.201   6.289   1.00 17.88 ? 11  VAL A C   1 
ATOM   83   O  O   . VAL A 1 11  ? -0.773  8.432   6.355   1.00 19.24 ? 11  VAL A O   1 
ATOM   84   C  CB  . VAL A 1 11  ? -2.654  6.079   5.214   1.00 20.71 ? 11  VAL A CB  1 
ATOM   85   C  CG1 . VAL A 1 11  ? -3.822  5.109   5.394   1.00 22.90 ? 11  VAL A CG1 1 
ATOM   86   C  CG2 . VAL A 1 11  ? -3.121  7.382   4.616   1.00 22.90 ? 11  VAL A CG2 1 
ATOM   87   N  N   . ASP A 1 12  ? 0.366   6.530   5.952   1.00 16.24 ? 12  ASP A N   1 
ATOM   88   C  CA  . ASP A 1 12  ? 1.601   7.206   5.577   1.00 15.89 ? 12  ASP A CA  1 
ATOM   89   C  C   . ASP A 1 12  ? 1.452   7.562   4.103   1.00 14.21 ? 12  ASP A C   1 
ATOM   90   O  O   . ASP A 1 12  ? 0.947   6.750   3.328   1.00 13.94 ? 12  ASP A O   1 
ATOM   91   C  CB  . ASP A 1 12  ? 2.793   6.268   5.771   1.00 18.67 ? 12  ASP A CB  1 
ATOM   92   C  CG  . ASP A 1 12  ? 3.000   5.882   7.234   1.00 23.86 ? 12  ASP A CG  1 
ATOM   93   O  OD1 . ASP A 1 12  ? 3.064   6.785   8.093   1.00 28.14 ? 12  ASP A OD1 1 
ATOM   94   O  OD2 . ASP A 1 12  ? 3.092   4.677   7.532   1.00 27.76 ? 12  ASP A OD2 1 
ATOM   95   N  N   . THR A 1 13  ? 1.862   8.760   3.721   1.00 13.35 ? 13  THR A N   1 
ATOM   96   C  CA  . THR A 1 13  ? 1.765   9.210   2.339   1.00 14.72 ? 13  THR A CA  1 
ATOM   97   C  C   . THR A 1 13  ? 3.118   9.625   1.785   1.00 14.27 ? 13  THR A C   1 
ATOM   98   O  O   . THR A 1 13  ? 4.059   9.923   2.535   1.00 16.34 ? 13  THR A O   1 
ATOM   99   C  CB  . THR A 1 13  ? 0.815   10.416  2.207   1.00 15.88 ? 13  THR A CB  1 
ATOM   100  O  OG1 . THR A 1 13  ? 1.288   11.470  3.057   1.00 18.66 ? 13  THR A OG1 1 
ATOM   101  C  CG2 . THR A 1 13  ? -0.590  10.056  2.631   1.00 16.53 ? 13  THR A CG2 1 
ATOM   102  N  N   . ILE A 1 14  ? 3.202   9.642   0.458   1.00 13.29 ? 14  ILE A N   1 
ATOM   103  C  CA  . ILE A 1 14  ? 4.407   10.057  -0.237  1.00 12.20 ? 14  ILE A CA  1 
ATOM   104  C  C   . ILE A 1 14  ? 3.981   10.782  -1.509  1.00 12.25 ? 14  ILE A C   1 
ATOM   105  O  O   . ILE A 1 14  ? 2.979   10.409  -2.128  1.00 13.20 ? 14  ILE A O   1 
ATOM   106  C  CB  . ILE A 1 14  ? 5.314   8.813   -0.531  1.00 11.63 ? 14  ILE A CB  1 
ATOM   107  C  CG1 . ILE A 1 14  ? 6.725   9.261   -0.902  1.00 13.89 ? 14  ILE A CG1 1 
ATOM   108  C  CG2 . ILE A 1 14  ? 4.708   7.926   -1.637  1.00 12.63 ? 14  ILE A CG2 1 
ATOM   109  C  CD1 . ILE A 1 14  ? 7.723   8.098   -0.977  1.00 13.43 ? 14  ILE A CD1 1 
ATOM   110  N  N   . ASP A 1 15  ? 4.698   11.830  -1.891  1.00 13.12 ? 15  ASP A N   1 
ATOM   111  C  CA  . ASP A 1 15  ? 4.324   12.555  -3.093  1.00 13.54 ? 15  ASP A CA  1 
ATOM   112  C  C   . ASP A 1 15  ? 4.588   11.740  -4.347  1.00 13.30 ? 15  ASP A C   1 
ATOM   113  O  O   . ASP A 1 15  ? 5.543   10.941  -4.401  1.00 12.73 ? 15  ASP A O   1 
ATOM   114  C  CB  . ASP A 1 15  ? 5.079   13.880  -3.205  1.00 15.42 ? 15  ASP A CB  1 
ATOM   115  C  CG  . ASP A 1 15  ? 4.507   14.771  -4.304  1.00 16.88 ? 15  ASP A CG  1 
ATOM   116  O  OD1 . ASP A 1 15  ? 3.337   15.182  -4.171  1.00 19.75 ? 15  ASP A OD1 1 
ATOM   117  O  OD2 . ASP A 1 15  ? 5.206   15.038  -5.310  1.00 19.87 ? 15  ASP A OD2 1 
ATOM   118  N  N   . ILE A 1 16  ? 3.763   11.987  -5.362  1.00 13.93 ? 16  ILE A N   1 
ATOM   119  C  CA  . ILE A 1 16  ? 3.857   11.284  -6.633  1.00 15.22 ? 16  ILE A CA  1 
ATOM   120  C  C   . ILE A 1 16  ? 5.201   11.468  -7.348  1.00 14.14 ? 16  ILE A C   1 
ATOM   121  O  O   . ILE A 1 16  ? 5.586   10.637  -8.174  1.00 15.21 ? 16  ILE A O   1 
ATOM   122  C  CB  . ILE A 1 16  ? 2.664   11.679  -7.551  1.00 15.51 ? 16  ILE A CB  1 
ATOM   123  C  CG1 . ILE A 1 16  ? 2.557   10.695  -8.716  1.00 17.77 ? 16  ILE A CG1 1 
ATOM   124  C  CG2 . ILE A 1 16  ? 2.808   13.135  -8.004  1.00 16.59 ? 16  ILE A CG2 1 
ATOM   125  C  CD1 . ILE A 1 16  ? 1.218   10.734  -9.426  1.00 20.31 ? 16  ILE A CD1 1 
ATOM   126  N  N   . THR A 1 17  ? 5.933   12.524  -6.999  1.00 13.96 ? 17  THR A N   1 
ATOM   127  C  CA  . THR A 1 17  ? 7.228   12.764  -7.631  1.00 14.87 ? 17  THR A CA  1 
ATOM   128  C  C   . THR A 1 17  ? 8.385   12.047  -6.926  1.00 13.35 ? 17  THR A C   1 
ATOM   129  O  O   . THR A 1 17  ? 9.530   12.137  -7.371  1.00 14.39 ? 17  THR A O   1 
ATOM   130  C  CB  . THR A 1 17  ? 7.567   14.275  -7.687  1.00 16.31 ? 17  THR A CB  1 
ATOM   131  O  OG1 . THR A 1 17  ? 7.705   14.781  -6.358  1.00 18.22 ? 17  THR A OG1 1 
ATOM   132  C  CG2 . THR A 1 17  ? 6.468   15.051  -8.416  1.00 18.34 ? 17  THR A CG2 1 
ATOM   133  N  N   . ALA A 1 18  ? 8.091   11.348  -5.828  1.00 11.73 ? 18  ALA A N   1 
ATOM   134  C  CA  . ALA A 1 18  ? 9.139   10.625  -5.108  1.00 10.81 ? 18  ALA A CA  1 
ATOM   135  C  C   . ALA A 1 18  ? 9.655   9.431   -5.905  1.00 10.25 ? 18  ALA A C   1 
ATOM   136  O  O   . ALA A 1 18  ? 9.041   9.026   -6.908  1.00 10.60 ? 18  ALA A O   1 
ATOM   137  C  CB  . ALA A 1 18  ? 8.618   10.151  -3.761  1.00 11.96 ? 18  ALA A CB  1 
ATOM   138  N  N   . SER A 1 19  ? 10.784  8.880   -5.470  1.00 9.66  ? 19  SER A N   1 
ATOM   139  C  CA  . SER A 1 19  ? 11.393  7.736   -6.138  1.00 10.19 ? 19  SER A CA  1 
ATOM   140  C  C   . SER A 1 19  ? 11.426  6.497   -5.247  1.00 9.76  ? 19  SER A C   1 
ATOM   141  O  O   . SER A 1 19  ? 11.125  6.556   -4.047  1.00 9.47  ? 19  SER A O   1 
ATOM   142  C  CB  . SER A 1 19  ? 12.843  8.040   -6.522  1.00 11.68 ? 19  SER A CB  1 
ATOM   143  O  OG  . SER A 1 19  ? 13.661  8.051   -5.357  1.00 13.12 ? 19  SER A OG  1 
ATOM   144  N  N   . LEU A 1 20  ? 11.821  5.369   -5.845  1.00 9.83  ? 20  LEU A N   1 
ATOM   145  C  CA  . LEU A 1 20  ? 11.963  4.137   -5.081  1.00 8.72  ? 20  LEU A CA  1 
ATOM   146  C  C   . LEU A 1 20  ? 13.119  4.251   -4.073  1.00 9.42  ? 20  LEU A C   1 
ATOM   147  O  O   . LEU A 1 20  ? 13.158  3.503   -3.099  1.00 9.78  ? 20  LEU A O   1 
ATOM   148  C  CB  . LEU A 1 20  ? 12.141  2.928   -6.020  1.00 9.66  ? 20  LEU A CB  1 
ATOM   149  C  CG  . LEU A 1 20  ? 10.828  2.521   -6.699  1.00 10.06 ? 20  LEU A CG  1 
ATOM   150  C  CD1 . LEU A 1 20  ? 11.099  1.246   -7.491  1.00 11.15 ? 20  LEU A CD1 1 
ATOM   151  C  CD2 . LEU A 1 20  ? 9.690   2.278   -5.671  1.00 12.09 ? 20  LEU A CD2 1 
ATOM   152  N  N   . GLU A 1 21  ? 14.070  5.157   -4.310  1.00 10.00 ? 21  GLU A N   1 
ATOM   153  C  CA  . GLU A 1 21  ? 15.137  5.357   -3.328  1.00 11.01 ? 21  GLU A CA  1 
ATOM   154  C  C   . GLU A 1 21  ? 14.495  5.947   -2.060  1.00 9.79  ? 21  GLU A C   1 
ATOM   155  O  O   . GLU A 1 21  ? 14.878  5.594   -0.950  1.00 10.06 ? 21  GLU A O   1 
ATOM   156  C  CB  . GLU A 1 21  ? 16.198  6.304   -3.897  1.00 13.98 ? 21  GLU A CB  1 
ATOM   157  C  CG  . GLU A 1 21  ? 17.424  6.495   -3.015  1.00 20.52 ? 21  GLU A CG  1 
ATOM   158  C  CD  . GLU A 1 21  ? 18.264  7.680   -3.479  1.00 27.14 ? 21  GLU A CD  1 
ATOM   159  O  OE1 . GLU A 1 21  ? 17.722  8.809   -3.525  1.00 31.78 ? 21  GLU A OE1 1 
ATOM   160  O  OE2 . GLU A 1 21  ? 19.452  7.489   -3.792  1.00 32.02 ? 21  GLU A OE2 1 
ATOM   161  N  N   . ASP A 1 22  ? 13.502  6.820   -2.227  1.00 9.19  ? 22  ASP A N   1 
ATOM   162  C  CA  . ASP A 1 22  ? 12.807  7.385   -1.075  1.00 9.85  ? 22  ASP A CA  1 
ATOM   163  C  C   . ASP A 1 22  ? 12.017  6.290   -0.349  1.00 10.29 ? 22  ASP A C   1 
ATOM   164  O  O   . ASP A 1 22  ? 12.004  6.239   0.878   1.00 10.90 ? 22  ASP A O   1 
ATOM   165  C  CB  . ASP A 1 22  ? 11.841  8.497   -1.517  1.00 11.15 ? 22  ASP A CB  1 
ATOM   166  C  CG  . ASP A 1 22  ? 12.544  9.676   -2.162  1.00 14.17 ? 22  ASP A CG  1 
ATOM   167  O  OD1 . ASP A 1 22  ? 13.587  10.121  -1.640  1.00 15.72 ? 22  ASP A OD1 1 
ATOM   168  O  OD2 . ASP A 1 22  ? 12.039  10.184  -3.181  1.00 13.61 ? 22  ASP A OD2 1 
ATOM   169  N  N   . VAL A 1 23  ? 11.352  5.403   -1.102  1.00 8.82  ? 23  VAL A N   1 
ATOM   170  C  CA  . VAL A 1 23  ? 10.589  4.320   -0.478  1.00 8.64  ? 23  VAL A CA  1 
ATOM   171  C  C   . VAL A 1 23  ? 11.531  3.403   0.299   1.00 8.70  ? 23  VAL A C   1 
ATOM   172  O  O   . VAL A 1 23  ? 11.210  2.985   1.415   1.00 9.32  ? 23  VAL A O   1 
ATOM   173  C  CB  . VAL A 1 23  ? 9.816   3.542   -1.568  1.00 8.48  ? 23  VAL A CB  1 
ATOM   174  C  CG1 . VAL A 1 23  ? 9.074   2.333   -0.961  1.00 9.30  ? 23  VAL A CG1 1 
ATOM   175  C  CG2 . VAL A 1 23  ? 8.816   4.466   -2.219  1.00 9.03  ? 23  VAL A CG2 1 
ATOM   176  N  N   . LEU A 1 24  ? 12.695  3.100   -0.274  1.00 8.01  ? 24  LEU A N   1 
ATOM   177  C  CA  . LEU A 1 24  ? 13.669  2.275   0.408   1.00 8.51  ? 24  LEU A CA  1 
ATOM   178  C  C   . LEU A 1 24  ? 14.133  2.936   1.707   1.00 8.87  ? 24  LEU A C   1 
ATOM   179  O  O   . LEU A 1 24  ? 14.203  2.287   2.770   1.00 9.45  ? 24  LEU A O   1 
ATOM   180  C  CB  . LEU A 1 24  ? 14.878  2.015   -0.499  1.00 9.56  ? 24  LEU A CB  1 
ATOM   181  C  CG  . LEU A 1 24  ? 16.040  1.278   0.165   1.00 11.25 ? 24  LEU A CG  1 
ATOM   182  C  CD1 . LEU A 1 24  ? 15.569  -0.087  0.692   1.00 12.50 ? 24  LEU A CD1 1 
ATOM   183  C  CD2 . LEU A 1 24  ? 17.191  1.124   -0.836  1.00 14.39 ? 24  LEU A CD2 1 
ATOM   184  N  N   A ARG A 1 25  ? 14.449  4.229   1.624   0.50 9.36  ? 25  ARG A N   1 
ATOM   185  N  N   B ARG A 1 25  ? 14.464  4.225   1.629   0.50 9.03  ? 25  ARG A N   1 
ATOM   186  C  CA  A ARG A 1 25  ? 14.925  4.959   2.791   0.50 10.19 ? 25  ARG A CA  1 
ATOM   187  C  CA  B ARG A 1 25  ? 14.953  4.932   2.804   0.50 9.40  ? 25  ARG A CA  1 
ATOM   188  C  C   A ARG A 1 25  ? 13.868  4.962   3.887   0.50 10.08 ? 25  ARG A C   1 
ATOM   189  C  C   B ARG A 1 25  ? 13.872  4.989   3.893   0.50 9.59  ? 25  ARG A C   1 
ATOM   190  O  O   A ARG A 1 25  ? 14.183  4.747   5.064   0.50 11.12 ? 25  ARG A O   1 
ATOM   191  O  O   B ARG A 1 25  ? 14.178  4.838   5.079   0.50 10.54 ? 25  ARG A O   1 
ATOM   192  C  CB  A ARG A 1 25  ? 15.255  6.397   2.403   0.50 10.92 ? 25  ARG A CB  1 
ATOM   193  C  CB  B ARG A 1 25  ? 15.401  6.337   2.400   0.50 9.64  ? 25  ARG A CB  1 
ATOM   194  C  CG  A ARG A 1 25  ? 15.822  7.227   3.553   0.50 11.39 ? 25  ARG A CG  1 
ATOM   195  C  CG  B ARG A 1 25  ? 16.129  7.105   3.506   0.50 9.27  ? 25  ARG A CG  1 
ATOM   196  C  CD  A ARG A 1 25  ? 16.081  8.664   3.126   0.50 12.30 ? 25  ARG A CD  1 
ATOM   197  C  CD  B ARG A 1 25  ? 16.423  8.548   3.090   0.50 9.57  ? 25  ARG A CD  1 
ATOM   198  N  NE  A ARG A 1 25  ? 16.835  8.749   1.875   0.50 14.87 ? 25  ARG A NE  1 
ATOM   199  N  NE  B ARG A 1 25  ? 15.217  9.287   2.730   0.50 9.29  ? 25  ARG A NE  1 
ATOM   200  C  CZ  A ARG A 1 25  ? 16.312  9.137   0.712   0.50 13.75 ? 25  ARG A CZ  1 
ATOM   201  C  CZ  B ARG A 1 25  ? 14.849  9.601   1.484   0.50 9.67  ? 25  ARG A CZ  1 
ATOM   202  N  NH1 A ARG A 1 25  ? 15.036  9.480   0.636   0.50 14.80 ? 25  ARG A NH1 1 
ATOM   203  N  NH1 B ARG A 1 25  ? 15.614  9.258   0.454   0.50 10.28 ? 25  ARG A NH1 1 
ATOM   204  N  NH2 A ARG A 1 25  ? 17.047  9.187   -0.392  0.50 15.23 ? 25  ARG A NH2 1 
ATOM   205  N  NH2 B ARG A 1 25  ? 13.730  10.275  1.236   0.50 11.31 ? 25  ARG A NH2 1 
ATOM   206  N  N   . ASN A 1 26  ? 12.616  5.200   3.513   1.00 9.82  ? 26  ASN A N   1 
ATOM   207  C  CA  . ASN A 1 26  ? 11.530  5.230   4.491   1.00 10.00 ? 26  ASN A CA  1 
ATOM   208  C  C   . ASN A 1 26  ? 11.417  3.889   5.205   1.00 10.21 ? 26  ASN A C   1 
ATOM   209  O  O   . ASN A 1 26  ? 11.072  3.842   6.378   1.00 11.01 ? 26  ASN A O   1 
ATOM   210  C  CB  . ASN A 1 26  ? 10.204  5.586   3.821   1.00 12.90 ? 26  ASN A CB  1 
ATOM   211  C  CG  . ASN A 1 26  ? 10.168  7.021   3.324   1.00 15.34 ? 26  ASN A CG  1 
ATOM   212  O  OD1 . ASN A 1 26  ? 10.959  7.866   3.762   1.00 18.17 ? 26  ASN A OD1 1 
ATOM   213  N  ND2 . ASN A 1 26  ? 9.261   7.301   2.407   1.00 16.87 ? 26  ASN A ND2 1 
ATOM   214  N  N   . TYR A 1 27  ? 11.684  2.795   4.498   1.00 9.57  ? 27  TYR A N   1 
ATOM   215  C  CA  . TYR A 1 27  ? 11.660  1.488   5.131   1.00 9.99  ? 27  TYR A CA  1 
ATOM   216  C  C   . TYR A 1 27  ? 12.848  1.274   6.075   1.00 9.65  ? 27  TYR A C   1 
ATOM   217  O  O   . TYR A 1 27  ? 12.675  0.892   7.236   1.00 10.70 ? 27  TYR A O   1 
ATOM   218  C  CB  . TYR A 1 27  ? 11.676  0.395   4.060   1.00 10.41 ? 27  TYR A CB  1 
ATOM   219  C  CG  . TYR A 1 27  ? 11.669  -0.998  4.635   1.00 12.75 ? 27  TYR A CG  1 
ATOM   220  C  CD1 . TYR A 1 27  ? 10.611  -1.426  5.423   1.00 14.21 ? 27  TYR A CD1 1 
ATOM   221  C  CD2 . TYR A 1 27  ? 12.670  -1.914  4.311   1.00 16.01 ? 27  TYR A CD2 1 
ATOM   222  C  CE1 . TYR A 1 27  ? 10.514  -2.731  5.871   1.00 17.55 ? 27  TYR A CE1 1 
ATOM   223  C  CE2 . TYR A 1 27  ? 12.583  -3.249  4.754   1.00 18.39 ? 27  TYR A CE2 1 
ATOM   224  C  CZ  . TYR A 1 27  ? 11.499  -3.640  5.524   1.00 19.39 ? 27  TYR A CZ  1 
ATOM   225  O  OH  . TYR A 1 27  ? 11.343  -4.961  5.903   1.00 23.28 ? 27  TYR A OH  1 
ATOM   226  N  N   . VAL A 1 28  ? 14.053  1.536   5.585   1.00 10.27 ? 28  VAL A N   1 
ATOM   227  C  CA  . VAL A 1 28  ? 15.234  1.295   6.394   1.00 12.44 ? 28  VAL A CA  1 
ATOM   228  C  C   . VAL A 1 28  ? 15.335  2.220   7.599   1.00 11.92 ? 28  VAL A C   1 
ATOM   229  O  O   . VAL A 1 28  ? 15.718  1.775   8.689   1.00 14.06 ? 28  VAL A O   1 
ATOM   230  C  CB  . VAL A 1 28  ? 16.512  1.407   5.527   1.00 13.29 ? 28  VAL A CB  1 
ATOM   231  C  CG1 . VAL A 1 28  ? 17.762  1.215   6.392   1.00 17.18 ? 28  VAL A CG1 1 
ATOM   232  C  CG2 . VAL A 1 28  ? 16.492  0.339   4.445   1.00 15.91 ? 28  VAL A CG2 1 
ATOM   233  N  N   . GLU A 1 29  ? 14.975  3.487   7.427   1.00 10.43 ? 29  GLU A N   1 
ATOM   234  C  CA  . GLU A 1 29  ? 15.085  4.443   8.539   1.00 11.21 ? 29  GLU A CA  1 
ATOM   235  C  C   . GLU A 1 29  ? 13.873  4.509   9.468   1.00 12.27 ? 29  GLU A C   1 
ATOM   236  O  O   . GLU A 1 29  ? 14.030  4.710   10.682  1.00 12.81 ? 29  GLU A O   1 
ATOM   237  C  CB  . GLU A 1 29  ? 15.351  5.857   8.007   1.00 11.23 ? 29  GLU A CB  1 
ATOM   238  C  CG  . GLU A 1 29  ? 16.661  5.927   7.250   1.00 12.93 ? 29  GLU A CG  1 
ATOM   239  C  CD  . GLU A 1 29  ? 17.131  7.332   6.881   1.00 12.29 ? 29  GLU A CD  1 
ATOM   240  O  OE1 . GLU A 1 29  ? 16.388  8.325   7.021   1.00 13.98 ? 29  GLU A OE1 1 
ATOM   241  O  OE2 . GLU A 1 29  ? 18.286  7.413   6.430   1.00 14.30 ? 29  GLU A OE2 1 
ATOM   242  N  N   . ASN A 1 30  ? 12.674  4.318   8.936   1.00 10.32 ? 30  ASN A N   1 
ATOM   243  C  CA  . ASN A 1 30  ? 11.464  4.487   9.727   1.00 11.30 ? 30  ASN A CA  1 
ATOM   244  C  C   . ASN A 1 30  ? 10.545  3.281   9.778   1.00 11.37 ? 30  ASN A C   1 
ATOM   245  O  O   . ASN A 1 30  ? 9.453   3.381   10.319  1.00 12.95 ? 30  ASN A O   1 
ATOM   246  C  CB  . ASN A 1 30  ? 10.693  5.687   9.199   1.00 11.13 ? 30  ASN A CB  1 
ATOM   247  C  CG  . ASN A 1 30  ? 11.528  6.960   9.168   1.00 12.53 ? 30  ASN A CG  1 
ATOM   248  O  OD1 . ASN A 1 30  ? 11.523  7.693   8.181   1.00 16.47 ? 30  ASN A OD1 1 
ATOM   249  N  ND2 . ASN A 1 30  ? 12.237  7.233   10.262  1.00 10.02 ? 30  ASN A ND2 1 
ATOM   250  N  N   . ALA A 1 31  ? 10.982  2.172   9.197   1.00 11.66 ? 31  ALA A N   1 
ATOM   251  C  CA  . ALA A 1 31  ? 10.201  0.936   9.201   1.00 11.76 ? 31  ALA A CA  1 
ATOM   252  C  C   . ALA A 1 31  ? 8.859   1.023   8.472   1.00 11.77 ? 31  ALA A C   1 
ATOM   253  O  O   . ALA A 1 31  ? 7.913   0.292   8.812   1.00 14.75 ? 31  ALA A O   1 
ATOM   254  C  CB  . ALA A 1 31  ? 10.002  0.435   10.654  1.00 12.39 ? 31  ALA A CB  1 
ATOM   255  N  N   A LYS A 1 32  ? 8.767   1.902   7.470   0.50 11.52 ? 32  LYS A N   1 
ATOM   256  N  N   B LYS A 1 32  ? 8.783   1.900   7.477   0.50 11.04 ? 32  LYS A N   1 
ATOM   257  C  CA  A LYS A 1 32  ? 7.538   2.060   6.680   0.50 12.09 ? 32  LYS A CA  1 
ATOM   258  C  CA  B LYS A 1 32  ? 7.572   2.024   6.690   0.50 11.20 ? 32  LYS A CA  1 
ATOM   259  C  C   A LYS A 1 32  ? 7.593   1.135   5.464   0.50 10.52 ? 32  LYS A C   1 
ATOM   260  C  C   B LYS A 1 32  ? 7.697   1.024   5.547   0.50 10.09 ? 32  LYS A C   1 
ATOM   261  O  O   A LYS A 1 32  ? 8.390   1.346   4.550   0.50 10.90 ? 32  LYS A O   1 
ATOM   262  O  O   B LYS A 1 32  ? 8.673   1.041   4.799   0.50 10.25 ? 32  LYS A O   1 
ATOM   263  C  CB  A LYS A 1 32  ? 7.380   3.507   6.210   0.50 14.81 ? 32  LYS A CB  1 
ATOM   264  C  CB  B LYS A 1 32  ? 7.429   3.429   6.108   0.50 12.58 ? 32  LYS A CB  1 
ATOM   265  C  CG  A LYS A 1 32  ? 7.180   4.513   7.338   0.50 17.53 ? 32  LYS A CG  1 
ATOM   266  C  CG  B LYS A 1 32  ? 7.121   4.506   7.134   0.50 13.57 ? 32  LYS A CG  1 
ATOM   267  C  CD  A LYS A 1 32  ? 5.757   4.508   7.888   0.50 20.49 ? 32  LYS A CD  1 
ATOM   268  C  CD  B LYS A 1 32  ? 7.128   5.858   6.473   0.50 13.96 ? 32  LYS A CD  1 
ATOM   269  C  CE  A LYS A 1 32  ? 5.338   3.174   8.508   0.50 22.14 ? 32  LYS A CE  1 
ATOM   270  C  CE  B LYS A 1 32  ? 6.869   6.975   7.473   0.50 15.68 ? 32  LYS A CE  1 
ATOM   271  N  NZ  A LYS A 1 32  ? 4.004   3.238   9.170   0.50 24.79 ? 32  LYS A NZ  1 
ATOM   272  N  NZ  B LYS A 1 32  ? 7.010   8.282   6.789   0.50 16.82 ? 32  LYS A NZ  1 
ATOM   273  N  N   . GLY A 1 33  ? 6.725   0.125   5.458   1.00 9.79  ? 33  GLY A N   1 
ATOM   274  C  CA  . GLY A 1 33  ? 6.718   -0.860  4.382   1.00 10.08 ? 33  GLY A CA  1 
ATOM   275  C  C   . GLY A 1 33  ? 5.995   -0.405  3.129   1.00 9.60  ? 33  GLY A C   1 
ATOM   276  O  O   . GLY A 1 33  ? 6.118   -1.043  2.068   1.00 9.75  ? 33  GLY A O   1 
ATOM   277  N  N   . SER A 1 34  ? 5.259   0.696   3.226   1.00 9.15  ? 34  SER A N   1 
ATOM   278  C  CA  . SER A 1 34  ? 4.485   1.200   2.092   1.00 10.03 ? 34  SER A CA  1 
ATOM   279  C  C   . SER A 1 34  ? 4.053   2.636   2.358   1.00 9.91  ? 34  SER A C   1 
ATOM   280  O  O   . SER A 1 34  ? 4.164   3.135   3.492   1.00 11.07 ? 34  SER A O   1 
ATOM   281  C  CB  . SER A 1 34  ? 3.216   0.345   1.893   1.00 10.49 ? 34  SER A CB  1 
ATOM   282  O  OG  . SER A 1 34  ? 2.273   0.532   2.935   1.00 12.88 ? 34  SER A OG  1 
ATOM   283  N  N   . SER A 1 35  ? 3.590   3.296   1.317   1.00 9.59  ? 35  SER A N   1 
ATOM   284  C  CA  . SER A 1 35  ? 3.048   4.639   1.428   1.00 10.23 ? 35  SER A CA  1 
ATOM   285  C  C   . SER A 1 35  ? 1.929   4.792   0.404   1.00 10.69 ? 35  SER A C   1 
ATOM   286  O  O   . SER A 1 35  ? 1.974   4.191   -0.688  1.00 9.45  ? 35  SER A O   1 
ATOM   287  C  CB  . SER A 1 35  ? 4.099   5.712   1.136   1.00 12.29 ? 35  SER A CB  1 
ATOM   288  O  OG  . SER A 1 35  ? 5.056   5.783   2.178   1.00 14.33 ? 35  SER A OG  1 
ATOM   289  N  N   . VAL A 1 36  ? 0.908   5.560   0.764   1.00 10.01 ? 36  VAL A N   1 
ATOM   290  C  CA  . VAL A 1 36  ? -0.161  5.906   -0.170  1.00 10.72 ? 36  VAL A CA  1 
ATOM   291  C  C   . VAL A 1 36  ? 0.376   7.115   -0.963  1.00 10.04 ? 36  VAL A C   1 
ATOM   292  O  O   . VAL A 1 36  ? 0.829   8.128   -0.384  1.00 11.98 ? 36  VAL A O   1 
ATOM   293  C  CB  . VAL A 1 36  ? -1.438  6.299   0.581   1.00 11.02 ? 36  VAL A CB  1 
ATOM   294  C  CG1 . VAL A 1 36  ? -2.466  6.869   -0.374  1.00 13.01 ? 36  VAL A CG1 1 
ATOM   295  C  CG2 . VAL A 1 36  ? -1.986  5.097   1.301   1.00 12.12 ? 36  VAL A CG2 1 
ATOM   296  N  N   . VAL A 1 37  ? 0.365   7.014   -2.291  1.00 10.67 ? 37  VAL A N   1 
ATOM   297  C  CA  . VAL A 1 37  ? 0.885   8.067   -3.154  1.00 10.66 ? 37  VAL A CA  1 
ATOM   298  C  C   . VAL A 1 37  ? -0.152  9.178   -3.280  1.00 12.22 ? 37  VAL A C   1 
ATOM   299  O  O   . VAL A 1 37  ? -1.339  8.917   -3.477  1.00 12.48 ? 37  VAL A O   1 
ATOM   300  C  CB  . VAL A 1 37  ? 1.244   7.505   -4.570  1.00 10.39 ? 37  VAL A CB  1 
ATOM   301  C  CG1 . VAL A 1 37  ? 1.762   8.605   -5.462  1.00 12.95 ? 37  VAL A CG1 1 
ATOM   302  C  CG2 . VAL A 1 37  ? 2.299   6.383   -4.422  1.00 11.39 ? 37  VAL A CG2 1 
ATOM   303  N  N   . VAL A 1 38  ? 0.313   10.414  -3.161  1.00 12.34 ? 38  VAL A N   1 
ATOM   304  C  CA  . VAL A 1 38  ? -0.568  11.578  -3.251  1.00 13.74 ? 38  VAL A CA  1 
ATOM   305  C  C   . VAL A 1 38  ? -0.127  12.503  -4.370  1.00 15.18 ? 38  VAL A C   1 
ATOM   306  O  O   . VAL A 1 38  ? 1.064   12.791  -4.521  1.00 16.12 ? 38  VAL A O   1 
ATOM   307  C  CB  . VAL A 1 38  ? -0.544  12.367  -1.925  1.00 14.63 ? 38  VAL A CB  1 
ATOM   308  C  CG1 . VAL A 1 38  ? -1.295  13.687  -2.065  1.00 18.05 ? 38  VAL A CG1 1 
ATOM   309  C  CG2 . VAL A 1 38  ? -1.185  11.553  -0.841  1.00 15.74 ? 38  VAL A CG2 1 
ATOM   310  N  N   . LYS A 1 39  ? -1.105  12.954  -5.146  1.00 16.75 ? 39  LYS A N   1 
ATOM   311  C  CA  . LYS A 1 39  ? -0.877  13.889  -6.242  1.00 18.90 ? 39  LYS A CA  1 
ATOM   312  C  C   . LYS A 1 39  ? -1.752  15.110  -5.958  1.00 20.72 ? 39  LYS A C   1 
ATOM   313  O  O   . LYS A 1 39  ? -2.979  15.017  -5.994  1.00 20.48 ? 39  LYS A O   1 
ATOM   314  C  CB  . LYS A 1 39  ? -1.268  13.283  -7.592  1.00 20.16 ? 39  LYS A CB  1 
ATOM   315  C  CG  . LYS A 1 39  ? -1.031  14.253  -8.770  1.00 24.47 ? 39  LYS A CG  1 
ATOM   316  C  CD  . LYS A 1 39  ? 0.132   15.186  -8.437  1.00 29.21 ? 39  LYS A CD  1 
ATOM   317  C  CE  . LYS A 1 39  ? 1.022   15.525  -9.616  1.00 32.34 ? 39  LYS A CE  1 
ATOM   318  N  NZ  . LYS A 1 39  ? 2.077   16.484  -9.149  1.00 32.90 ? 39  LYS A NZ  1 
ATOM   319  N  N   . GLU A 1 40  ? -1.103  16.232  -5.650  1.00 23.04 ? 40  GLU A N   1 
ATOM   320  C  CA  . GLU A 1 40  ? -1.804  17.480  -5.344  1.00 26.01 ? 40  GLU A CA  1 
ATOM   321  C  C   . GLU A 1 40  ? -2.934  17.261  -4.343  1.00 26.13 ? 40  GLU A C   1 
ATOM   322  O  O   . GLU A 1 40  ? -4.092  17.623  -4.601  1.00 27.63 ? 40  GLU A O   1 
ATOM   323  C  CB  . GLU A 1 40  ? -2.364  18.102  -6.622  1.00 28.80 ? 40  GLU A CB  1 
ATOM   324  C  CG  . GLU A 1 40  ? -1.327  18.361  -7.708  1.00 33.91 ? 40  GLU A CG  1 
ATOM   325  C  CD  . GLU A 1 40  ? -0.257  19.354  -7.290  1.00 37.63 ? 40  GLU A CD  1 
ATOM   326  O  OE1 . GLU A 1 40  ? 0.383   19.941  -8.194  1.00 41.26 ? 40  GLU A OE1 1 
ATOM   327  O  OE2 . GLU A 1 40  ? -0.045  19.550  -6.070  1.00 40.74 ? 40  GLU A OE2 1 
ATOM   328  N  N   . GLY A 1 41  ? -2.594  16.643  -3.218  1.00 25.16 ? 41  GLY A N   1 
ATOM   329  C  CA  . GLY A 1 41  ? -3.571  16.397  -2.171  1.00 24.28 ? 41  GLY A CA  1 
ATOM   330  C  C   . GLY A 1 41  ? -4.564  15.261  -2.365  1.00 24.08 ? 41  GLY A C   1 
ATOM   331  O  O   . GLY A 1 41  ? -5.415  15.047  -1.500  1.00 25.94 ? 41  GLY A O   1 
ATOM   332  N  N   . VAL A 1 42  ? -4.481  14.537  -3.472  1.00 21.64 ? 42  VAL A N   1 
ATOM   333  C  CA  . VAL A 1 42  ? -5.411  13.435  -3.700  1.00 19.41 ? 42  VAL A CA  1 
ATOM   334  C  C   . VAL A 1 42  ? -4.663  12.104  -3.642  1.00 17.16 ? 42  VAL A C   1 
ATOM   335  O  O   . VAL A 1 42  ? -3.626  11.947  -4.278  1.00 17.11 ? 42  VAL A O   1 
ATOM   336  C  CB  . VAL A 1 42  ? -6.092  13.553  -5.066  1.00 19.84 ? 42  VAL A CB  1 
ATOM   337  C  CG1 . VAL A 1 42  ? -7.095  12.430  -5.252  1.00 20.86 ? 42  VAL A CG1 1 
ATOM   338  C  CG2 . VAL A 1 42  ? -6.796  14.911  -5.170  1.00 21.43 ? 42  VAL A CG2 1 
ATOM   339  N  N   . ARG A 1 43  ? -5.190  11.164  -2.866  1.00 15.96 ? 43  ARG A N   1 
ATOM   340  C  CA  . ARG A 1 43  ? -4.562  9.834   -2.750  1.00 13.70 ? 43  ARG A CA  1 
ATOM   341  C  C   . ARG A 1 43  ? -4.879  9.082   -4.027  1.00 15.43 ? 43  ARG A C   1 
ATOM   342  O  O   . ARG A 1 43  ? -6.049  8.947   -4.399  1.00 16.08 ? 43  ARG A O   1 
ATOM   343  C  CB  . ARG A 1 43  ? -5.117  9.111   -1.543  1.00 13.85 ? 43  ARG A CB  1 
ATOM   344  C  CG  . ARG A 1 43  ? -4.720  9.778   -0.233  1.00 14.74 ? 43  ARG A CG  1 
ATOM   345  C  CD  . ARG A 1 43  ? -5.554  9.269   0.914   1.00 15.96 ? 43  ARG A CD  1 
ATOM   346  N  NE  . ARG A 1 43  ? -5.165  9.864   2.189   1.00 17.31 ? 43  ARG A NE  1 
ATOM   347  C  CZ  . ARG A 1 43  ? -5.730  9.549   3.348   1.00 19.25 ? 43  ARG A CZ  1 
ATOM   348  N  NH1 . ARG A 1 43  ? -6.711  8.651   3.404   1.00 19.25 ? 43  ARG A NH1 1 
ATOM   349  N  NH2 . ARG A 1 43  ? -5.316  10.144  4.463   1.00 21.82 ? 43  ARG A NH2 1 
ATOM   350  N  N   . VAL A 1 44  ? -3.843  8.592   -4.704  1.00 13.39 ? 44  VAL A N   1 
ATOM   351  C  CA  . VAL A 1 44  ? -4.026  7.926   -5.986  1.00 13.30 ? 44  VAL A CA  1 
ATOM   352  C  C   . VAL A 1 44  ? -3.500  6.498   -6.150  1.00 11.92 ? 44  VAL A C   1 
ATOM   353  O  O   . VAL A 1 44  ? -3.698  5.899   -7.196  1.00 12.80 ? 44  VAL A O   1 
ATOM   354  C  CB  . VAL A 1 44  ? -3.421  8.777   -7.143  1.00 13.39 ? 44  VAL A CB  1 
ATOM   355  C  CG1 . VAL A 1 44  ? -4.172  10.123  -7.253  1.00 16.07 ? 44  VAL A CG1 1 
ATOM   356  C  CG2 . VAL A 1 44  ? -1.927  9.018   -6.907  1.00 14.34 ? 44  VAL A CG2 1 
ATOM   357  N  N   . GLY A 1 45  ? -2.839  5.952   -5.142  1.00 11.75 ? 45  GLY A N   1 
ATOM   358  C  CA  . GLY A 1 45  ? -2.347  4.591   -5.271  1.00 11.19 ? 45  GLY A CA  1 
ATOM   359  C  C   . GLY A 1 45  ? -1.465  4.240   -4.095  1.00 9.87  ? 45  GLY A C   1 
ATOM   360  O  O   . GLY A 1 45  ? -1.365  5.000   -3.126  1.00 10.31 ? 45  GLY A O   1 
ATOM   361  N  N   . ILE A 1 46  ? -0.834  3.075   -4.171  1.00 7.80  ? 46  ILE A N   1 
ATOM   362  C  CA  . ILE A 1 46  ? 0.062   2.609   -3.106  1.00 7.93  ? 46  ILE A CA  1 
ATOM   363  C  C   . ILE A 1 46  ? 1.391   2.145   -3.715  1.00 8.38  ? 46  ILE A C   1 
ATOM   364  O  O   . ILE A 1 46  ? 1.414   1.613   -4.836  1.00 7.95  ? 46  ILE A O   1 
ATOM   365  C  CB  . ILE A 1 46  ? -0.601  1.468   -2.275  1.00 8.19  ? 46  ILE A CB  1 
ATOM   366  C  CG1 . ILE A 1 46  ? 0.190   1.223   -0.981  1.00 9.59  ? 46  ILE A CG1 1 
ATOM   367  C  CG2 . ILE A 1 46  ? -0.727  0.187   -3.105  1.00 10.59 ? 46  ILE A CG2 1 
ATOM   368  C  CD1 . ILE A 1 46  ? -0.491  0.237   -0.044  1.00 10.57 ? 46  ILE A CD1 1 
ATOM   369  N  N   . VAL A 1 47  ? 2.495   2.389   -3.006  1.00 7.91  ? 47  VAL A N   1 
ATOM   370  C  CA  . VAL A 1 47  ? 3.816   1.936   -3.439  1.00 8.34  ? 47  VAL A CA  1 
ATOM   371  C  C   . VAL A 1 47  ? 4.382   1.208   -2.232  1.00 7.72  ? 47  VAL A C   1 
ATOM   372  O  O   . VAL A 1 47  ? 4.162   1.625   -1.070  1.00 8.00  ? 47  VAL A O   1 
ATOM   373  C  CB  . VAL A 1 47  ? 4.710   3.110   -3.937  1.00 8.12  ? 47  VAL A CB  1 
ATOM   374  C  CG1 . VAL A 1 47  ? 4.965   4.133   -2.824  1.00 9.48  ? 47  VAL A CG1 1 
ATOM   375  C  CG2 . VAL A 1 47  ? 5.997   2.562   -4.475  1.00 10.32 ? 47  VAL A CG2 1 
ATOM   376  N  N   . THR A 1 48  ? 5.115   0.130   -2.491  1.00 8.21  ? 48  THR A N   1 
ATOM   377  C  CA  . THR A 1 48  ? 5.569   -0.716  -1.391  1.00 7.62  ? 48  THR A CA  1 
ATOM   378  C  C   . THR A 1 48  ? 7.019   -1.170  -1.486  1.00 7.43  ? 48  THR A C   1 
ATOM   379  O  O   . THR A 1 48  ? 7.684   -1.000  -2.516  1.00 7.93  ? 48  THR A O   1 
ATOM   380  C  CB  . THR A 1 48  ? 4.736   -2.011  -1.340  1.00 9.33  ? 48  THR A CB  1 
ATOM   381  O  OG1 . THR A 1 48  ? 5.149   -2.845  -2.441  1.00 10.29 ? 48  THR A OG1 1 
ATOM   382  C  CG2 . THR A 1 48  ? 3.230   -1.715  -1.465  1.00 10.12 ? 48  THR A CG2 1 
ATOM   383  N  N   . THR A 1 49  ? 7.506   -1.784  -0.404  1.00 7.30  ? 49  THR A N   1 
ATOM   384  C  CA  . THR A 1 49  ? 8.846   -2.354  -0.439  1.00 7.91  ? 49  THR A CA  1 
ATOM   385  C  C   . THR A 1 49  ? 8.932   -3.514  -1.453  1.00 8.49  ? 49  THR A C   1 
ATOM   386  O  O   . THR A 1 49  ? 10.035  -3.835  -1.898  1.00 8.94  ? 49  THR A O   1 
ATOM   387  C  CB  . THR A 1 49  ? 9.304   -2.842  0.944   1.00 8.89  ? 49  THR A CB  1 
ATOM   388  O  OG1 . THR A 1 49  ? 8.272   -3.635  1.538   1.00 10.39 ? 49  THR A OG1 1 
ATOM   389  C  CG2 . THR A 1 49  ? 9.642   -1.626  1.843   1.00 10.93 ? 49  THR A CG2 1 
ATOM   390  N  N   . TRP A 1 50  ? 7.805   -4.135  -1.808  1.00 8.54  ? 50  TRP A N   1 
ATOM   391  C  CA  . TRP A 1 50  ? 7.858   -5.176  -2.843  1.00 8.61  ? 50  TRP A CA  1 
ATOM   392  C  C   . TRP A 1 50  ? 8.223   -4.500  -4.181  1.00 8.68  ? 50  TRP A C   1 
ATOM   393  O  O   . TRP A 1 50  ? 8.983   -5.069  -4.981  1.00 8.43  ? 50  TRP A O   1 
ATOM   394  C  CB  . TRP A 1 50  ? 6.516   -5.924  -2.965  1.00 8.78  ? 50  TRP A CB  1 
ATOM   395  C  CG  . TRP A 1 50  ? 6.632   -7.108  -3.914  1.00 9.28  ? 50  TRP A CG  1 
ATOM   396  C  CD1 . TRP A 1 50  ? 6.254   -7.143  -5.212  1.00 10.23 ? 50  TRP A CD1 1 
ATOM   397  C  CD2 . TRP A 1 50  ? 7.243   -8.364  -3.624  1.00 11.09 ? 50  TRP A CD2 1 
ATOM   398  N  NE1 . TRP A 1 50  ? 6.600   -8.360  -5.770  1.00 11.21 ? 50  TRP A NE1 1 
ATOM   399  C  CE2 . TRP A 1 50  ? 7.214   -9.129  -4.811  1.00 10.70 ? 50  TRP A CE2 1 
ATOM   400  C  CE3 . TRP A 1 50  ? 7.830   -8.926  -2.472  1.00 12.63 ? 50  TRP A CE3 1 
ATOM   401  C  CZ2 . TRP A 1 50  ? 7.727   -10.427 -4.886  1.00 11.96 ? 50  TRP A CZ2 1 
ATOM   402  C  CZ3 . TRP A 1 50  ? 8.350   -10.229 -2.549  1.00 14.17 ? 50  TRP A CZ3 1 
ATOM   403  C  CH2 . TRP A 1 50  ? 8.288   -10.955 -3.754  1.00 12.78 ? 50  TRP A CH2 1 
ATOM   404  N  N   . ASP A 1 51  ? 7.719   -3.291  -4.439  1.00 8.48  ? 51  ASP A N   1 
ATOM   405  C  CA  . ASP A 1 51  ? 8.100   -2.574  -5.661  1.00 8.01  ? 51  ASP A CA  1 
ATOM   406  C  C   . ASP A 1 51  ? 9.600   -2.291  -5.634  1.00 8.18  ? 51  ASP A C   1 
ATOM   407  O  O   . ASP A 1 51  ? 10.279  -2.344  -6.679  1.00 8.96  ? 51  ASP A O   1 
ATOM   408  C  CB  . ASP A 1 51  ? 7.333   -1.254  -5.809  1.00 9.12  ? 51  ASP A CB  1 
ATOM   409  C  CG  . ASP A 1 51  ? 5.854   -1.469  -5.974  1.00 11.69 ? 51  ASP A CG  1 
ATOM   410  O  OD1 . ASP A 1 51  ? 5.455   -2.202  -6.911  1.00 11.38 ? 51  ASP A OD1 1 
ATOM   411  O  OD2 . ASP A 1 51  ? 5.049   -0.917  -5.203  1.00 9.80  ? 51  ASP A OD2 1 
ATOM   412  N  N   . VAL A 1 52  ? 10.156  -1.982  -4.454  1.00 8.37  ? 52  VAL A N   1 
ATOM   413  C  CA  . VAL A 1 52  ? 11.597  -1.762  -4.360  1.00 8.95  ? 52  VAL A CA  1 
ATOM   414  C  C   . VAL A 1 52  ? 12.342  -3.058  -4.703  1.00 8.66  ? 52  VAL A C   1 
ATOM   415  O  O   . VAL A 1 52  ? 13.316  -3.042  -5.465  1.00 9.05  ? 52  VAL A O   1 
ATOM   416  C  CB  . VAL A 1 52  ? 11.976  -1.277  -2.930  1.00 7.93  ? 52  VAL A CB  1 
ATOM   417  C  CG1 . VAL A 1 52  ? 13.495  -1.185  -2.807  1.00 10.04 ? 52  VAL A CG1 1 
ATOM   418  C  CG2 . VAL A 1 52  ? 11.351  0.095   -2.677  1.00 8.83  ? 52  VAL A CG2 1 
ATOM   419  N  N   . LEU A 1 53  ? 11.900  -4.183  -4.133  1.00 8.34  ? 53  LEU A N   1 
ATOM   420  C  CA  . LEU A 1 53  ? 12.549  -5.470  -4.412  1.00 8.05  ? 53  LEU A CA  1 
ATOM   421  C  C   . LEU A 1 53  ? 12.491  -5.788  -5.914  1.00 9.65  ? 53  LEU A C   1 
ATOM   422  O  O   . LEU A 1 53  ? 13.485  -6.271  -6.466  1.00 9.24  ? 53  LEU A O   1 
ATOM   423  C  CB  . LEU A 1 53  ? 11.866  -6.579  -3.596  1.00 8.94  ? 53  LEU A CB  1 
ATOM   424  C  CG  . LEU A 1 53  ? 12.551  -7.949  -3.706  1.00 10.66 ? 53  LEU A CG  1 
ATOM   425  C  CD1 . LEU A 1 53  ? 13.895  -7.949  -3.005  1.00 11.94 ? 53  LEU A CD1 1 
ATOM   426  C  CD2 . LEU A 1 53  ? 11.634  -8.990  -3.102  1.00 13.06 ? 53  LEU A CD2 1 
ATOM   427  N  N   . GLU A 1 54  ? 11.367  -5.513  -6.567  1.00 8.81  ? 54  GLU A N   1 
ATOM   428  C  CA  . GLU A 1 54  ? 11.262  -5.768  -8.007  1.00 8.74  ? 54  GLU A CA  1 
ATOM   429  C  C   . GLU A 1 54  ? 12.279  -4.940  -8.783  1.00 10.04 ? 54  GLU A C   1 
ATOM   430  O  O   . GLU A 1 54  ? 12.870  -5.421  -9.753  1.00 11.95 ? 54  GLU A O   1 
ATOM   431  C  CB  . GLU A 1 54  ? 9.842   -5.489  -8.513  1.00 9.83  ? 54  GLU A CB  1 
ATOM   432  C  CG  . GLU A 1 54  ? 8.841   -6.540  -8.043  1.00 11.42 ? 54  GLU A CG  1 
ATOM   433  C  CD  . GLU A 1 54  ? 7.424   -6.255  -8.494  1.00 13.04 ? 54  GLU A CD  1 
ATOM   434  O  OE1 . GLU A 1 54  ? 7.038   -5.079  -8.605  1.00 15.65 ? 54  GLU A OE1 1 
ATOM   435  O  OE2 . GLU A 1 54  ? 6.655   -7.221  -8.678  1.00 13.85 ? 54  GLU A OE2 1 
ATOM   436  N  N   . ALA A 1 55  ? 12.474  -3.686  -8.383  1.00 9.21  ? 55  ALA A N   1 
ATOM   437  C  CA  . ALA A 1 55  ? 13.451  -2.838  -9.056  1.00 10.22 ? 55  ALA A CA  1 
ATOM   438  C  C   . ALA A 1 55  ? 14.878  -3.352  -8.830  1.00 10.76 ? 55  ALA A C   1 
ATOM   439  O  O   . ALA A 1 55  ? 15.712  -3.351  -9.756  1.00 12.16 ? 55  ALA A O   1 
ATOM   440  C  CB  . ALA A 1 55  ? 13.295  -1.396  -8.568  1.00 9.56  ? 55  ALA A CB  1 
ATOM   441  N  N   . ILE A 1 56  ? 15.183  -3.812  -7.620  1.00 9.73  ? 56  ILE A N   1 
ATOM   442  C  CA  . ILE A 1 56  ? 16.500  -4.384  -7.328  1.00 11.04 ? 56  ILE A CA  1 
ATOM   443  C  C   . ILE A 1 56  ? 16.728  -5.623  -8.192  1.00 11.89 ? 56  ILE A C   1 
ATOM   444  O  O   . ILE A 1 56  ? 17.811  -5.810  -8.754  1.00 13.35 ? 56  ILE A O   1 
ATOM   445  C  CB  . ILE A 1 56  ? 16.616  -4.751  -5.833  1.00 11.05 ? 56  ILE A CB  1 
ATOM   446  C  CG1 . ILE A 1 56  ? 16.661  -3.458  -5.011  1.00 11.07 ? 56  ILE A CG1 1 
ATOM   447  C  CG2 . ILE A 1 56  ? 17.883  -5.598  -5.563  1.00 12.20 ? 56  ILE A CG2 1 
ATOM   448  C  CD1 . ILE A 1 56  ? 16.567  -3.686  -3.516  1.00 12.82 ? 56  ILE A CD1 1 
ATOM   449  N  N   . ALA A 1 57  ? 15.709  -6.472  -8.320  1.00 11.20 ? 57  ALA A N   1 
ATOM   450  C  CA  . ALA A 1 57  ? 15.834  -7.688  -9.132  1.00 11.36 ? 57  ALA A CA  1 
ATOM   451  C  C   . ALA A 1 57  ? 16.122  -7.340  -10.588 1.00 13.28 ? 57  ALA A C   1 
ATOM   452  O  O   . ALA A 1 57  ? 16.852  -8.078  -11.256 1.00 14.14 ? 57  ALA A O   1 
ATOM   453  C  CB  . ALA A 1 57  ? 14.553  -8.535  -9.028  1.00 11.18 ? 57  ALA A CB  1 
ATOM   454  N  N   . GLU A 1 58  ? 15.563  -6.234  -11.070 1.00 13.42 ? 58  GLU A N   1 
ATOM   455  C  CA  . GLU A 1 58  ? 15.788  -5.807  -12.451 1.00 16.38 ? 58  GLU A CA  1 
ATOM   456  C  C   . GLU A 1 58  ? 17.069  -4.987  -12.613 1.00 16.96 ? 58  GLU A C   1 
ATOM   457  O  O   . GLU A 1 58  ? 17.493  -4.704  -13.742 1.00 19.09 ? 58  GLU A O   1 
ATOM   458  C  CB  . GLU A 1 58  ? 14.587  -4.996  -12.940 1.00 19.93 ? 58  GLU A CB  1 
ATOM   459  C  CG  . GLU A 1 58  ? 13.392  -5.855  -13.289 1.00 25.82 ? 58  GLU A CG  1 
ATOM   460  C  CD  . GLU A 1 58  ? 13.661  -6.730  -14.497 1.00 29.91 ? 58  GLU A CD  1 
ATOM   461  O  OE1 . GLU A 1 58  ? 13.975  -6.173  -15.570 1.00 32.62 ? 58  GLU A OE1 1 
ATOM   462  O  OE2 . GLU A 1 58  ? 13.562  -7.971  -14.375 1.00 34.04 ? 58  GLU A OE2 1 
ATOM   463  N  N   . GLY A 1 59  ? 17.701  -4.620  -11.507 1.00 16.60 ? 59  GLY A N   1 
ATOM   464  C  CA  . GLY A 1 59  ? 18.915  -3.818  -11.581 1.00 17.44 ? 59  GLY A CA  1 
ATOM   465  C  C   . GLY A 1 59  ? 18.638  -2.351  -11.880 1.00 18.58 ? 59  GLY A C   1 
ATOM   466  O  O   . GLY A 1 59  ? 19.519  -1.645  -12.374 1.00 19.05 ? 59  GLY A O   1 
ATOM   467  N  N   . ASP A 1 60  ? 17.429  -1.876  -11.595 1.00 17.28 ? 60  ASP A N   1 
ATOM   468  C  CA  . ASP A 1 60  ? 17.085  -0.474  -11.850 1.00 17.46 ? 60  ASP A CA  1 
ATOM   469  C  C   . ASP A 1 60  ? 17.790  0.469   -10.869 1.00 17.04 ? 60  ASP A C   1 
ATOM   470  O  O   . ASP A 1 60  ? 18.170  0.085   -9.750  1.00 18.32 ? 60  ASP A O   1 
ATOM   471  C  CB  . ASP A 1 60  ? 15.577  -0.228  -11.682 1.00 17.90 ? 60  ASP A CB  1 
ATOM   472  C  CG  . ASP A 1 60  ? 14.727  -1.035  -12.628 1.00 20.87 ? 60  ASP A CG  1 
ATOM   473  O  OD1 . ASP A 1 60  ? 15.187  -1.325  -13.751 1.00 22.65 ? 60  ASP A OD1 1 
ATOM   474  O  OD2 . ASP A 1 60  ? 13.573  -1.357  -12.260 1.00 21.17 ? 60  ASP A OD2 1 
ATOM   475  N  N   . ASP A 1 61  ? 17.994  1.709   -11.308 1.00 16.73 ? 61  ASP A N   1 
ATOM   476  C  CA  . ASP A 1 61  ? 18.568  2.727   -10.430 1.00 15.90 ? 61  ASP A CA  1 
ATOM   477  C  C   . ASP A 1 61  ? 17.329  3.220   -9.650  1.00 13.95 ? 61  ASP A C   1 
ATOM   478  O  O   . ASP A 1 61  ? 16.434  3.846   -10.219 1.00 13.65 ? 61  ASP A O   1 
ATOM   479  C  CB  . ASP A 1 61  ? 19.158  3.874   -11.267 1.00 17.35 ? 61  ASP A CB  1 
ATOM   480  C  CG  . ASP A 1 61  ? 19.793  4.949   -10.411 1.00 21.59 ? 61  ASP A CG  1 
ATOM   481  O  OD1 . ASP A 1 61  ? 19.375  5.123   -9.249  1.00 22.15 ? 61  ASP A OD1 1 
ATOM   482  O  OD2 . ASP A 1 61  ? 20.717  5.642   -10.903 1.00 24.03 ? 61  ASP A OD2 1 
ATOM   483  N  N   . LEU A 1 62  ? 17.288  2.938   -8.353  1.00 13.09 ? 62  LEU A N   1 
ATOM   484  C  CA  . LEU A 1 62  ? 16.123  3.302   -7.549  1.00 12.13 ? 62  LEU A CA  1 
ATOM   485  C  C   . LEU A 1 62  ? 15.780  4.791   -7.553  1.00 12.50 ? 62  LEU A C   1 
ATOM   486  O  O   . LEU A 1 62  ? 14.628  5.160   -7.452  1.00 12.76 ? 62  LEU A O   1 
ATOM   487  C  CB  . LEU A 1 62  ? 16.284  2.808   -6.103  1.00 11.93 ? 62  LEU A CB  1 
ATOM   488  C  CG  . LEU A 1 62  ? 16.552  1.306   -5.936  1.00 12.26 ? 62  LEU A CG  1 
ATOM   489  C  CD1 . LEU A 1 62  ? 16.654  0.958   -4.458  1.00 15.12 ? 62  LEU A CD1 1 
ATOM   490  C  CD2 . LEU A 1 62  ? 15.429  0.511   -6.583  1.00 14.70 ? 62  LEU A CD2 1 
ATOM   491  N  N   . ALA A 1 63  ? 16.790  5.647   -7.689  1.00 13.97 ? 63  ALA A N   1 
ATOM   492  C  CA  . ALA A 1 63  ? 16.537  7.080   -7.713  1.00 14.81 ? 63  ALA A CA  1 
ATOM   493  C  C   . ALA A 1 63  ? 15.822  7.508   -8.989  1.00 15.28 ? 63  ALA A C   1 
ATOM   494  O  O   . ALA A 1 63  ? 15.126  8.532   -9.002  1.00 16.19 ? 63  ALA A O   1 
ATOM   495  C  CB  . ALA A 1 63  ? 17.865  7.852   -7.593  1.00 15.86 ? 63  ALA A CB  1 
ATOM   496  N  N   . GLU A 1 64  ? 15.977  6.724   -10.056 1.00 15.53 ? 64  GLU A N   1 
ATOM   497  C  CA  . GLU A 1 64  ? 15.371  7.062   -11.331 1.00 16.97 ? 64  GLU A CA  1 
ATOM   498  C  C   . GLU A 1 64  ? 13.976  6.500   -11.533 1.00 16.32 ? 64  GLU A C   1 
ATOM   499  O  O   . GLU A 1 64  ? 13.271  6.920   -12.447 1.00 19.16 ? 64  GLU A O   1 
ATOM   500  C  CB  . GLU A 1 64  ? 16.278  6.601   -12.475 1.00 19.63 ? 64  GLU A CB  1 
ATOM   501  C  CG  . GLU A 1 64  ? 17.643  7.265   -12.482 1.00 24.55 ? 64  GLU A CG  1 
ATOM   502  C  CD  . GLU A 1 64  ? 17.539  8.769   -12.393 1.00 29.00 ? 64  GLU A CD  1 
ATOM   503  O  OE1 . GLU A 1 64  ? 16.873  9.367   -13.266 1.00 32.83 ? 64  GLU A OE1 1 
ATOM   504  O  OE2 . GLU A 1 64  ? 18.115  9.355   -11.449 1.00 32.44 ? 64  GLU A OE2 1 
ATOM   505  N  N   . VAL A 1 65  ? 13.563  5.564   -10.685 1.00 13.61 ? 65  VAL A N   1 
ATOM   506  C  CA  . VAL A 1 65  ? 12.222  4.997   -10.823 1.00 13.39 ? 65  VAL A CA  1 
ATOM   507  C  C   . VAL A 1 65  ? 11.284  5.823   -9.934  1.00 12.56 ? 65  VAL A C   1 
ATOM   508  O  O   . VAL A 1 65  ? 11.405  5.814   -8.699  1.00 13.94 ? 65  VAL A O   1 
ATOM   509  C  CB  . VAL A 1 65  ? 12.187  3.524   -10.384 1.00 12.38 ? 65  VAL A CB  1 
ATOM   510  C  CG1 . VAL A 1 65  ? 10.761  2.972   -10.534 1.00 13.02 ? 65  VAL A CG1 1 
ATOM   511  C  CG2 . VAL A 1 65  ? 13.190  2.692   -11.192 1.00 15.12 ? 65  VAL A CG2 1 
ATOM   512  N  N   . LYS A 1 66  ? 10.370  6.563   -10.546 1.00 11.82 ? 66  LYS A N   1 
ATOM   513  C  CA  . LYS A 1 66  ? 9.438   7.374   -9.769  1.00 11.22 ? 66  LYS A CA  1 
ATOM   514  C  C   . LYS A 1 66  ? 8.259   6.526   -9.296  1.00 10.81 ? 66  LYS A C   1 
ATOM   515  O  O   . LYS A 1 66  ? 7.870   5.539   -9.957  1.00 10.87 ? 66  LYS A O   1 
ATOM   516  C  CB  . LYS A 1 66  ? 8.969   8.583   -10.580 1.00 13.50 ? 66  LYS A CB  1 
ATOM   517  C  CG  . LYS A 1 66  ? 10.157  9.419   -11.133 1.00 15.21 ? 66  LYS A CG  1 
ATOM   518  C  CD  . LYS A 1 66  ? 11.221  9.722   -10.053 1.00 15.75 ? 66  LYS A CD  1 
ATOM   519  C  CE  . LYS A 1 66  ? 12.382  10.560  -10.599 1.00 18.56 ? 66  LYS A CE  1 
ATOM   520  N  NZ  . LYS A 1 66  ? 13.464  10.773  -9.595  1.00 18.43 ? 66  LYS A NZ  1 
ATOM   521  N  N   . VAL A 1 67  ? 7.673   6.893   -8.163  1.00 10.23 ? 67  VAL A N   1 
ATOM   522  C  CA  . VAL A 1 67  ? 6.612   6.048   -7.633  1.00 9.73  ? 67  VAL A CA  1 
ATOM   523  C  C   . VAL A 1 67  ? 5.406   5.880   -8.544  1.00 10.90 ? 67  VAL A C   1 
ATOM   524  O  O   . VAL A 1 67  ? 4.746   4.835   -8.496  1.00 10.61 ? 67  VAL A O   1 
ATOM   525  C  CB  . VAL A 1 67  ? 6.162   6.472   -6.193  1.00 10.63 ? 67  VAL A CB  1 
ATOM   526  C  CG1 . VAL A 1 67  ? 7.335   6.372   -5.228  1.00 10.58 ? 67  VAL A CG1 1 
ATOM   527  C  CG2 . VAL A 1 67  ? 5.605   7.879   -6.185  1.00 11.42 ? 67  VAL A CG2 1 
ATOM   528  N  N   . TRP A 1 68  ? 5.119   6.863   -9.399  1.00 10.10 ? 68  TRP A N   1 
ATOM   529  C  CA  . TRP A 1 68  ? 3.977   6.708   -10.308 1.00 10.42 ? 68  TRP A CA  1 
ATOM   530  C  C   . TRP A 1 68  ? 4.219   5.633   -11.353 1.00 10.50 ? 68  TRP A C   1 
ATOM   531  O  O   . TRP A 1 68  ? 3.265   5.119   -11.937 1.00 11.46 ? 68  TRP A O   1 
ATOM   532  C  CB  . TRP A 1 68  ? 3.612   8.025   -11.013 1.00 12.89 ? 68  TRP A CB  1 
ATOM   533  C  CG  . TRP A 1 68  ? 4.744   8.684   -11.756 1.00 13.52 ? 68  TRP A CG  1 
ATOM   534  C  CD1 . TRP A 1 68  ? 5.562   9.686   -11.286 1.00 14.67 ? 68  TRP A CD1 1 
ATOM   535  C  CD2 . TRP A 1 68  ? 5.187   8.407   -13.097 1.00 13.87 ? 68  TRP A CD2 1 
ATOM   536  N  NE1 . TRP A 1 68  ? 6.473   10.043  -12.245 1.00 15.57 ? 68  TRP A NE1 1 
ATOM   537  C  CE2 . TRP A 1 68  ? 6.271   9.280   -13.367 1.00 15.19 ? 68  TRP A CE2 1 
ATOM   538  C  CE3 . TRP A 1 68  ? 4.770   7.506   -14.098 1.00 14.93 ? 68  TRP A CE3 1 
ATOM   539  C  CZ2 . TRP A 1 68  ? 6.950   9.283   -14.597 1.00 17.17 ? 68  TRP A CZ2 1 
ATOM   540  C  CZ3 . TRP A 1 68  ? 5.450   7.504   -15.330 1.00 18.15 ? 68  TRP A CZ3 1 
ATOM   541  C  CH2 . TRP A 1 68  ? 6.530   8.394   -15.564 1.00 17.98 ? 68  TRP A CH2 1 
ATOM   542  N  N   . GLU A 1 69  ? 5.474   5.272   -11.595 1.00 10.33 ? 69  GLU A N   1 
ATOM   543  C  CA  . GLU A 1 69  ? 5.777   4.243   -12.584 1.00 11.06 ? 69  GLU A CA  1 
ATOM   544  C  C   . GLU A 1 69  ? 5.434   2.839   -12.089 1.00 11.09 ? 69  GLU A C   1 
ATOM   545  O  O   . GLU A 1 69  ? 5.257   1.926   -12.904 1.00 11.61 ? 69  GLU A O   1 
ATOM   546  C  CB  . GLU A 1 69  ? 7.260   4.249   -12.930 1.00 12.20 ? 69  GLU A CB  1 
ATOM   547  C  CG  . GLU A 1 69  ? 7.764   5.507   -13.585 1.00 14.71 ? 69  GLU A CG  1 
ATOM   548  C  CD  . GLU A 1 69  ? 9.258   5.423   -13.849 1.00 17.17 ? 69  GLU A CD  1 
ATOM   549  O  OE1 . GLU A 1 69  ? 9.687   4.508   -14.589 1.00 24.18 ? 69  GLU A OE1 1 
ATOM   550  O  OE2 . GLU A 1 69  ? 10.007  6.257   -13.311 1.00 18.87 ? 69  GLU A OE2 1 
ATOM   551  N  N   . VAL A 1 70  ? 5.351   2.670   -10.763 1.00 10.42 ? 70  VAL A N   1 
ATOM   552  C  CA  . VAL A 1 70  ? 5.152   1.347   -10.170 1.00 9.44  ? 70  VAL A CA  1 
ATOM   553  C  C   . VAL A 1 70  ? 3.984   1.259   -9.192  1.00 9.94  ? 70  VAL A C   1 
ATOM   554  O  O   . VAL A 1 70  ? 3.673   0.168   -8.716  1.00 10.91 ? 70  VAL A O   1 
ATOM   555  C  CB  . VAL A 1 70  ? 6.460   0.868   -9.450  1.00 10.38 ? 70  VAL A CB  1 
ATOM   556  C  CG1 . VAL A 1 70  ? 7.614   0.797   -10.458 1.00 11.70 ? 70  VAL A CG1 1 
ATOM   557  C  CG2 . VAL A 1 70  ? 6.839   1.839   -8.315  1.00 12.19 ? 70  VAL A CG2 1 
HETATM 558  N  N   . MSE A 1 71  ? 3.322   2.369   -8.901  1.00 9.36  ? 71  MSE A N   1 
HETATM 559  C  CA  . MSE A 1 71  ? 2.232   2.313   -7.938  1.00 10.17 ? 71  MSE A CA  1 
HETATM 560  C  C   . MSE A 1 71  ? 1.071   1.500   -8.450  1.00 10.22 ? 71  MSE A C   1 
HETATM 561  O  O   . MSE A 1 71  ? 0.929   1.253   -9.668  1.00 10.37 ? 71  MSE A O   1 
HETATM 562  C  CB  . MSE A 1 71  ? 1.745   3.712   -7.584  1.00 12.09 ? 71  MSE A CB  1 
HETATM 563  C  CG  . MSE A 1 71  ? 1.006   4.465   -8.707  1.00 13.85 ? 71  MSE A CG  1 
HETATM 564  SE SE  . MSE A 1 71  ? 0.574   6.245   -8.049  0.94 17.27 ? 71  MSE A SE  1 
HETATM 565  C  CE  . MSE A 1 71  ? 2.376   6.811   -7.768  1.00 25.50 ? 71  MSE A CE  1 
ATOM   566  N  N   . GLU A 1 72  ? 0.214   1.089   -7.524  1.00 9.26  ? 72  GLU A N   1 
ATOM   567  C  CA  . GLU A 1 72  ? -0.962  0.286   -7.850  1.00 8.45  ? 72  GLU A CA  1 
ATOM   568  C  C   . GLU A 1 72  ? -2.210  0.849   -7.199  1.00 8.72  ? 72  GLU A C   1 
ATOM   569  O  O   . GLU A 1 72  ? -2.149  1.474   -6.130  1.00 9.57  ? 72  GLU A O   1 
ATOM   570  C  CB  . GLU A 1 72  ? -0.735  -1.154  -7.369  1.00 10.13 ? 72  GLU A CB  1 
ATOM   571  C  CG  . GLU A 1 72  ? 0.504   -1.720  -8.066  1.00 11.30 ? 72  GLU A CG  1 
ATOM   572  C  CD  . GLU A 1 72  ? 0.952   -3.077  -7.607  1.00 12.59 ? 72  GLU A CD  1 
ATOM   573  O  OE1 . GLU A 1 72  ? 0.177   -3.797  -6.939  1.00 14.50 ? 72  GLU A OE1 1 
ATOM   574  O  OE2 . GLU A 1 72  ? 2.105   -3.443  -7.947  1.00 13.91 ? 72  GLU A OE2 1 
ATOM   575  N  N   . ARG A 1 73  ? -3.351  0.628   -7.829  1.00 8.95  ? 73  ARG A N   1 
ATOM   576  C  CA  . ARG A 1 73  ? -4.600  1.045   -7.234  1.00 9.06  ? 73  ARG A CA  1 
ATOM   577  C  C   . ARG A 1 73  ? -5.749  0.096   -7.510  1.00 9.89  ? 73  ARG A C   1 
ATOM   578  O  O   . ARG A 1 73  ? -6.290  -0.530  -6.596  1.00 10.40 ? 73  ARG A O   1 
ATOM   579  C  CB  . ARG A 1 73  ? -5.004  2.455   -7.675  1.00 10.25 ? 73  ARG A CB  1 
ATOM   580  C  CG  . ARG A 1 73  ? -6.271  2.915   -6.957  1.00 12.99 ? 73  ARG A CG  1 
ATOM   581  C  CD  . ARG A 1 73  ? -6.704  4.326   -7.315  1.00 16.12 ? 73  ARG A CD  1 
ATOM   582  N  NE  . ARG A 1 73  ? -7.855  4.717   -6.503  1.00 18.73 ? 73  ARG A NE  1 
ATOM   583  C  CZ  . ARG A 1 73  ? -8.327  5.959   -6.426  1.00 20.71 ? 73  ARG A CZ  1 
ATOM   584  N  NH1 . ARG A 1 73  ? -7.739  6.930   -7.116  1.00 22.19 ? 73  ARG A NH1 1 
ATOM   585  N  NH2 . ARG A 1 73  ? -9.390  6.220   -5.666  1.00 23.15 ? 73  ARG A NH2 1 
ATOM   586  N  N   . ASP A 1 74  ? -6.114  -0.057  -8.772  1.00 10.71 ? 74  ASP A N   1 
ATOM   587  C  CA  . ASP A 1 74  ? -7.286  -0.863  -9.080  1.00 13.15 ? 74  ASP A CA  1 
ATOM   588  C  C   . ASP A 1 74  ? -7.370  -2.274  -8.550  1.00 13.56 ? 74  ASP A C   1 
ATOM   589  O  O   . ASP A 1 74  ? -8.430  -2.676  -8.027  1.00 16.35 ? 74  ASP A O   1 
ATOM   590  C  CB  . ASP A 1 74  ? -7.516  -0.882  -10.599 1.00 13.92 ? 74  ASP A CB  1 
ATOM   591  C  CG  . ASP A 1 74  ? -8.825  -1.552  -10.974 1.00 17.80 ? 74  ASP A CG  1 
ATOM   592  O  OD1 . ASP A 1 74  ? -9.897  -1.013  -10.613 1.00 22.08 ? 74  ASP A OD1 1 
ATOM   593  O  OD2 . ASP A 1 74  ? -8.779  -2.621  -11.622 1.00 21.73 ? 74  ASP A OD2 1 
ATOM   594  N  N   . LEU A 1 75  ? -6.293  -3.036  -8.649  1.00 13.02 ? 75  LEU A N   1 
ATOM   595  C  CA  . LEU A 1 75  ? -6.382  -4.411  -8.179  1.00 14.68 ? 75  LEU A CA  1 
ATOM   596  C  C   . LEU A 1 75  ? -6.199  -4.579  -6.706  1.00 14.41 ? 75  LEU A C   1 
ATOM   597  O  O   . LEU A 1 75  ? -6.440  -5.667  -6.176  1.00 16.62 ? 75  LEU A O   1 
ATOM   598  C  CB  . LEU A 1 75  ? -5.378  -5.299  -8.896  1.00 16.36 ? 75  LEU A CB  1 
ATOM   599  C  CG  . LEU A 1 75  ? -5.638  -5.524  -10.397 1.00 15.81 ? 75  LEU A CG  1 
ATOM   600  C  CD1 . LEU A 1 75  ? -4.658  -6.513  -10.893 1.00 17.71 ? 75  LEU A CD1 1 
ATOM   601  C  CD2 . LEU A 1 75  ? -7.064  -6.009  -10.651 1.00 18.66 ? 75  LEU A CD2 1 
ATOM   602  N  N   . VAL A 1 76  ? -5.802  -3.515  -6.026  1.00 10.67 ? 76  VAL A N   1 
ATOM   603  C  CA  . VAL A 1 76  ? -5.558  -3.624  -4.594  1.00 12.59 ? 76  VAL A CA  1 
ATOM   604  C  C   . VAL A 1 76  ? -6.517  -2.810  -3.755  1.00 12.60 ? 76  VAL A C   1 
ATOM   605  O  O   . VAL A 1 76  ? -6.230  -2.509  -2.615  1.00 14.56 ? 76  VAL A O   1 
ATOM   606  C  CB  . VAL A 1 76  ? -4.089  -3.239  -4.241  1.00 11.58 ? 76  VAL A CB  1 
ATOM   607  C  CG1 . VAL A 1 76  ? -3.121  -4.145  -5.010  1.00 13.70 ? 76  VAL A CG1 1 
ATOM   608  C  CG2 . VAL A 1 76  ? -3.820  -1.783  -4.587  1.00 14.10 ? 76  VAL A CG2 1 
ATOM   609  N  N   A THR A 1 77  ? -7.656  -2.420  -4.317  0.50 13.16 ? 77  THR A N   1 
ATOM   610  N  N   B THR A 1 77  ? -7.663  -2.479  -4.328  0.50 12.80 ? 77  THR A N   1 
ATOM   611  C  CA  A THR A 1 77  ? -8.625  -1.628  -3.560  0.50 13.65 ? 77  THR A CA  1 
ATOM   612  C  CA  B THR A 1 77  ? -8.667  -1.708  -3.623  0.50 13.04 ? 77  THR A CA  1 
ATOM   613  C  C   A THR A 1 77  ? -9.823  -2.479  -3.166  0.50 12.80 ? 77  THR A C   1 
ATOM   614  C  C   B THR A 1 77  ? -9.733  -2.638  -3.079  0.50 12.61 ? 77  THR A C   1 
ATOM   615  O  O   A THR A 1 77  ? -10.314 -3.285  -3.967  0.50 12.84 ? 77  THR A O   1 
ATOM   616  O  O   B THR A 1 77  ? -10.014 -3.696  -3.659  0.50 13.78 ? 77  THR A O   1 
ATOM   617  C  CB  A THR A 1 77  ? -9.090  -0.416  -4.367  0.50 15.45 ? 77  THR A CB  1 
ATOM   618  C  CB  B THR A 1 77  ? -9.348  -0.705  -4.574  0.50 13.46 ? 77  THR A CB  1 
ATOM   619  O  OG1 A THR A 1 77  ? -9.538  -0.847  -5.655  0.50 19.27 ? 77  THR A OG1 1 
ATOM   620  O  OG1 B THR A 1 77  ? -8.378  0.232   -5.054  0.50 15.00 ? 77  THR A OG1 1 
ATOM   621  C  CG2 A THR A 1 77  ? -7.940  0.563   -4.534  0.50 15.05 ? 77  THR A CG2 1 
ATOM   622  C  CG2 B THR A 1 77  ? -10.458 0.047   -3.867  0.50 13.62 ? 77  THR A CG2 1 
ATOM   623  N  N   . ILE A 1 78  ? -10.289 -2.256  -1.937  1.00 12.50 ? 78  ILE A N   1 
ATOM   624  C  CA  . ILE A 1 78  ? -11.378 -3.003  -1.347  1.00 13.20 ? 78  ILE A CA  1 
ATOM   625  C  C   . ILE A 1 78  ? -12.292 -2.054  -0.599  1.00 13.18 ? 78  ILE A C   1 
ATOM   626  O  O   . ILE A 1 78  ? -11.898 -0.975  -0.146  1.00 12.73 ? 78  ILE A O   1 
ATOM   627  C  CB  . ILE A 1 78  ? -10.838 -4.095  -0.392  1.00 12.48 ? 78  ILE A CB  1 
ATOM   628  C  CG1 . ILE A 1 78  ? -11.953 -5.112  -0.124  1.00 13.74 ? 78  ILE A CG1 1 
ATOM   629  C  CG2 . ILE A 1 78  ? -10.321 -3.478  0.891   1.00 13.64 ? 78  ILE A CG2 1 
ATOM   630  C  CD1 . ILE A 1 78  ? -11.464 -6.447  0.334   1.00 16.10 ? 78  ILE A CD1 1 
ATOM   631  N  N   . SER A 1 79  ? -13.549 -2.478  -0.473  1.00 15.22 ? 79  SER A N   1 
ATOM   632  C  CA  . SER A 1 79  ? -14.531 -1.682  0.236   1.00 15.84 ? 79  SER A CA  1 
ATOM   633  C  C   . SER A 1 79  ? -14.437 -1.925  1.742   1.00 15.62 ? 79  SER A C   1 
ATOM   634  O  O   . SER A 1 79  ? -14.037 -3.007  2.177   1.00 15.35 ? 79  SER A O   1 
ATOM   635  C  CB  . SER A 1 79  ? -15.920 -2.082  -0.243  1.00 18.08 ? 79  SER A CB  1 
ATOM   636  O  OG  . SER A 1 79  ? -16.893 -1.648  0.686   1.00 18.54 ? 79  SER A OG  1 
ATOM   637  N  N   . PRO A 1 80  ? -14.759 -0.920  2.561   1.00 14.74 ? 80  PRO A N   1 
ATOM   638  C  CA  . PRO A 1 80  ? -14.713 -1.114  4.018   1.00 14.97 ? 80  PRO A CA  1 
ATOM   639  C  C   . PRO A 1 80  ? -15.814 -2.120  4.433   1.00 14.36 ? 80  PRO A C   1 
ATOM   640  O  O   . PRO A 1 80  ? -15.774 -2.648  5.541   1.00 15.44 ? 80  PRO A O   1 
ATOM   641  C  CB  . PRO A 1 80  ? -14.960 0.288   4.581   1.00 16.50 ? 80  PRO A CB  1 
ATOM   642  C  CG  . PRO A 1 80  ? -15.685 0.992   3.472   1.00 17.05 ? 80  PRO A CG  1 
ATOM   643  C  CD  . PRO A 1 80  ? -15.054 0.481   2.212   1.00 16.45 ? 80  PRO A CD  1 
ATOM   644  N  N   . ARG A 1 81  ? -16.763 -2.378  3.532   1.00 14.95 ? 81  ARG A N   1 
ATOM   645  C  CA  . ARG A 1 81  ? -17.878 -3.309  3.780   1.00 16.69 ? 81  ARG A CA  1 
ATOM   646  C  C   . ARG A 1 81  ? -17.492 -4.772  3.612   1.00 17.31 ? 81  ARG A C   1 
ATOM   647  O  O   . ARG A 1 81  ? -18.198 -5.662  4.084   1.00 18.29 ? 81  ARG A O   1 
ATOM   648  C  CB  . ARG A 1 81  ? -19.050 -3.011  2.830   1.00 16.81 ? 81  ARG A CB  1 
ATOM   649  C  CG  . ARG A 1 81  ? -19.542 -1.581  2.898   1.00 17.66 ? 81  ARG A CG  1 
ATOM   650  C  CD  . ARG A 1 81  ? -20.721 -1.427  3.850   1.00 18.58 ? 81  ARG A CD  1 
ATOM   651  N  NE  . ARG A 1 81  ? -20.442 -1.864  5.216   1.00 18.08 ? 81  ARG A NE  1 
ATOM   652  C  CZ  . ARG A 1 81  ? -19.664 -1.217  6.074   1.00 17.61 ? 81  ARG A CZ  1 
ATOM   653  N  NH1 . ARG A 1 81  ? -19.066 -0.091  5.724   1.00 20.72 ? 81  ARG A NH1 1 
ATOM   654  N  NH2 . ARG A 1 81  ? -19.501 -1.687  7.306   1.00 20.84 ? 81  ARG A NH2 1 
ATOM   655  N  N   . ALA A 1 82  ? -16.374 -5.036  2.947   1.00 16.27 ? 82  ALA A N   1 
ATOM   656  C  CA  . ALA A 1 82  ? -15.938 -6.405  2.734   1.00 16.20 ? 82  ALA A CA  1 
ATOM   657  C  C   . ALA A 1 82  ? -15.636 -7.115  4.053   1.00 14.52 ? 82  ALA A C   1 
ATOM   658  O  O   . ALA A 1 82  ? -15.223 -6.490  5.035   1.00 14.97 ? 82  ALA A O   1 
ATOM   659  C  CB  . ALA A 1 82  ? -14.683 -6.418  1.850   1.00 15.63 ? 82  ALA A CB  1 
ATOM   660  N  N   . THR A 1 83  ? -15.830 -8.430  4.087   1.00 15.19 ? 83  THR A N   1 
ATOM   661  C  CA  . THR A 1 83  ? -15.492 -9.155  5.305   1.00 16.24 ? 83  THR A CA  1 
ATOM   662  C  C   . THR A 1 83  ? -13.973 -9.332  5.335   1.00 15.54 ? 83  THR A C   1 
ATOM   663  O  O   . THR A 1 83  ? -13.301 -9.173  4.319   1.00 14.93 ? 83  THR A O   1 
ATOM   664  C  CB  . THR A 1 83  ? -16.116 -10.565 5.358   1.00 17.32 ? 83  THR A CB  1 
ATOM   665  O  OG1 . THR A 1 83  ? -15.602 -11.364 4.291   1.00 17.50 ? 83  THR A OG1 1 
ATOM   666  C  CG2 . THR A 1 83  ? -17.640 -10.489 5.245   1.00 19.45 ? 83  THR A CG2 1 
ATOM   667  N  N   . ILE A 1 84  ? -13.441 -9.644  6.505   1.00 15.86 ? 84  ILE A N   1 
ATOM   668  C  CA  . ILE A 1 84  ? -12.009 -9.873  6.653   1.00 16.28 ? 84  ILE A CA  1 
ATOM   669  C  C   . ILE A 1 84  ? -11.563 -11.021 5.768   1.00 15.93 ? 84  ILE A C   1 
ATOM   670  O  O   . ILE A 1 84  ? -10.484 -10.961 5.173   1.00 14.28 ? 84  ILE A O   1 
ATOM   671  C  CB  . ILE A 1 84  ? -11.660 -10.183 8.112   1.00 18.55 ? 84  ILE A CB  1 
ATOM   672  C  CG1 . ILE A 1 84  ? -11.937 -8.944  8.961   1.00 21.46 ? 84  ILE A CG1 1 
ATOM   673  C  CG2 . ILE A 1 84  ? -10.211 -10.636 8.215   1.00 21.08 ? 84  ILE A CG2 1 
ATOM   674  C  CD1 . ILE A 1 84  ? -11.350 -7.702  8.398   1.00 22.27 ? 84  ILE A CD1 1 
ATOM   675  N  N   . LYS A 1 85  ? -12.389 -12.061 5.667   1.00 15.15 ? 85  LYS A N   1 
ATOM   676  C  CA  . LYS A 1 85  ? -12.077 -13.206 4.820   1.00 14.64 ? 85  LYS A CA  1 
ATOM   677  C  C   . LYS A 1 85  ? -12.008 -12.745 3.370   1.00 15.47 ? 85  LYS A C   1 
ATOM   678  O  O   . LYS A 1 85  ? -11.124 -13.164 2.618   1.00 14.62 ? 85  LYS A O   1 
ATOM   679  C  CB  . LYS A 1 85  ? -13.136 -14.318 4.981   1.00 16.82 ? 85  LYS A CB  1 
ATOM   680  C  CG  . LYS A 1 85  ? -12.853 -15.566 4.152   1.00 17.56 ? 85  LYS A CG  1 
ATOM   681  C  CD  . LYS A 1 85  ? -13.874 -16.661 4.504   1.00 19.44 ? 85  LYS A CD  1 
ATOM   682  C  CE  . LYS A 1 85  ? -13.574 -17.963 3.798   1.00 19.74 ? 85  LYS A CE  1 
ATOM   683  N  NZ  . LYS A 1 85  ? -13.659 -17.837 2.313   1.00 21.61 ? 85  LYS A NZ  1 
ATOM   684  N  N   . GLU A 1 86  ? -12.938 -11.878 2.963   1.00 14.29 ? 86  GLU A N   1 
ATOM   685  C  CA  . GLU A 1 86  ? -12.903 -11.372 1.595   1.00 14.29 ? 86  GLU A CA  1 
ATOM   686  C  C   . GLU A 1 86  ? -11.631 -10.558 1.347   1.00 12.97 ? 86  GLU A C   1 
ATOM   687  O  O   . GLU A 1 86  ? -11.053 -10.628 0.260   1.00 13.57 ? 86  GLU A O   1 
ATOM   688  C  CB  . GLU A 1 86  ? -14.143 -10.526 1.297   1.00 16.35 ? 86  GLU A CB  1 
ATOM   689  C  CG  . GLU A 1 86  ? -15.388 -11.375 1.212   1.00 19.45 ? 86  GLU A CG  1 
ATOM   690  C  CD  . GLU A 1 86  ? -16.664 -10.559 1.063   1.00 22.08 ? 86  GLU A CD  1 
ATOM   691  O  OE1 . GLU A 1 86  ? -16.763 -9.455  1.633   1.00 21.39 ? 86  GLU A OE1 1 
ATOM   692  O  OE2 . GLU A 1 86  ? -17.586 -11.059 0.383   1.00 25.35 ? 86  GLU A OE2 1 
ATOM   693  N  N   . ALA A 1 87  ? -11.197 -9.794  2.348   1.00 12.20 ? 87  ALA A N   1 
ATOM   694  C  CA  . ALA A 1 87  ? -9.960  -9.018  2.205   1.00 11.47 ? 87  ALA A CA  1 
ATOM   695  C  C   . ALA A 1 87  ? -8.785  -10.004 2.055   1.00 11.23 ? 87  ALA A C   1 
ATOM   696  O  O   . ALA A 1 87  ? -7.904  -9.785  1.206   1.00 11.18 ? 87  ALA A O   1 
ATOM   697  C  CB  . ALA A 1 87  ? -9.756  -8.121  3.422   1.00 12.74 ? 87  ALA A CB  1 
ATOM   698  N  N   . ALA A 1 88  ? -8.750  -11.059 2.869   1.00 11.04 ? 88  ALA A N   1 
ATOM   699  C  CA  . ALA A 1 88  ? -7.668  -12.049 2.765   1.00 10.24 ? 88  ALA A CA  1 
ATOM   700  C  C   . ALA A 1 88  ? -7.712  -12.697 1.372   1.00 10.75 ? 88  ALA A C   1 
ATOM   701  O  O   . ALA A 1 88  ? -6.668  -12.943 0.754   1.00 10.32 ? 88  ALA A O   1 
ATOM   702  C  CB  . ALA A 1 88  ? -7.825  -13.123 3.868   1.00 10.75 ? 88  ALA A CB  1 
ATOM   703  N  N   . GLU A 1 89  ? -8.912  -12.998 0.877   1.00 11.40 ? 89  GLU A N   1 
ATOM   704  C  CA  . GLU A 1 89  ? -9.015  -13.602 -0.447  1.00 11.31 ? 89  GLU A CA  1 
ATOM   705  C  C   . GLU A 1 89  ? -8.452  -12.677 -1.528  1.00 11.40 ? 89  GLU A C   1 
ATOM   706  O  O   . GLU A 1 89  ? -7.757  -13.161 -2.433  1.00 12.41 ? 89  GLU A O   1 
ATOM   707  C  CB  . GLU A 1 89  ? -10.471 -13.948 -0.776  1.00 14.45 ? 89  GLU A CB  1 
ATOM   708  C  CG  . GLU A 1 89  ? -11.001 -15.097 0.058   1.00 17.15 ? 89  GLU A CG  1 
ATOM   709  C  CD  . GLU A 1 89  ? -12.474 -15.359 -0.181  1.00 22.09 ? 89  GLU A CD  1 
ATOM   710  O  OE1 . GLU A 1 89  ? -13.262 -14.394 -0.177  1.00 23.36 ? 89  GLU A OE1 1 
ATOM   711  O  OE2 . GLU A 1 89  ? -12.837 -16.545 -0.356  1.00 25.08 ? 89  GLU A OE2 1 
ATOM   712  N  N   . LYS A 1 90  ? -8.727  -11.376 -1.442  1.00 11.22 ? 90  LYS A N   1 
ATOM   713  C  CA  . LYS A 1 90  ? -8.204  -10.447 -2.456  1.00 12.31 ? 90  LYS A CA  1 
ATOM   714  C  C   . LYS A 1 90  ? -6.684  -10.329 -2.345  1.00 12.09 ? 90  LYS A C   1 
ATOM   715  O  O   . LYS A 1 90  ? -5.970  -10.250 -3.352  1.00 12.57 ? 90  LYS A O   1 
ATOM   716  C  CB  . LYS A 1 90  ? -8.875  -9.073  -2.348  1.00 12.95 ? 90  LYS A CB  1 
ATOM   717  C  CG  . LYS A 1 90  ? -8.403  -8.078  -3.416  1.00 16.68 ? 90  LYS A CG  1 
ATOM   718  C  CD  . LYS A 1 90  ? -9.121  -6.728  -3.315  1.00 21.25 ? 90  LYS A CD  1 
ATOM   719  C  CE  . LYS A 1 90  ? -10.553 -6.802  -3.801  1.00 25.62 ? 90  LYS A CE  1 
ATOM   720  N  NZ  . LYS A 1 90  ? -10.595 -6.956  -5.284  1.00 28.29 ? 90  LYS A NZ  1 
HETATM 721  N  N   . MSE A 1 91  ? -6.176  -10.272 -1.118  1.00 11.15 ? 91  MSE A N   1 
HETATM 722  C  CA  . MSE A 1 91  ? -4.715  -10.261 -0.929  1.00 11.18 ? 91  MSE A CA  1 
HETATM 723  C  C   . MSE A 1 91  ? -4.060  -11.505 -1.534  1.00 11.25 ? 91  MSE A C   1 
HETATM 724  O  O   . MSE A 1 91  ? -3.024  -11.398 -2.206  1.00 11.20 ? 91  MSE A O   1 
HETATM 725  C  CB  . MSE A 1 91  ? -4.352  -10.229 0.569   1.00 10.06 ? 91  MSE A CB  1 
HETATM 726  C  CG  . MSE A 1 91  ? -4.651  -8.892  1.285   1.00 9.47  ? 91  MSE A CG  1 
HETATM 727  SE SE  . MSE A 1 91  ? -4.376  -8.971  3.249   0.95 17.06 ? 91  MSE A SE  1 
HETATM 728  C  CE  . MSE A 1 91  ? -5.015  -7.209  3.575   1.00 11.19 ? 91  MSE A CE  1 
ATOM   729  N  N   . VAL A 1 92  ? -4.650  -12.672 -1.308  1.00 11.30 ? 92  VAL A N   1 
ATOM   730  C  CA  . VAL A 1 92  ? -4.091  -13.905 -1.833  1.00 13.05 ? 92  VAL A CA  1 
ATOM   731  C  C   . VAL A 1 92  ? -4.180  -13.961 -3.366  1.00 13.83 ? 92  VAL A C   1 
ATOM   732  O  O   . VAL A 1 92  ? -3.200  -14.318 -4.027  1.00 14.75 ? 92  VAL A O   1 
ATOM   733  C  CB  . VAL A 1 92  ? -4.783  -15.134 -1.174  1.00 12.65 ? 92  VAL A CB  1 
ATOM   734  C  CG1 . VAL A 1 92  ? -4.416  -16.423 -1.906  1.00 14.28 ? 92  VAL A CG1 1 
ATOM   735  C  CG2 . VAL A 1 92  ? -4.368  -15.202 0.311   1.00 14.23 ? 92  VAL A CG2 1 
ATOM   736  N  N   . LYS A 1 93  ? -5.323  -13.575 -3.926  1.00 13.92 ? 93  LYS A N   1 
ATOM   737  C  CA  . LYS A 1 93  ? -5.496  -13.591 -5.384  1.00 15.43 ? 93  LYS A CA  1 
ATOM   738  C  C   . LYS A 1 93  ? -4.503  -12.664 -6.088  1.00 16.79 ? 93  LYS A C   1 
ATOM   739  O  O   . LYS A 1 93  ? -3.987  -12.995 -7.157  1.00 17.14 ? 93  LYS A O   1 
ATOM   740  C  CB  . LYS A 1 93  ? -6.914  -13.168 -5.739  1.00 18.28 ? 93  LYS A CB  1 
ATOM   741  C  CG  . LYS A 1 93  ? -7.190  -13.201 -7.244  1.00 21.77 ? 93  LYS A CG  1 
ATOM   742  C  CD  . LYS A 1 93  ? -8.460  -12.453 -7.571  1.00 26.90 ? 93  LYS A CD  1 
ATOM   743  C  CE  . LYS A 1 93  ? -9.658  -13.038 -6.862  1.00 29.92 ? 93  LYS A CE  1 
ATOM   744  N  NZ  . LYS A 1 93  ? -9.863  -14.469 -7.205  1.00 33.99 ? 93  LYS A NZ  1 
ATOM   745  N  N   . ASN A 1 94  ? -4.242  -11.501 -5.494  1.00 16.46 ? 94  ASN A N   1 
ATOM   746  C  CA  . ASN A 1 94  ? -3.328  -10.504 -6.072  1.00 16.97 ? 94  ASN A CA  1 
ATOM   747  C  C   . ASN A 1 94  ? -1.921  -10.525 -5.504  1.00 18.02 ? 94  ASN A C   1 
ATOM   748  O  O   . ASN A 1 94  ? -1.067  -9.701  -5.859  1.00 20.02 ? 94  ASN A O   1 
ATOM   749  C  CB  . ASN A 1 94  ? -3.915  -9.109  -5.876  1.00 18.85 ? 94  ASN A CB  1 
ATOM   750  C  CG  . ASN A 1 94  ? -5.142  -8.901  -6.688  1.00 20.51 ? 94  ASN A CG  1 
ATOM   751  O  OD1 . ASN A 1 94  ? -5.051  -8.635  -7.889  1.00 24.46 ? 94  ASN A OD1 1 
ATOM   752  N  ND2 . ASN A 1 94  ? -6.306  -9.048  -6.072  1.00 22.42 ? 94  ASN A ND2 1 
ATOM   753  N  N   . VAL A 1 95  ? -1.678  -11.476 -4.624  1.00 15.31 ? 95  VAL A N   1 
ATOM   754  C  CA  . VAL A 1 95  ? -0.395  -11.638 -3.971  1.00 16.69 ? 95  VAL A CA  1 
ATOM   755  C  C   . VAL A 1 95  ? 0.165   -10.320 -3.445  1.00 16.24 ? 95  VAL A C   1 
ATOM   756  O  O   . VAL A 1 95  ? 1.293   -9.905  -3.754  1.00 18.64 ? 95  VAL A O   1 
ATOM   757  C  CB  . VAL A 1 95  ? 0.623   -12.352 -4.900  1.00 18.30 ? 95  VAL A CB  1 
ATOM   758  C  CG1 . VAL A 1 95  ? 1.913   -12.623 -4.159  1.00 23.19 ? 95  VAL A CG1 1 
ATOM   759  C  CG2 . VAL A 1 95  ? 0.019   -13.657 -5.393  1.00 20.93 ? 95  VAL A CG2 1 
ATOM   760  N  N   . VAL A 1 96  ? -0.647  -9.639  -2.645  1.00 12.75 ? 96  VAL A N   1 
ATOM   761  C  CA  . VAL A 1 96  ? -0.205  -8.412  -2.003  1.00 12.65 ? 96  VAL A CA  1 
ATOM   762  C  C   . VAL A 1 96  ? -0.477  -8.507  -0.504  1.00 11.24 ? 96  VAL A C   1 
ATOM   763  O  O   . VAL A 1 96  ? -1.416  -9.174  -0.053  1.00 12.37 ? 96  VAL A O   1 
ATOM   764  C  CB  . VAL A 1 96  ? -0.901  -7.122  -2.547  1.00 12.27 ? 96  VAL A CB  1 
ATOM   765  C  CG1 . VAL A 1 96  ? -0.467  -6.866  -3.990  1.00 14.30 ? 96  VAL A CG1 1 
ATOM   766  C  CG2 . VAL A 1 96  ? -2.419  -7.220  -2.442  1.00 12.78 ? 96  VAL A CG2 1 
ATOM   767  N  N   . TRP A 1 97  ? 0.317   -7.796  0.267   1.00 10.80 ? 97  TRP A N   1 
ATOM   768  C  CA  . TRP A 1 97  ? 0.204   -7.796  1.709   1.00 10.93 ? 97  TRP A CA  1 
ATOM   769  C  C   . TRP A 1 97  ? -0.737  -6.714  2.206   1.00 11.53 ? 97  TRP A C   1 
ATOM   770  O  O   . TRP A 1 97  ? -1.194  -6.764  3.333   1.00 12.34 ? 97  TRP A O   1 
ATOM   771  C  CB  . TRP A 1 97  ? 1.607   -7.571  2.300   1.00 12.67 ? 97  TRP A CB  1 
ATOM   772  C  CG  . TRP A 1 97  ? 1.710   -7.755  3.767   1.00 14.27 ? 97  TRP A CG  1 
ATOM   773  C  CD1 . TRP A 1 97  ? 1.696   -6.783  4.735   1.00 16.57 ? 97  TRP A CD1 1 
ATOM   774  C  CD2 . TRP A 1 97  ? 1.831   -9.003  4.461   1.00 14.87 ? 97  TRP A CD2 1 
ATOM   775  N  NE1 . TRP A 1 97  ? 1.813   -7.347  5.985   1.00 16.40 ? 97  TRP A NE1 1 
ATOM   776  C  CE2 . TRP A 1 97  ? 1.915   -8.714  5.841   1.00 17.18 ? 97  TRP A CE2 1 
ATOM   777  C  CE3 . TRP A 1 97  ? 1.913   -10.336 4.043   1.00 16.79 ? 97  TRP A CE3 1 
ATOM   778  C  CZ2 . TRP A 1 97  ? 2.031   -9.713  6.815   1.00 17.24 ? 97  TRP A CZ2 1 
ATOM   779  C  CZ3 . TRP A 1 97  ? 2.034   -11.334 5.011   1.00 18.19 ? 97  TRP A CZ3 1 
ATOM   780  C  CH2 . TRP A 1 97  ? 2.106   -11.011 6.381   1.00 18.31 ? 97  TRP A CH2 1 
ATOM   781  N  N   . ARG A 1 98  ? -1.045  -5.738  1.352   1.00 10.74 ? 98  ARG A N   1 
ATOM   782  C  CA  . ARG A 1 98  ? -1.871  -4.607  1.739   1.00 11.37 ? 98  ARG A CA  1 
ATOM   783  C  C   . ARG A 1 98  ? -2.871  -4.228  0.684   1.00 11.08 ? 98  ARG A C   1 
ATOM   784  O  O   . ARG A 1 98  ? -2.607  -4.368  -0.508  1.00 12.34 ? 98  ARG A O   1 
ATOM   785  C  CB  . ARG A 1 98  ? -0.996  -3.380  1.998   1.00 12.87 ? 98  ARG A CB  1 
ATOM   786  C  CG  . ARG A 1 98  ? 0.112   -3.635  2.977   1.00 14.56 ? 98  ARG A CG  1 
ATOM   787  C  CD  . ARG A 1 98  ? 1.132   -2.516  2.898   1.00 15.95 ? 98  ARG A CD  1 
ATOM   788  N  NE  . ARG A 1 98  ? 2.328   -2.847  3.663   1.00 16.39 ? 98  ARG A NE  1 
ATOM   789  C  CZ  . ARG A 1 98  ? 3.400   -3.469  3.165   1.00 15.11 ? 98  ARG A CZ  1 
ATOM   790  N  NH1 . ARG A 1 98  ? 3.447   -3.850  1.893   1.00 16.58 ? 98  ARG A NH1 1 
ATOM   791  N  NH2 . ARG A 1 98  ? 4.452   -3.691  3.952   1.00 17.77 ? 98  ARG A NH2 1 
ATOM   792  N  N   . LEU A 1 99  ? -4.021  -3.730  1.139   1.00 10.09 ? 99  LEU A N   1 
ATOM   793  C  CA  . LEU A 1 99  ? -5.083  -3.239  0.251   1.00 10.44 ? 99  LEU A CA  1 
ATOM   794  C  C   . LEU A 1 99  ? -5.452  -1.823  0.647   1.00 10.79 ? 99  LEU A C   1 
ATOM   795  O  O   . LEU A 1 99  ? -5.474  -1.467  1.830   1.00 11.14 ? 99  LEU A O   1 
ATOM   796  C  CB  . LEU A 1 99  ? -6.351  -4.086  0.375   1.00 8.79  ? 99  LEU A CB  1 
ATOM   797  C  CG  . LEU A 1 99  ? -6.202  -5.570  0.078   1.00 9.67  ? 99  LEU A CG  1 
ATOM   798  C  CD1 . LEU A 1 99  ? -7.505  -6.275  0.424   1.00 11.42 ? 99  LEU A CD1 1 
ATOM   799  C  CD2 . LEU A 1 99  ? -5.843  -5.805  -1.390  1.00 11.43 ? 99  LEU A CD2 1 
ATOM   800  N  N   . LEU A 1 100 ? -5.726  -1.005  -0.362  1.00 10.69 ? 100 LEU A N   1 
ATOM   801  C  CA  . LEU A 1 100 ? -6.225  0.354   -0.152  1.00 10.04 ? 100 LEU A CA  1 
ATOM   802  C  C   . LEU A 1 100 ? -7.733  0.194   0.119   1.00 11.28 ? 100 LEU A C   1 
ATOM   803  O  O   . LEU A 1 100 ? -8.416  -0.566  -0.569  1.00 14.05 ? 100 LEU A O   1 
ATOM   804  C  CB  . LEU A 1 100 ? -6.066  1.167   -1.434  1.00 10.40 ? 100 LEU A CB  1 
ATOM   805  C  CG  . LEU A 1 100 ? -4.622  1.483   -1.824  1.00 9.82  ? 100 LEU A CG  1 
ATOM   806  C  CD1 . LEU A 1 100 ? -4.597  1.974   -3.266  1.00 12.16 ? 100 LEU A CD1 1 
ATOM   807  C  CD2 . LEU A 1 100 ? -4.063  2.542   -0.898  1.00 12.36 ? 100 LEU A CD2 1 
ATOM   808  N  N   . VAL A 1 101 ? -8.248  0.913   1.108   1.00 11.69 ? 101 VAL A N   1 
ATOM   809  C  CA  . VAL A 1 101 ? -9.688  0.842   1.393   1.00 12.00 ? 101 VAL A CA  1 
ATOM   810  C  C   . VAL A 1 101 ? -10.311 2.104   0.790   1.00 12.09 ? 101 VAL A C   1 
ATOM   811  O  O   . VAL A 1 101 ? -9.878  3.211   1.087   1.00 13.29 ? 101 VAL A O   1 
ATOM   812  C  CB  . VAL A 1 101 ? -9.930  0.771   2.909   1.00 11.90 ? 101 VAL A CB  1 
ATOM   813  C  CG1 . VAL A 1 101 ? -11.444 0.638   3.180   1.00 12.91 ? 101 VAL A CG1 1 
ATOM   814  C  CG2 . VAL A 1 101 ? -9.164  -0.414  3.501   1.00 13.61 ? 101 VAL A CG2 1 
ATOM   815  N  N   . GLU A 1 102 ? -11.302 1.910   -0.074  1.00 13.63 ? 102 GLU A N   1 
ATOM   816  C  CA  . GLU A 1 102 ? -11.957 3.020   -0.753  1.00 15.43 ? 102 GLU A CA  1 
ATOM   817  C  C   . GLU A 1 102 ? -13.445 3.135   -0.400  1.00 15.94 ? 102 GLU A C   1 
ATOM   818  O  O   . GLU A 1 102 ? -14.154 2.121   -0.367  1.00 17.04 ? 102 GLU A O   1 
ATOM   819  C  CB  . GLU A 1 102 ? -11.802 2.838   -2.260  1.00 18.05 ? 102 GLU A CB  1 
ATOM   820  C  CG  . GLU A 1 102 ? -12.553 3.877   -3.089  1.00 24.82 ? 102 GLU A CG  1 
ATOM   821  C  CD  . GLU A 1 102 ? -12.491 3.574   -4.568  1.00 28.53 ? 102 GLU A CD  1 
ATOM   822  O  OE1 . GLU A 1 102 ? -11.541 3.997   -5.240  1.00 31.22 ? 102 GLU A OE1 1 
ATOM   823  O  OE2 . GLU A 1 102 ? -13.377 2.886   -5.071  1.00 33.90 ? 102 GLU A OE2 1 
ATOM   824  N  N   . GLU A 1 103 ? -13.892 4.348   -0.163  1.00 16.08 ? 103 GLU A N   1 
ATOM   825  C  CA  . GLU A 1 103 ? -15.305 4.621   0.151   1.00 16.86 ? 103 GLU A CA  1 
ATOM   826  C  C   . GLU A 1 103 ? -15.630 5.955   -0.500  1.00 18.61 ? 103 GLU A C   1 
ATOM   827  O  O   . GLU A 1 103 ? -14.849 6.905   -0.417  1.00 17.56 ? 103 GLU A O   1 
ATOM   828  C  CB  . GLU A 1 103 ? -15.506 4.722   1.659   1.00 16.17 ? 103 GLU A CB  1 
ATOM   829  C  CG  . GLU A 1 103 ? -16.974 4.795   2.119   1.00 18.32 ? 103 GLU A CG  1 
ATOM   830  C  CD  . GLU A 1 103 ? -17.083 4.837   3.633   1.00 19.11 ? 103 GLU A CD  1 
ATOM   831  O  OE1 . GLU A 1 103 ? -16.611 5.820   4.250   1.00 24.44 ? 103 GLU A OE1 1 
ATOM   832  O  OE2 . GLU A 1 103 ? -17.629 3.883   4.219   1.00 24.00 ? 103 GLU A OE2 1 
ATOM   833  N  N   . ASP A 1 104 ? -16.789 6.028   -1.145  1.00 20.03 ? 104 ASP A N   1 
ATOM   834  C  CA  . ASP A 1 104 ? -17.208 7.252   -1.829  1.00 21.63 ? 104 ASP A CA  1 
ATOM   835  C  C   . ASP A 1 104 ? -16.123 7.702   -2.816  1.00 22.90 ? 104 ASP A C   1 
ATOM   836  O  O   . ASP A 1 104 ? -15.803 8.890   -2.904  1.00 24.72 ? 104 ASP A O   1 
ATOM   837  C  CB  . ASP A 1 104 ? -17.516 8.363   -0.812  1.00 21.83 ? 104 ASP A CB  1 
ATOM   838  C  CG  . ASP A 1 104 ? -18.613 7.966   0.182   1.00 22.06 ? 104 ASP A CG  1 
ATOM   839  O  OD1 . ASP A 1 104 ? -19.545 7.232   -0.219  1.00 23.31 ? 104 ASP A OD1 1 
ATOM   840  O  OD2 . ASP A 1 104 ? -18.553 8.394   1.353   1.00 24.11 ? 104 ASP A OD2 1 
ATOM   841  N  N   . ASP A 1 105 ? -15.560 6.733   -3.536  1.00 24.25 ? 105 ASP A N   1 
ATOM   842  C  CA  . ASP A 1 105 ? -14.529 6.968   -4.550  1.00 25.34 ? 105 ASP A CA  1 
ATOM   843  C  C   . ASP A 1 105 ? -13.157 7.442   -4.067  1.00 25.32 ? 105 ASP A C   1 
ATOM   844  O  O   . ASP A 1 105 ? -12.271 7.680   -4.892  1.00 26.13 ? 105 ASP A O   1 
ATOM   845  C  CB  . ASP A 1 105 ? -15.044 7.967   -5.591  1.00 28.86 ? 105 ASP A CB  1 
ATOM   846  C  CG  . ASP A 1 105 ? -16.267 7.463   -6.327  1.00 31.76 ? 105 ASP A CG  1 
ATOM   847  O  OD1 . ASP A 1 105 ? -16.178 6.388   -6.958  1.00 35.02 ? 105 ASP A OD1 1 
ATOM   848  O  OD2 . ASP A 1 105 ? -17.315 8.146   -6.275  1.00 35.04 ? 105 ASP A OD2 1 
ATOM   849  N  N   . GLU A 1 106 ? -12.972 7.572   -2.755  1.00 22.06 ? 106 GLU A N   1 
ATOM   850  C  CA  . GLU A 1 106 ? -11.700 8.046   -2.209  1.00 20.83 ? 106 GLU A CA  1 
ATOM   851  C  C   . GLU A 1 106 ? -11.030 7.020   -1.301  1.00 17.59 ? 106 GLU A C   1 
ATOM   852  O  O   . GLU A 1 106 ? -11.703 6.202   -0.672  1.00 16.14 ? 106 GLU A O   1 
ATOM   853  C  CB  . GLU A 1 106 ? -11.911 9.335   -1.416  1.00 24.59 ? 106 GLU A CB  1 
ATOM   854  C  CG  . GLU A 1 106 ? -12.572 10.462  -2.209  1.00 30.79 ? 106 GLU A CG  1 
ATOM   855  C  CD  . GLU A 1 106 ? -12.755 11.733  -1.383  1.00 35.15 ? 106 GLU A CD  1 
ATOM   856  O  OE1 . GLU A 1 106 ? -13.398 11.668  -0.311  1.00 38.97 ? 106 GLU A OE1 1 
ATOM   857  O  OE2 . GLU A 1 106 ? -12.257 12.800  -1.810  1.00 38.00 ? 106 GLU A OE2 1 
ATOM   858  N  N   . ILE A 1 107 ? -9.701  7.064   -1.243  1.00 15.32 ? 107 ILE A N   1 
ATOM   859  C  CA  . ILE A 1 107 ? -8.954  6.141   -0.389  1.00 14.16 ? 107 ILE A CA  1 
ATOM   860  C  C   . ILE A 1 107 ? -9.049  6.647   1.049   1.00 13.81 ? 107 ILE A C   1 
ATOM   861  O  O   . ILE A 1 107 ? -8.584  7.748   1.357   1.00 15.16 ? 107 ILE A O   1 
ATOM   862  C  CB  . ILE A 1 107 ? -7.476  6.078   -0.845  1.00 13.51 ? 107 ILE A CB  1 
ATOM   863  C  CG1 . ILE A 1 107 ? -7.410  5.419   -2.221  1.00 13.30 ? 107 ILE A CG1 1 
ATOM   864  C  CG2 . ILE A 1 107 ? -6.630  5.324   0.206   1.00 12.11 ? 107 ILE A CG2 1 
ATOM   865  C  CD1 . ILE A 1 107 ? -6.097  5.629   -2.941  1.00 13.73 ? 107 ILE A CD1 1 
ATOM   866  N  N   . ILE A 1 108 ? -9.651  5.838   1.923   1.00 14.08 ? 108 ILE A N   1 
ATOM   867  C  CA  . ILE A 1 108 ? -9.832  6.229   3.323   1.00 15.43 ? 108 ILE A CA  1 
ATOM   868  C  C   . ILE A 1 108 ? -8.944  5.492   4.320   1.00 15.58 ? 108 ILE A C   1 
ATOM   869  O  O   . ILE A 1 108 ? -8.940  5.810   5.510   1.00 17.32 ? 108 ILE A O   1 
ATOM   870  C  CB  . ILE A 1 108 ? -11.324 6.059   3.772   1.00 16.03 ? 108 ILE A CB  1 
ATOM   871  C  CG1 . ILE A 1 108 ? -11.758 4.593   3.670   1.00 16.11 ? 108 ILE A CG1 1 
ATOM   872  C  CG2 . ILE A 1 108 ? -12.229 6.944   2.898   1.00 16.86 ? 108 ILE A CG2 1 
ATOM   873  C  CD1 . ILE A 1 108 ? -13.081 4.281   4.427   1.00 17.45 ? 108 ILE A CD1 1 
ATOM   874  N  N   . GLY A 1 109 ? -8.178  4.511   3.848   1.00 14.15 ? 109 GLY A N   1 
ATOM   875  C  CA  . GLY A 1 109 ? -7.307  3.789   4.755   1.00 14.28 ? 109 GLY A CA  1 
ATOM   876  C  C   . GLY A 1 109 ? -6.603  2.656   4.048   1.00 12.79 ? 109 GLY A C   1 
ATOM   877  O  O   . GLY A 1 109 ? -6.727  2.502   2.823   1.00 13.11 ? 109 GLY A O   1 
ATOM   878  N  N   . VAL A 1 110 ? -5.890  1.849   4.824   1.00 12.44 ? 110 VAL A N   1 
ATOM   879  C  CA  . VAL A 1 110 ? -5.173  0.702   4.294   1.00 12.89 ? 110 VAL A CA  1 
ATOM   880  C  C   . VAL A 1 110 ? -5.375  -0.459  5.252   1.00 13.23 ? 110 VAL A C   1 
ATOM   881  O  O   . VAL A 1 110 ? -5.415  -0.261  6.474   1.00 15.30 ? 110 VAL A O   1 
ATOM   882  C  CB  . VAL A 1 110 ? -3.641  0.994   4.180   1.00 12.55 ? 110 VAL A CB  1 
ATOM   883  C  CG1 . VAL A 1 110 ? -2.866  -0.300  3.863   1.00 15.24 ? 110 VAL A CG1 1 
ATOM   884  C  CG2 . VAL A 1 110 ? -3.376  2.025   3.068   1.00 13.53 ? 110 VAL A CG2 1 
ATOM   885  N  N   . ILE A 1 111 ? -5.550  -1.651  4.721   1.00 11.75 ? 111 ILE A N   1 
ATOM   886  C  CA  . ILE A 1 111 ? -5.646  -2.817  5.586   1.00 11.99 ? 111 ILE A CA  1 
ATOM   887  C  C   . ILE A 1 111 ? -4.515  -3.745  5.175   1.00 11.92 ? 111 ILE A C   1 
ATOM   888  O  O   . ILE A 1 111 ? -4.248  -3.951  3.988   1.00 12.15 ? 111 ILE A O   1 
ATOM   889  C  CB  . ILE A 1 111 ? -7.028  -3.510  5.490   1.00 11.66 ? 111 ILE A CB  1 
ATOM   890  C  CG1 . ILE A 1 111 ? -7.044  -4.730  6.423   1.00 12.24 ? 111 ILE A CG1 1 
ATOM   891  C  CG2 . ILE A 1 111 ? -7.370  -3.858  4.040   1.00 11.75 ? 111 ILE A CG2 1 
ATOM   892  C  CD1 . ILE A 1 111 ? -8.404  -5.409  6.515   1.00 13.96 ? 111 ILE A CD1 1 
ATOM   893  N  N   A SER A 1 112 ? -3.827  -4.290  6.174   0.50 13.58 ? 112 SER A N   1 
ATOM   894  N  N   B SER A 1 112 ? -3.822  -4.323  6.152   0.50 13.05 ? 112 SER A N   1 
ATOM   895  C  CA  A SER A 1 112 ? -2.691  -5.165  5.936   0.50 13.87 ? 112 SER A CA  1 
ATOM   896  C  CA  B SER A 1 112 ? -2.757  -5.242  5.797   0.50 12.95 ? 112 SER A CA  1 
ATOM   897  C  C   A SER A 1 112 ? -2.883  -6.577  6.485   0.50 13.24 ? 112 SER A C   1 
ATOM   898  C  C   B SER A 1 112 ? -2.998  -6.624  6.364   0.50 12.61 ? 112 SER A C   1 
ATOM   899  O  O   A SER A 1 112 ? -3.613  -6.759  7.468   0.50 13.03 ? 112 SER A O   1 
ATOM   900  O  O   B SER A 1 112 ? -3.851  -6.842  7.228   0.50 13.43 ? 112 SER A O   1 
ATOM   901  C  CB  A SER A 1 112 ? -1.458  -4.539  6.576   0.50 16.74 ? 112 SER A CB  1 
ATOM   902  C  CB  B SER A 1 112 ? -1.397  -4.755  6.288   0.50 14.27 ? 112 SER A CB  1 
ATOM   903  O  OG  A SER A 1 112 ? -0.353  -5.409  6.501   0.50 18.80 ? 112 SER A OG  1 
ATOM   904  O  OG  B SER A 1 112 ? -1.245  -4.994  7.676   0.50 13.96 ? 112 SER A OG  1 
ATOM   905  N  N   . ALA A 1 113 ? -2.222  -7.559  5.869   1.00 12.39 ? 113 ALA A N   1 
ATOM   906  C  CA  . ALA A 1 113 ? -2.324  -8.935  6.333   1.00 12.11 ? 113 ALA A CA  1 
ATOM   907  C  C   . ALA A 1 113 ? -1.965  -8.998  7.828   1.00 12.34 ? 113 ALA A C   1 
ATOM   908  O  O   . ALA A 1 113 ? -2.525  -9.825  8.552   1.00 12.60 ? 113 ALA A O   1 
ATOM   909  C  CB  . ALA A 1 113 ? -1.427  -9.833  5.528   1.00 13.05 ? 113 ALA A CB  1 
ATOM   910  N  N   . THR A 1 114 ? -1.056  -8.135  8.290   1.00 12.20 ? 114 THR A N   1 
ATOM   911  C  CA  . THR A 1 114 ? -0.687  -8.111  9.712   1.00 14.24 ? 114 THR A CA  1 
ATOM   912  C  C   . THR A 1 114 ? -1.918  -7.851  10.570  1.00 14.73 ? 114 THR A C   1 
ATOM   913  O  O   . THR A 1 114 ? -2.121  -8.497  11.604  1.00 15.38 ? 114 THR A O   1 
ATOM   914  C  CB  . THR A 1 114 ? 0.339   -7.004  9.957   1.00 14.95 ? 114 THR A CB  1 
ATOM   915  O  OG1 . THR A 1 114 ? 1.550   -7.341  9.275   1.00 19.52 ? 114 THR A OG1 1 
ATOM   916  C  CG2 . THR A 1 114 ? 0.626   -6.840  11.450  1.00 16.97 ? 114 THR A CG2 1 
ATOM   917  N  N   . ASP A 1 115 ? -2.734  -6.900  10.129  1.00 14.99 ? 115 ASP A N   1 
ATOM   918  C  CA  . ASP A 1 115 ? -3.958  -6.512  10.838  1.00 17.44 ? 115 ASP A CA  1 
ATOM   919  C  C   . ASP A 1 115 ? -4.934  -7.682  10.914  1.00 15.81 ? 115 ASP A C   1 
ATOM   920  O  O   . ASP A 1 115 ? -5.571  -7.946  11.946  1.00 16.70 ? 115 ASP A O   1 
ATOM   921  C  CB  . ASP A 1 115 ? -4.655  -5.354  10.090  1.00 20.64 ? 115 ASP A CB  1 
ATOM   922  C  CG  . ASP A 1 115 ? -3.754  -4.141  9.873   1.00 22.44 ? 115 ASP A CG  1 
ATOM   923  O  OD1 . ASP A 1 115 ? -3.123  -3.652  10.844  1.00 22.03 ? 115 ASP A OD1 1 
ATOM   924  O  OD2 . ASP A 1 115 ? -3.690  -3.644  8.724   1.00 25.30 ? 115 ASP A OD2 1 
ATOM   925  N  N   . ILE A 1 116 ? -5.059  -8.379  9.795   1.00 13.03 ? 116 ILE A N   1 
ATOM   926  C  CA  . ILE A 1 116 ? -5.959  -9.515  9.693   1.00 13.48 ? 116 ILE A CA  1 
ATOM   927  C  C   . ILE A 1 116 ? -5.473  -10.655 10.575  1.00 13.10 ? 116 ILE A C   1 
ATOM   928  O  O   . ILE A 1 116 ? -6.269  -11.268 11.311  1.00 13.76 ? 116 ILE A O   1 
ATOM   929  C  CB  . ILE A 1 116 ? -6.084  -9.970  8.223   1.00 13.12 ? 116 ILE A CB  1 
ATOM   930  C  CG1 . ILE A 1 116 ? -6.838  -8.885  7.430   1.00 12.68 ? 116 ILE A CG1 1 
ATOM   931  C  CG2 . ILE A 1 116 ? -6.778  -11.322 8.127   1.00 13.68 ? 116 ILE A CG2 1 
ATOM   932  C  CD1 . ILE A 1 116 ? -7.010  -9.211  5.949   1.00 14.85 ? 116 ILE A CD1 1 
ATOM   933  N  N   . LEU A 1 117 ? -4.172  -10.933 10.550  1.00 12.10 ? 117 LEU A N   1 
ATOM   934  C  CA  . LEU A 1 117 ? -3.661  -12.011 11.394  1.00 12.54 ? 117 LEU A CA  1 
ATOM   935  C  C   . LEU A 1 117 ? -3.850  -11.698 12.878  1.00 13.59 ? 117 LEU A C   1 
ATOM   936  O  O   . LEU A 1 117 ? -4.233  -12.583 13.648  1.00 13.56 ? 117 LEU A O   1 
ATOM   937  C  CB  . LEU A 1 117 ? -2.183  -12.298 11.080  1.00 11.47 ? 117 LEU A CB  1 
ATOM   938  C  CG  . LEU A 1 117 ? -2.005  -13.427 10.033  1.00 13.14 ? 117 LEU A CG  1 
ATOM   939  C  CD1 . LEU A 1 117 ? -2.555  -13.048 8.656   1.00 17.12 ? 117 LEU A CD1 1 
ATOM   940  C  CD2 . LEU A 1 117 ? -0.529  -13.781 9.981   1.00 16.37 ? 117 LEU A CD2 1 
ATOM   941  N  N   . ARG A 1 118 ? -3.600  -10.456 13.272  1.00 14.74 ? 118 ARG A N   1 
ATOM   942  C  CA  . ARG A 1 118 ? -3.776  -10.081 14.674  1.00 16.40 ? 118 ARG A CA  1 
ATOM   943  C  C   . ARG A 1 118 ? -5.236  -10.215 15.080  1.00 18.10 ? 118 ARG A C   1 
ATOM   944  O  O   . ARG A 1 118 ? -5.541  -10.700 16.179  1.00 18.78 ? 118 ARG A O   1 
ATOM   945  C  CB  . ARG A 1 118 ? -3.292  -8.651  14.910  1.00 17.71 ? 118 ARG A CB  1 
ATOM   946  C  CG  . ARG A 1 118 ? -1.773  -8.486  14.774  1.00 21.55 ? 118 ARG A CG  1 
ATOM   947  C  CD  . ARG A 1 118 ? -1.349  -7.029  14.940  1.00 26.67 ? 118 ARG A CD  1 
ATOM   948  N  NE  . ARG A 1 118 ? -1.716  -6.514  16.258  1.00 33.73 ? 118 ARG A NE  1 
ATOM   949  C  CZ  . ARG A 1 118 ? -1.708  -5.224  16.594  1.00 35.96 ? 118 ARG A CZ  1 
ATOM   950  N  NH1 . ARG A 1 118 ? -1.353  -4.302  15.706  1.00 37.88 ? 118 ARG A NH1 1 
ATOM   951  N  NH2 . ARG A 1 118 ? -2.066  -4.855  17.819  1.00 37.72 ? 118 ARG A NH2 1 
ATOM   952  N  N   . ALA A 1 119 ? -6.151  -9.821  14.192  1.00 17.81 ? 119 ALA A N   1 
ATOM   953  C  CA  . ALA A 1 119 ? -7.580  -9.921  14.510  1.00 19.11 ? 119 ALA A CA  1 
ATOM   954  C  C   . ALA A 1 119 ? -8.037  -11.370 14.636  1.00 20.89 ? 119 ALA A C   1 
ATOM   955  O  O   . ALA A 1 119 ? -8.912  -11.686 15.442  1.00 22.64 ? 119 ALA A O   1 
ATOM   956  C  CB  . ALA A 1 119 ? -8.415  -9.198  13.456  1.00 19.80 ? 119 ALA A CB  1 
ATOM   957  N  N   . LYS A 1 120 ? -7.449  -12.263 13.841  1.00 21.20 ? 120 LYS A N   1 
ATOM   958  C  CA  . LYS A 1 120 ? -7.800  -13.677 13.880  1.00 22.62 ? 120 LYS A CA  1 
ATOM   959  C  C   . LYS A 1 120 ? -7.321  -14.279 15.199  1.00 24.46 ? 120 LYS A C   1 
ATOM   960  O  O   . LYS A 1 120 ? -8.022  -15.077 15.829  1.00 25.35 ? 120 LYS A O   1 
ATOM   961  C  CB  . LYS A 1 120 ? -7.143  -14.414 12.700  1.00 24.17 ? 120 LYS A CB  1 
ATOM   962  C  CG  . LYS A 1 120 ? -7.317  -15.933 12.709  1.00 26.75 ? 120 LYS A CG  1 
ATOM   963  C  CD  . LYS A 1 120 ? -8.783  -16.315 12.636  1.00 29.54 ? 120 LYS A CD  1 
ATOM   964  C  CE  . LYS A 1 120 ? -8.991  -17.798 12.887  1.00 32.11 ? 120 LYS A CE  1 
ATOM   965  N  NZ  . LYS A 1 120 ? -8.514  -18.610 11.762  1.00 33.57 ? 120 LYS A NZ  1 
HETATM 966  N  N   . MSE A 1 121 ? -6.125  -13.880 15.615  1.00 25.45 ? 121 MSE A N   1 
HETATM 967  C  CA  . MSE A 1 121 ? -5.545  -14.369 16.857  1.00 27.44 ? 121 MSE A CA  1 
HETATM 968  C  C   . MSE A 1 121 ? -6.339  -13.816 18.042  1.00 29.05 ? 121 MSE A C   1 
HETATM 969  O  O   . MSE A 1 121 ? -6.600  -14.537 19.009  1.00 30.83 ? 121 MSE A O   1 
HETATM 970  C  CB  . MSE A 1 121 ? -4.081  -13.931 16.946  1.00 27.57 ? 121 MSE A CB  1 
HETATM 971  C  CG  . MSE A 1 121 ? -3.316  -14.451 18.150  1.00 27.91 ? 121 MSE A CG  1 
HETATM 972  SE SE  . MSE A 1 121 ? -3.044  -16.357 18.124  0.86 30.40 ? 121 MSE A SE  1 
HETATM 973  C  CE  . MSE A 1 121 ? -3.110  -16.664 20.011  1.00 25.06 ? 121 MSE A CE  1 
HETATM 974  MG MG  . MG  B 2 .   ? 3.040   -5.279  -7.972  1.00 13.41 ? 502 MG  A MG  1 
HETATM 975  O  O   . HOH C 3 .   ? 2.301   -1.068  -5.241  1.00 9.57  ? 503 HOH A O   1 
HETATM 976  O  O   . HOH C 3 .   ? 3.858   -2.064  -8.811  1.00 9.57  ? 504 HOH A O   1 
HETATM 977  O  O   . HOH C 3 .   ? 0.898   -3.182  -4.263  1.00 10.79 ? 505 HOH A O   1 
HETATM 978  O  O   . HOH C 3 .   ? 3.286   -4.514  -3.718  1.00 11.16 ? 506 HOH A O   1 
HETATM 979  O  O   . HOH C 3 .   ? -0.189  -3.360  -1.670  1.00 11.90 ? 507 HOH A O   1 
HETATM 980  O  O   . HOH C 3 .   ? 8.590   2.591   2.343   1.00 14.26 ? 508 HOH A O   1 
HETATM 981  O  O   . HOH C 3 .   ? 1.658   -5.983  -6.647  1.00 14.22 ? 509 HOH A O   1 
HETATM 982  O  O   . HOH C 3 .   ? 4.213   -4.605  -6.412  1.00 12.36 ? 510 HOH A O   1 
HETATM 983  O  O   . HOH C 3 .   ? 9.686   -1.783  -9.370  1.00 16.17 ? 511 HOH A O   1 
HETATM 984  O  O   . HOH C 3 .   ? 1.553   -4.692  -0.072  1.00 14.99 ? 512 HOH A O   1 
HETATM 985  O  O   . HOH C 3 .   ? -8.499  9.122   -2.932  1.00 17.59 ? 513 HOH A O   1 
HETATM 986  O  O   . HOH C 3 .   ? 17.134  10.819  5.659   1.00 15.33 ? 514 HOH A O   1 
HETATM 987  O  O   . HOH C 3 .   ? 7.585   5.029   1.508   1.00 15.91 ? 515 HOH A O   1 
HETATM 988  O  O   . HOH C 3 .   ? 4.018   -7.096  -8.113  1.00 14.40 ? 516 HOH A O   1 
HETATM 989  O  O   . HOH C 3 .   ? 1.970   -5.851  -9.641  1.00 16.35 ? 517 HOH A O   1 
HETATM 990  O  O   . HOH C 3 .   ? -19.035 1.813   3.491   1.00 22.39 ? 518 HOH A O   1 
HETATM 991  O  O   . HOH C 3 .   ? -14.500 -12.730 7.870   1.00 21.89 ? 519 HOH A O   1 
HETATM 992  O  O   . HOH C 3 .   ? 11.387  -7.516  -11.047 1.00 18.71 ? 520 HOH A O   1 
HETATM 993  O  O   . HOH C 3 .   ? -24.270 -2.086  3.135   1.00 22.95 ? 521 HOH A O   1 
HETATM 994  O  O   . HOH C 3 .   ? 1.718   16.407  -6.031  1.00 21.86 ? 522 HOH A O   1 
HETATM 995  O  O   . HOH C 3 .   ? 2.658   -1.573  -11.026 1.00 26.67 ? 523 HOH A O   1 
HETATM 996  O  O   . HOH C 3 .   ? 12.199  11.758  -7.301  1.00 18.45 ? 524 HOH A O   1 
HETATM 997  O  O   . HOH C 3 .   ? 7.039   -2.586  -9.225  1.00 19.19 ? 525 HOH A O   1 
HETATM 998  O  O   . HOH C 3 .   ? 11.181  -0.354  -11.316 1.00 20.82 ? 526 HOH A O   1 
HETATM 999  O  O   . HOH C 3 .   ? 13.312  11.880  -4.769  1.00 21.57 ? 527 HOH A O   1 
HETATM 1000 O  O   . HOH C 3 .   ? 8.027   12.611  -11.781 1.00 18.98 ? 528 HOH A O   1 
HETATM 1001 O  O   . HOH C 3 .   ? 18.944  -1.813  -7.874  1.00 23.98 ? 529 HOH A O   1 
HETATM 1002 O  O   . HOH C 3 .   ? 9.647   8.328   6.384   1.00 21.35 ? 530 HOH A O   1 
HETATM 1003 O  O   . HOH C 3 .   ? -16.768 -13.757 3.866   1.00 24.65 ? 531 HOH A O   1 
HETATM 1004 O  O   . HOH C 3 .   ? 10.052  13.176  -10.008 1.00 21.27 ? 532 HOH A O   1 
HETATM 1005 O  O   . HOH C 3 .   ? 20.026  5.431   6.619   1.00 28.19 ? 533 HOH A O   1 
HETATM 1006 O  O   . HOH C 3 .   ? 19.858  2.217   -6.952  1.00 24.46 ? 534 HOH A O   1 
HETATM 1007 O  O   . HOH C 3 .   ? 5.785   -5.112  0.769   1.00 21.72 ? 535 HOH A O   1 
HETATM 1008 O  O   . HOH C 3 .   ? -8.102  -15.902 -3.177  1.00 19.27 ? 536 HOH A O   1 
HETATM 1009 O  O   . HOH C 3 .   ? 12.928  -9.752  -11.970 1.00 22.47 ? 537 HOH A O   1 
HETATM 1010 O  O   . HOH C 3 .   ? 15.491  9.954   -5.399  1.00 25.16 ? 538 HOH A O   1 
HETATM 1011 O  O   . HOH C 3 .   ? 0.486   2.662   2.804   1.00 23.00 ? 539 HOH A O   1 
HETATM 1012 O  O   . HOH C 3 .   ? -0.973  -16.418 -3.085  1.00 26.26 ? 540 HOH A O   1 
HETATM 1013 O  O   . HOH C 3 .   ? -12.399 -10.763 -2.235  1.00 21.23 ? 541 HOH A O   1 
HETATM 1014 O  O   . HOH C 3 .   ? 3.019   10.474  5.858   1.00 24.99 ? 542 HOH A O   1 
HETATM 1015 O  O   . HOH C 3 .   ? 3.527   2.586   6.147   1.00 22.90 ? 543 HOH A O   1 
HETATM 1016 O  O   . HOH C 3 .   ? -1.899  -4.355  -8.724  1.00 21.65 ? 544 HOH A O   1 
HETATM 1017 O  O   . HOH C 3 .   ? -7.861  11.544  -1.484  1.00 24.80 ? 545 HOH A O   1 
HETATM 1018 O  O   . HOH C 3 .   ? 7.023   12.876  -0.224  1.00 24.35 ? 546 HOH A O   1 
HETATM 1019 O  O   . HOH C 3 .   ? -2.634  -1.257  7.387   1.00 26.49 ? 547 HOH A O   1 
HETATM 1020 O  O   . HOH C 3 .   ? -4.677  15.195  -8.128  1.00 36.68 ? 548 HOH A O   1 
HETATM 1021 O  O   . HOH C 3 .   ? 13.763  9.030   6.960   1.00 23.69 ? 549 HOH A O   1 
HETATM 1022 O  O   . HOH C 3 .   ? -8.590  3.182   -4.316  1.00 27.71 ? 550 HOH A O   1 
HETATM 1023 O  O   . HOH C 3 .   ? -5.964  -6.131  13.953  1.00 25.44 ? 551 HOH A O   1 
HETATM 1024 O  O   . HOH C 3 .   ? -3.563  12.340  2.261   1.00 27.77 ? 552 HOH A O   1 
HETATM 1025 O  O   . HOH C 3 .   ? 16.713  2.539   -13.895 1.00 30.91 ? 553 HOH A O   1 
HETATM 1026 O  O   . HOH C 3 .   ? 20.139  -4.377  -8.425  1.00 28.50 ? 554 HOH A O   1 
HETATM 1027 O  O   . HOH C 3 .   ? 4.535   -0.090  7.292   1.00 29.02 ? 555 HOH A O   1 
HETATM 1028 O  O   . HOH C 3 .   ? -14.663 9.086   1.537   1.00 35.77 ? 556 HOH A O   1 
HETATM 1029 O  O   . HOH C 3 .   ? 5.368   7.815   4.011   1.00 27.48 ? 557 HOH A O   1 
HETATM 1030 O  O   . HOH C 3 .   ? -15.108 -17.204 -1.521  1.00 39.71 ? 558 HOH A O   1 
HETATM 1031 O  O   . HOH C 3 .   ? 0.098   3.589   5.731   1.00 31.95 ? 559 HOH A O   1 
HETATM 1032 O  O   . HOH C 3 .   ? -20.643 6.529   -2.567  1.00 29.59 ? 560 HOH A O   1 
HETATM 1033 O  O   . HOH C 3 .   ? 10.349  9.309   -14.530 1.00 37.51 ? 561 HOH A O   1 
HETATM 1034 O  O   . HOH C 3 .   ? 2.833   -0.253  5.540   1.00 28.36 ? 562 HOH A O   1 
HETATM 1035 O  O   . HOH C 3 .   ? 7.830   -4.507  4.161   1.00 30.80 ? 563 HOH A O   1 
HETATM 1036 O  O   . HOH C 3 .   ? 6.892   3.606   10.892  1.00 36.65 ? 564 HOH A O   1 
HETATM 1037 O  O   . HOH C 3 .   ? -3.613  17.281  -10.049 1.00 48.44 ? 565 HOH A O   1 
HETATM 1038 O  O   . HOH C 3 .   ? -5.658  4.267   12.280  1.00 31.20 ? 566 HOH A O   1 
HETATM 1039 O  O   . HOH C 3 .   ? 15.341  -9.768  -13.659 1.00 30.82 ? 567 HOH A O   1 
HETATM 1040 O  O   . HOH C 3 .   ? 2.148   15.334  -1.693  1.00 28.81 ? 568 HOH A O   1 
HETATM 1041 O  O   . HOH C 3 .   ? 0.273   -8.266  -7.573  1.00 25.13 ? 569 HOH A O   1 
HETATM 1042 O  O   . HOH C 3 .   ? 13.500  9.124   -14.059 1.00 32.53 ? 570 HOH A O   1 
HETATM 1043 O  O   . HOH C 3 .   ? -15.571 -15.225 1.380   1.00 31.59 ? 571 HOH A O   1 
HETATM 1044 O  O   . HOH C 3 .   ? 13.617  11.556  4.506   1.00 39.38 ? 572 HOH A O   1 
HETATM 1045 O  O   . HOH C 3 .   ? 4.711   -3.195  6.767   1.00 30.95 ? 573 HOH A O   1 
HETATM 1046 O  O   . HOH C 3 .   ? 6.651   -9.122  -10.557 1.00 28.93 ? 574 HOH A O   1 
HETATM 1047 O  O   . HOH C 3 .   ? -13.941 -12.977 -2.340  1.00 27.96 ? 575 HOH A O   1 
HETATM 1048 O  O   . HOH C 3 .   ? -16.402 8.138   3.168   1.00 35.36 ? 576 HOH A O   1 
HETATM 1049 O  O   . HOH C 3 .   ? -7.609  8.219   6.227   1.00 30.10 ? 577 HOH A O   1 
HETATM 1050 O  O   . HOH C 3 .   ? 0.613   10.495  7.629   1.00 39.14 ? 578 HOH A O   1 
HETATM 1051 O  O   . HOH C 3 .   ? -0.647  10.872  10.947  1.00 44.15 ? 579 HOH A O   1 
HETATM 1052 O  O   . HOH C 3 .   ? -10.418 0.390   11.769  1.00 28.00 ? 580 HOH A O   1 
HETATM 1053 O  O   . HOH C 3 .   ? 15.316  11.074  -12.189 1.00 44.18 ? 581 HOH A O   1 
HETATM 1054 O  O   . HOH C 3 .   ? 3.230   9.273   8.537   1.00 39.77 ? 582 HOH A O   1 
HETATM 1055 O  O   . HOH C 3 .   ? -7.678  -10.732 18.865  1.00 36.15 ? 583 HOH A O   1 
HETATM 1056 O  O   . HOH C 3 .   ? -8.500  -7.486  -7.468  1.00 46.36 ? 584 HOH A O   1 
HETATM 1057 O  O   . HOH C 3 .   ? 13.945  2.593   12.517  1.00 32.15 ? 585 HOH A O   1 
HETATM 1058 O  O   . HOH C 3 .   ? 1.428   6.213   11.483  1.00 52.41 ? 586 HOH A O   1 
HETATM 1059 O  O   . HOH C 3 .   ? -15.490 -8.749  11.494  1.00 42.67 ? 587 HOH A O   1 
HETATM 1060 O  O   . HOH C 3 .   ? -15.681 3.060   6.613   1.00 34.60 ? 588 HOH A O   1 
HETATM 1061 O  O   . HOH C 3 .   ? 5.051   17.529  -6.454  1.00 33.37 ? 589 HOH A O   1 
HETATM 1062 O  O   . HOH C 3 .   ? -11.078 -0.853  -8.005  1.00 39.13 ? 590 HOH A O   1 
HETATM 1063 O  O   . HOH C 3 .   ? 16.588  -5.592  -16.115 1.00 37.97 ? 591 HOH A O   1 
HETATM 1064 O  O   . HOH C 3 .   ? 15.988  11.243  -7.893  1.00 30.30 ? 592 HOH A O   1 
HETATM 1065 O  O   . HOH C 3 .   ? -2.166  16.119  -14.341 1.00 42.35 ? 593 HOH A O   1 
HETATM 1066 O  O   . HOH C 3 .   ? 20.521  8.310   -10.329 1.00 39.01 ? 594 HOH A O   1 
HETATM 1067 O  O   . HOH C 3 .   ? 17.177  -2.200  -15.093 1.00 35.15 ? 595 HOH A O   1 
HETATM 1068 O  O   . HOH C 3 .   ? 8.624   9.272   8.954   1.00 35.72 ? 596 HOH A O   1 
HETATM 1069 O  O   . HOH C 3 .   ? 2.604   -5.197  7.975   1.00 34.32 ? 597 HOH A O   1 
HETATM 1070 O  O   . HOH C 3 .   ? 8.127   -2.398  9.018   1.00 39.75 ? 598 HOH A O   1 
HETATM 1071 O  O   . HOH C 3 .   ? 1.986   -7.818  15.118  1.00 48.93 ? 599 HOH A O   1 
HETATM 1072 O  O   . HOH C 3 .   ? -6.601  -9.925  -9.851  1.00 37.93 ? 600 HOH A O   1 
HETATM 1073 O  O   . HOH C 3 .   ? 7.465   0.466   -13.959 1.00 40.18 ? 601 HOH A O   1 
HETATM 1074 O  O   . HOH C 3 .   ? 16.168  10.741  -2.603  1.00 34.81 ? 602 HOH A O   1 
HETATM 1075 O  O   . HOH C 3 .   ? -5.872  17.175  0.305   1.00 48.54 ? 603 HOH A O   1 
HETATM 1076 O  O   . HOH C 3 .   ? 0.668   7.671   9.442   1.00 38.14 ? 604 HOH A O   1 
HETATM 1077 O  O   . HOH C 3 .   ? -0.045  16.970  -2.288  1.00 34.62 ? 605 HOH A O   1 
HETATM 1078 O  O   . HOH C 3 .   ? -9.141  2.285   -9.765  1.00 48.66 ? 606 HOH A O   1 
HETATM 1079 O  O   . HOH C 3 .   ? -13.456 -6.510  -4.485  1.00 38.22 ? 607 HOH A O   1 
HETATM 1080 O  O   . HOH C 3 .   ? -4.015  -10.287 18.351  1.00 30.85 ? 608 HOH A O   1 
HETATM 1081 O  O   . HOH C 3 .   ? -10.761 -4.433  -10.559 1.00 46.37 ? 609 HOH A O   1 
HETATM 1082 O  O   . HOH C 3 .   ? -12.359 -14.594 -8.176  1.00 52.35 ? 610 HOH A O   1 
HETATM 1083 O  O   . HOH C 3 .   ? -15.921 4.034   -3.406  1.00 34.27 ? 611 HOH A O   1 
HETATM 1084 O  O   . HOH C 3 .   ? 3.017   -6.895  -1.535  1.00 13.01 ? 612 HOH A O   1 
HETATM 1085 O  O   . HOH C 3 .   ? -14.699 -4.495  -2.516  1.00 24.83 ? 613 HOH A O   1 
HETATM 1086 O  O   . HOH C 3 .   ? -18.480 1.396   0.674   1.00 25.08 ? 614 HOH A O   1 
HETATM 1087 O  O   . HOH C 3 .   ? 3.636   -9.471  -7.075  1.00 27.96 ? 615 HOH A O   1 
HETATM 1088 O  O   . HOH C 3 .   ? 8.566   11.760  9.170   1.00 29.09 ? 616 HOH A O   1 
HETATM 1089 O  O   . HOH C 3 .   ? 1.998   8.822   11.493  1.00 38.02 ? 617 HOH A O   1 
HETATM 1090 O  O   . HOH C 3 .   ? 10.064  0.689   -13.355 1.00 30.34 ? 618 HOH A O   1 
HETATM 1091 O  O   . HOH C 3 .   ? -6.378  -17.074 -5.194  1.00 29.35 ? 619 HOH A O   1 
HETATM 1092 O  O   . HOH C 3 .   ? 5.328   -7.615  0.330   1.00 27.57 ? 620 HOH A O   1 
HETATM 1093 O  O   . HOH C 3 .   ? 19.730  3.861   8.712   1.00 31.67 ? 621 HOH A O   1 
HETATM 1094 O  O   . HOH C 3 .   ? 9.502   11.893  -0.482  1.00 39.68 ? 622 HOH A O   1 
HETATM 1095 O  O   . HOH C 3 .   ? 9.556   16.004  -10.213 1.00 28.15 ? 623 HOH A O   1 
HETATM 1096 O  O   . HOH C 3 .   ? -2.641  -4.485  12.993  1.00 39.84 ? 624 HOH A O   1 
HETATM 1097 O  O   . HOH C 3 .   ? -2.284  -7.060  -8.579  1.00 30.55 ? 625 HOH A O   1 
HETATM 1098 O  O   . HOH C 3 .   ? -9.690  13.474  -2.604  1.00 39.10 ? 626 HOH A O   1 
HETATM 1099 O  O   . HOH C 3 .   ? -17.664 -13.890 0.083   1.00 49.64 ? 627 HOH A O   1 
HETATM 1100 O  O   . HOH C 3 .   ? 16.684  13.315  -2.532  1.00 38.10 ? 628 HOH A O   1 
HETATM 1101 O  O   . HOH C 3 .   ? -14.239 -7.157  14.738  1.00 49.26 ? 629 HOH A O   1 
HETATM 1102 O  O   . HOH C 3 .   ? 11.960  -2.730  -13.503 1.00 40.22 ? 630 HOH A O   1 
HETATM 1103 O  O   . HOH C 3 .   ? -6.857  -7.128  16.426  1.00 34.03 ? 631 HOH A O   1 
HETATM 1104 O  O   . HOH C 3 .   ? 10.149  -3.346  -11.881 1.00 36.34 ? 632 HOH A O   1 
HETATM 1105 O  O   . HOH C 3 .   ? -2.572  11.307  9.543   1.00 56.60 ? 633 HOH A O   1 
HETATM 1106 O  O   . HOH C 3 .   ? 21.816  5.320   -13.250 1.00 46.82 ? 634 HOH A O   1 
HETATM 1107 O  O   . HOH C 3 .   ? 2.321   13.388  0.281   1.00 34.20 ? 635 HOH A O   1 
HETATM 1108 O  O   . HOH C 3 .   ? 1.413   -2.356  6.586   1.00 41.05 ? 636 HOH A O   1 
HETATM 1109 O  O   . HOH C 3 .   ? -11.726 -13.803 -4.884  1.00 44.15 ? 637 HOH A O   1 
HETATM 1110 O  O   . HOH C 3 .   ? 7.174   -3.927  6.639   1.00 40.19 ? 638 HOH A O   1 
HETATM 1111 O  O   . HOH C 3 .   ? 9.193   -7.204  -12.226 1.00 44.72 ? 639 HOH A O   1 
HETATM 1112 O  O   . HOH C 3 .   ? -10.245 -4.880  -8.042  1.00 46.33 ? 640 HOH A O   1 
HETATM 1113 O  O   . HOH C 3 .   ? 9.697   11.740  -14.175 1.00 41.68 ? 641 HOH A O   1 
HETATM 1114 O  O   . HOH C 3 .   ? -9.355  -12.851 18.981  1.00 42.46 ? 642 HOH A O   1 
HETATM 1115 O  O   . HOH C 3 .   ? -4.634  -11.640 20.520  1.00 47.38 ? 643 HOH A O   1 
HETATM 1116 O  O   . HOH C 3 .   ? 15.051  11.120  -12.268 1.00 47.26 ? 644 HOH A O   1 
HETATM 1117 O  O   . HOH C 3 .   ? -17.485 6.679   6.701   1.00 39.26 ? 645 HOH A O   1 
HETATM 1118 O  O   . HOH C 3 .   ? 5.441   11.197  5.399   1.00 52.57 ? 646 HOH A O   1 
HETATM 1119 O  O   . HOH C 3 .   ? 16.805  -0.827  9.179   1.00 39.01 ? 647 HOH A O   1 
HETATM 1120 O  O   . HOH C 3 .   ? 7.516   15.640  -11.819 1.00 41.52 ? 648 HOH A O   1 
HETATM 1121 O  O   . HOH C 3 .   ? 11.651  11.677  5.971   1.00 30.13 ? 649 HOH A O   1 
HETATM 1122 O  O   . HOH C 3 .   ? 7.484   -11.244 -11.753 1.00 44.93 ? 650 HOH A O   1 
HETATM 1123 O  O   . HOH C 3 .   ? -10.851 -9.639  -6.494  1.00 43.97 ? 651 HOH A O   1 
HETATM 1124 O  O   . HOH C 3 .   ? 9.430   10.861  5.258   1.00 48.40 ? 652 HOH A O   1 
HETATM 1125 O  O   . HOH C 3 .   ? 12.535  4.711   -14.641 1.00 36.42 ? 653 HOH A O   1 
HETATM 1126 O  O   . HOH C 3 .   ? 7.233   1.652   -16.219 1.00 56.83 ? 654 HOH A O   1 
HETATM 1127 O  O   . HOH C 3 .   ? -1.439  -8.189  18.613  1.00 35.82 ? 655 HOH A O   1 
HETATM 1128 O  O   . HOH C 3 .   ? -10.332 -16.020 -4.504  1.00 35.35 ? 656 HOH A O   1 
HETATM 1129 O  O   . HOH C 3 .   ? 4.524   8.526   6.313   1.00 52.42 ? 657 HOH A O   1 
HETATM 1130 O  O   . HOH C 3 .   ? -16.915 -12.712 -2.092  1.00 43.68 ? 658 HOH A O   1 
HETATM 1131 O  O   . HOH C 3 .   ? -15.570 0.828   -2.326  1.00 39.02 ? 659 HOH A O   1 
HETATM 1132 O  O   . HOH C 3 .   ? -14.772 13.229  1.613   1.00 58.60 ? 660 HOH A O   1 
HETATM 1133 O  O   . HOH C 3 .   ? -13.971 -8.253  -2.221  1.00 37.25 ? 661 HOH A O   1 
HETATM 1134 O  O   . HOH C 3 .   ? -16.480 -14.319 6.776   1.00 39.56 ? 662 HOH A O   1 
HETATM 1135 O  O   . HOH C 3 .   ? -12.287 6.665   -7.631  1.00 47.35 ? 663 HOH A O   1 
HETATM 1136 O  O   . HOH C 3 .   ? -2.610  11.873  5.189   1.00 39.39 ? 664 HOH A O   1 
HETATM 1137 O  O   . HOH C 3 .   ? 13.750  0.981   10.614  1.00 47.27 ? 665 HOH A O   1 
HETATM 1138 O  O   . HOH C 3 .   ? -12.233 10.781  1.858   1.00 44.15 ? 666 HOH A O   1 
HETATM 1139 O  O   . HOH C 3 .   ? -7.291  0.581   13.541  1.00 48.97 ? 667 HOH A O   1 
HETATM 1140 O  O   . HOH C 3 .   ? 9.661   2.141   -15.507 1.00 57.62 ? 668 HOH A O   1 
HETATM 1141 O  O   . HOH C 3 .   ? -9.275  10.456  0.966   1.00 37.33 ? 669 HOH A O   1 
HETATM 1142 O  O   . HOH C 3 .   ? -18.444 -2.868  10.552  1.00 43.82 ? 670 HOH A O   1 
HETATM 1143 O  O   . HOH C 3 .   ? 0.950   -8.545  -9.955  1.00 54.08 ? 671 HOH A O   1 
HETATM 1144 O  O   . HOH C 3 .   ? 9.531   14.185  -3.939  1.00 35.96 ? 672 HOH A O   1 
HETATM 1145 O  O   . HOH C 3 .   ? 3.698   -9.298  -4.456  1.00 35.41 ? 673 HOH A O   1 
HETATM 1146 O  O   . HOH C 3 .   ? 10.915  -9.711  -14.692 1.00 44.89 ? 674 HOH A O   1 
HETATM 1147 O  O   . HOH C 3 .   ? -10.470 7.550   7.094   1.00 38.74 ? 675 HOH A O   1 
HETATM 1148 O  O   . HOH C 3 .   ? -18.106 -8.722  11.014  1.00 42.16 ? 676 HOH A O   1 
HETATM 1149 O  O   . HOH C 3 .   ? -19.509 2.674   7.690   1.00 42.83 ? 677 HOH A O   1 
HETATM 1150 O  O   . HOH C 3 .   ? 6.520   -0.153  11.456  1.00 39.77 ? 678 HOH A O   1 
HETATM 1151 O  O   . HOH C 3 .   ? 19.940  0.875   -14.260 1.00 40.27 ? 679 HOH A O   1 
HETATM 1152 O  O   . HOH C 3 .   ? 12.161  16.313  -9.666  1.00 56.07 ? 680 HOH A O   1 
HETATM 1153 O  O   . HOH C 3 .   ? 15.412  13.851  -7.158  1.00 45.26 ? 681 HOH A O   1 
HETATM 1154 O  O   . HOH C 3 .   ? 0.503   0.931   5.508   1.00 55.84 ? 682 HOH A O   1 
HETATM 1155 O  O   . HOH C 3 .   ? -8.280  9.652   -6.599  1.00 46.34 ? 683 HOH A O   1 
HETATM 1156 O  O   . HOH C 3 .   ? 21.929  -6.087  -6.422  1.00 46.23 ? 684 HOH A O   1 
HETATM 1157 O  O   . HOH C 3 .   ? 8.427   13.204  6.462   1.00 29.25 ? 685 HOH A O   1 
HETATM 1158 O  O   . HOH C 3 .   ? -12.193 -8.105  13.740  1.00 37.71 ? 686 HOH A O   1 
HETATM 1159 O  O   . HOH C 3 .   ? -10.906 -3.056  -14.037 1.00 43.47 ? 687 HOH A O   1 
HETATM 1160 O  O   . HOH C 3 .   ? -10.740 -11.585 -4.396  1.00 26.95 ? 688 HOH A O   1 
HETATM 1161 O  O   . HOH C 3 .   ? 9.702   10.318  1.430   1.00 36.08 ? 689 HOH A O   1 
HETATM 1162 O  O   . HOH C 3 .   ? 4.185   13.451  1.827   1.00 57.28 ? 690 HOH A O   1 
HETATM 1163 O  O   . HOH C 3 .   ? 10.970  12.659  -2.397  1.00 51.77 ? 691 HOH A O   1 
HETATM 1164 O  O   . HOH C 3 .   ? -10.312 9.927   -5.003  1.00 39.89 ? 692 HOH A O   1 
HETATM 1165 O  O   . HOH C 3 .   ? -18.974 3.817   9.808   1.00 47.04 ? 693 HOH A O   1 
HETATM 1166 O  O   . HOH C 3 .   ? 6.136   -6.522  3.518   1.00 48.88 ? 694 HOH A O   1 
HETATM 1167 O  O   . HOH C 3 .   ? -18.389 -5.045  -0.378  1.00 53.70 ? 695 HOH A O   1 
HETATM 1168 O  O   . HOH C 3 .   ? 9.435   -5.858  7.548   1.00 48.49 ? 696 HOH A O   1 
HETATM 1169 O  O   . HOH C 3 .   ? -16.429 -17.592 6.729   1.00 55.13 ? 697 HOH A O   1 
HETATM 1170 O  O   . HOH C 3 .   ? 8.243   -4.876  -11.928 1.00 52.54 ? 698 HOH A O   1 
HETATM 1171 O  O   . HOH C 3 .   ? 17.749  5.313   -0.394  1.00 53.17 ? 699 HOH A O   1 
HETATM 1172 O  O   . HOH C 3 .   ? -19.057 -13.690 7.838   1.00 46.25 ? 700 HOH A O   1 
HETATM 1173 O  O   . HOH C 3 .   ? -13.604 -20.356 1.050   1.00 39.61 ? 701 HOH A O   1 
HETATM 1174 O  O   . HOH C 3 .   ? 5.227   -7.948  13.715  1.00 48.87 ? 702 HOH A O   1 
HETATM 1175 O  O   . HOH C 3 .   ? -22.856 -3.550  1.375   1.00 46.10 ? 703 HOH A O   1 
HETATM 1176 O  O   . HOH C 3 .   ? -5.891  12.997  -9.169  1.00 49.90 ? 704 HOH A O   1 
HETATM 1177 O  O   . HOH C 3 .   ? 3.429   -9.709  -10.954 1.00 49.39 ? 705 HOH A O   1 
HETATM 1178 O  O   . HOH C 3 .   ? 21.357  -2.923  -14.249 1.00 43.90 ? 706 HOH A O   1 
HETATM 1179 O  O   . HOH C 3 .   ? 4.480   -4.528  -9.234  1.00 14.57 ? 707 HOH A O   1 
HETATM 1180 O  O   . HOH C 3 .   ? 20.861  4.654   11.124  1.00 25.33 ? 708 HOH A O   1 
HETATM 1181 O  O   . HOH C 3 .   ? 1.261   10.183  9.736   1.00 28.41 ? 709 HOH A O   1 
HETATM 1182 O  O   . HOH C 3 .   ? 16.169  1.894   13.279  1.00 49.33 ? 710 HOH A O   1 
HETATM 1183 O  O   . HOH C 3 .   ? -7.577  12.396  1.428   1.00 52.36 ? 711 HOH A O   1 
HETATM 1184 O  O   . HOH C 3 .   ? -10.120 10.200  3.911   1.00 46.44 ? 712 HOH A O   1 
HETATM 1185 O  O   . HOH C 3 .   ? 17.981  2.339   10.128  1.00 43.23 ? 713 HOH A O   1 
HETATM 1186 O  O   . HOH C 3 .   ? -1.080  -1.938  9.943   1.00 59.62 ? 714 HOH A O   1 
HETATM 1187 O  O   . HOH C 3 .   ? 18.658  2.464   12.838  1.00 42.28 ? 715 HOH A O   1 
HETATM 1188 O  O   . HOH C 3 .   ? 11.424  -0.738  15.420  1.00 51.15 ? 716 HOH A O   1 
HETATM 1189 O  O   . HOH C 3 .   ? 15.577  -0.093  15.599  1.00 56.34 ? 717 HOH A O   1 
HETATM 1190 O  O   . HOH C 3 .   ? -13.821 -7.075  18.056  1.00 58.52 ? 718 HOH A O   1 
HETATM 1191 O  O   . HOH C 3 .   ? -18.960 -5.609  11.408  1.00 44.68 ? 719 HOH A O   1 
HETATM 1192 O  O   . HOH C 3 .   ? -20.627 -2.195  12.067  1.00 55.13 ? 720 HOH A O   1 
HETATM 1193 O  O   . HOH C 3 .   ? 21.084  5.885   -7.167  1.00 51.00 ? 721 HOH A O   1 
HETATM 1194 O  O   . HOH C 3 .   ? 20.666  1.183   9.219   1.00 57.46 ? 722 HOH A O   1 
HETATM 1195 O  O   . HOH C 3 .   ? 14.629  3.751   -14.758 1.00 57.24 ? 723 HOH A O   1 
HETATM 1196 O  O   . HOH C 3 .   ? -12.148 -0.972  -15.183 1.00 56.47 ? 724 HOH A O   1 
HETATM 1197 O  O   . HOH C 3 .   ? -5.721  10.651  7.348   1.00 49.52 ? 725 HOH A O   1 
HETATM 1198 O  O   . HOH C 3 .   ? 1.161   -3.679  18.034  1.00 52.86 ? 726 HOH A O   1 
HETATM 1199 O  O   . HOH C 3 .   ? -11.448 -13.687 17.627  1.00 52.71 ? 727 HOH A O   1 
HETATM 1200 O  O   . HOH C 3 .   ? 1.921   -5.361  14.535  1.00 56.31 ? 728 HOH A O   1 
HETATM 1201 O  O   . HOH C 3 .   ? -0.329  4.443   10.933  1.00 51.47 ? 729 HOH A O   1 
HETATM 1202 O  O   . HOH C 3 .   ? -0.481  0.410   11.918  1.00 44.79 ? 730 HOH A O   1 
HETATM 1203 O  O   . HOH C 3 .   ? 8.722   -1.622  13.977  1.00 56.38 ? 731 HOH A O   1 
HETATM 1204 O  O   . HOH C 3 .   ? 14.277  12.681  -1.559  1.00 54.61 ? 732 HOH A O   1 
HETATM 1205 O  O   . HOH C 3 .   ? -19.320 -8.688  2.115   1.00 45.45 ? 733 HOH A O   1 
HETATM 1206 O  O   . HOH C 3 .   ? -23.212 6.498   -3.130  1.00 48.62 ? 734 HOH A O   1 
HETATM 1207 O  O   . HOH C 3 .   ? 13.113  9.450   2.439   0.50 46.65 ? 735 HOH A O   1 
HETATM 1208 O  O   . HOH C 3 .   ? 14.809  13.911  -4.467  1.00 44.50 ? 736 HOH A O   1 
HETATM 1209 O  O   . HOH C 3 .   ? 2.956   19.725  -5.175  1.00 58.31 ? 737 HOH A O   1 
HETATM 1210 O  O   . HOH C 3 .   ? 2.739   14.409  -11.719 1.00 49.73 ? 738 HOH A O   1 
HETATM 1211 O  O   . HOH C 3 .   ? 21.700  -4.541  -4.346  1.00 51.99 ? 739 HOH A O   1 
HETATM 1212 O  O   . HOH C 3 .   ? -15.020 5.403   7.797   1.00 53.76 ? 740 HOH A O   1 
HETATM 1213 O  O   . HOH C 3 .   ? -18.687 3.589   12.275  1.00 48.07 ? 741 HOH A O   1 
HETATM 1214 O  O   . HOH C 3 .   ? -7.035  8.796   10.749  1.00 50.75 ? 742 HOH A O   1 
HETATM 1215 O  O   . HOH C 3 .   ? 3.693   12.353  4.020   1.00 39.92 ? 743 HOH A O   1 
HETATM 1216 O  O   . HOH C 3 .   ? 12.879  9.131   4.736   1.00 53.08 ? 744 HOH A O   1 
HETATM 1217 O  O   . HOH C 3 .   ? -21.192 -10.006 3.717   1.00 48.61 ? 745 HOH A O   1 
HETATM 1218 O  O   . HOH C 3 .   ? -7.167  -15.922 21.094  1.00 59.51 ? 746 HOH A O   1 
HETATM 1219 O  O   . HOH C 3 .   ? 4.054   -12.932 -10.487 1.00 48.65 ? 747 HOH A O   1 
HETATM 1220 O  O   . HOH C 3 .   ? 1.290   19.016  -3.412  1.00 54.95 ? 748 HOH A O   1 
HETATM 1221 O  O   . HOH C 3 .   ? -15.980 8.733   -9.543  1.00 56.48 ? 749 HOH A O   1 
HETATM 1222 O  O   . HOH C 3 .   ? -9.802  0.019   14.470  1.00 55.76 ? 750 HOH A O   1 
HETATM 1223 O  O   . HOH C 3 .   ? -13.045 5.931   9.347   1.00 55.06 ? 751 HOH A O   1 
HETATM 1224 O  O   . HOH C 3 .   ? 1.682   -13.459 -9.145  1.00 44.44 ? 752 HOH A O   1 
HETATM 1225 O  O   . HOH C 3 .   ? -3.363  6.380   15.525  1.00 53.22 ? 753 HOH A O   1 
HETATM 1226 O  O   . HOH C 3 .   ? -0.097  -4.163  13.560  1.00 58.17 ? 754 HOH A O   1 
HETATM 1227 O  O   . HOH C 3 .   ? 9.654   8.325   -17.440 1.00 49.83 ? 755 HOH A O   1 
HETATM 1228 O  O   . HOH C 3 .   ? -18.390 -3.028  13.860  1.00 43.13 ? 756 HOH A O   1 
HETATM 1229 O  O   . HOH C 3 .   ? -5.245  14.857  -12.689 1.00 55.74 ? 757 HOH A O   1 
HETATM 1230 O  O   . HOH C 3 .   ? -6.644  17.630  -7.547  1.00 48.01 ? 758 HOH A O   1 
HETATM 1231 O  O   . HOH C 3 .   ? 3.997   -9.192  15.570  1.00 57.11 ? 759 HOH A O   1 
HETATM 1232 O  O   . HOH C 3 .   ? -9.241  17.039  -7.109  1.00 57.15 ? 760 HOH A O   1 
HETATM 1233 O  O   . HOH C 3 .   ? 8.323   12.312  -16.500 1.00 56.33 ? 761 HOH A O   1 
HETATM 1234 O  O   . HOH C 3 .   ? 11.896  7.254   -14.509 1.00 54.42 ? 762 HOH A O   1 
HETATM 1235 O  O   . HOH C 3 .   ? 6.625   -6.840  -12.300 1.00 54.28 ? 763 HOH A O   1 
HETATM 1236 O  O   . HOH C 3 .   ? -3.233  9.953   7.481   1.00 47.91 ? 764 HOH A O   1 
HETATM 1237 O  O   . HOH C 3 .   ? -15.361 -0.294  13.224  1.00 63.57 ? 765 HOH A O   1 
HETATM 1238 O  O   . HOH C 3 .   ? 17.981  -1.000  16.569  1.00 56.32 ? 766 HOH A O   1 
HETATM 1239 O  O   . HOH C 3 .   ? 3.506   21.198  -7.488  1.00 58.13 ? 767 HOH A O   1 
HETATM 1240 O  O   . HOH C 3 .   ? -12.573 -1.835  -6.229  1.00 53.62 ? 768 HOH A O   1 
HETATM 1241 O  O   . HOH C 3 .   ? 0.339   2.919   8.677   1.00 52.19 ? 769 HOH A O   1 
HETATM 1242 O  O   . HOH C 3 .   ? 6.876   10.005  2.955   1.00 62.93 ? 770 HOH A O   1 
HETATM 1243 O  O   . HOH C 3 .   ? -10.070 5.519   -9.250  1.00 53.25 ? 771 HOH A O   1 
HETATM 1244 O  O   . HOH C 3 .   ? -10.797 13.333  -4.948  1.00 59.52 ? 772 HOH A O   1 
HETATM 1245 O  O   . HOH C 3 .   ? -9.675  -4.886  15.590  1.00 58.87 ? 773 HOH A O   1 
HETATM 1246 O  O   . HOH C 3 .   ? 22.283  -4.525  -10.416 1.00 58.28 ? 774 HOH A O   1 
HETATM 1247 O  O   . HOH C 3 .   ? 18.303  8.148   0.372   0.50 61.50 ? 775 HOH A O   1 
HETATM 1248 O  O   . HOH C 3 .   ? 13.172  0.592   16.973  1.00 52.56 ? 776 HOH A O   1 
HETATM 1249 O  O   . HOH C 3 .   ? -17.704 -7.504  -0.278  1.00 57.20 ? 777 HOH A O   1 
HETATM 1250 O  O   . HOH C 3 .   ? 5.990   -8.528  5.447   1.00 59.83 ? 778 HOH A O   1 
HETATM 1251 O  O   . HOH C 3 .   ? -0.311  14.187  1.887   1.00 57.93 ? 779 HOH A O   1 
HETATM 1252 O  O   . HOH C 3 .   ? -7.908  18.285  -4.969  1.00 62.42 ? 780 HOH A O   1 
HETATM 1253 O  O   . HOH C 3 .   ? -3.170  -1.068  13.509  1.00 56.04 ? 781 HOH A O   1 
HETATM 1254 O  O   . HOH C 3 .   ? -18.527 1.020   -5.010  1.00 51.27 ? 782 HOH A O   1 
HETATM 1255 O  O   . HOH C 3 .   ? -7.906  2.831   12.156  1.00 63.33 ? 783 HOH A O   1 
HETATM 1256 O  O   . HOH C 3 .   ? 19.278  3.300   -4.014  1.00 61.28 ? 784 HOH A O   1 
HETATM 1257 O  O   . HOH C 3 .   ? -3.304  3.686   13.478  1.00 48.76 ? 785 HOH A O   1 
HETATM 1258 O  O   . HOH C 3 .   ? 5.239   13.419  -10.841 1.00 60.83 ? 786 HOH A O   1 
HETATM 1259 O  O   . HOH C 3 .   ? 4.653   -9.501  -2.054  1.00 62.82 ? 787 HOH A O   1 
HETATM 1260 O  O   . HOH C 3 .   ? 16.878  5.048   12.488  1.00 57.33 ? 788 HOH A O   1 
HETATM 1261 O  O   . HOH C 3 .   ? 24.769  -2.453  -4.090  1.00 48.40 ? 789 HOH A O   1 
HETATM 1262 O  O   . HOH C 3 .   ? 19.188  11.188  -6.057  1.00 55.34 ? 790 HOH A O   1 
HETATM 1263 O  O   . HOH C 3 .   ? -2.362  20.374  -2.564  1.00 52.07 ? 791 HOH A O   1 
HETATM 1264 O  O   . HOH C 3 .   ? -4.677  9.446   12.020  1.00 63.69 ? 792 HOH A O   1 
HETATM 1265 O  O   . HOH C 3 .   ? -11.992 -1.949  -11.971 1.00 52.57 ? 793 HOH A O   1 
HETATM 1266 O  O   . HOH C 3 .   ? 18.134  10.907  -9.379  1.00 65.38 ? 794 HOH A O   1 
HETATM 1267 O  O   . HOH C 3 .   ? -17.978 11.454  1.441   1.00 59.06 ? 795 HOH A O   1 
HETATM 1268 O  O   . HOH C 3 .   ? 20.945  9.600   -7.913  1.00 51.95 ? 796 HOH A O   1 
HETATM 1269 O  O   . HOH C 3 .   ? -6.447  -0.732  17.031  1.00 60.74 ? 797 HOH A O   1 
HETATM 1270 O  O   . HOH C 3 .   ? 3.516   0.176   9.637   1.00 62.55 ? 798 HOH A O   1 
HETATM 1271 O  O   . HOH C 3 .   ? 1.888   -1.520  15.265  1.00 64.56 ? 799 HOH A O   1 
# 
